data_9QM6
#
_entry.id   9QM6
#
_cell.length_a   86.426
_cell.length_b   86.426
_cell.length_c   862.41
_cell.angle_alpha   90
_cell.angle_beta   90
_cell.angle_gamma   120
#
_symmetry.space_group_name_H-M   'P 61 2 2'
#
loop_
_entity.id
_entity.type
_entity.pdbx_description
1 polymer 'L-methionine gamma-lyase'
2 non-polymer NORLEUCINE
3 non-polymer 1,2-ETHANEDIOL
4 water water
#
_entity_poly.entity_id   1
_entity_poly.type   'polypeptide(L)'
_entity_poly.pdbx_seq_one_letter_code
;MGSSHHHHHHSSGLVPRGSHMDREFAKNMGFSTKAIHAGNHKNEFGTLATPIYQTATFVFDSAQQGGNRFAGKEEGYIYT
RLGNPTVTVLEEKIAILEGGEACVATSSGMGAISSALWTALKAGDHVVAADTLYGCTFAYLSHGLTRYGVEVTFVDASNP
ENIKEAMRPNTKAIYIETPANPNLKLIDIKKVAEIAHSKEDCILIVDNTFCTPYIQRPIELGADVVVHSAT(LLP)FLNG
HGDVIAGFVVGRKSFIDQVRLYGIKDMTGACLSPFDAYLILRGLKTLEIRMERHCSNAMKVAKFLEEHKAVKKVYYPGLE
SFEQYELAKEQMKLPGAIIAFELNGGVEEGIKVLNSCKVCTLAVSLGDAETLIQHPASMTHSPYTREERLKAGISDGLIR
LAVGLENAEDIIADLKQALDAII
;
_entity_poly.pdbx_strand_id   A,B,C,D
#
loop_
_chem_comp.id
_chem_comp.type
_chem_comp.name
_chem_comp.formula
EDO non-polymer 1,2-ETHANEDIOL 'C2 H6 O2'
#
# COMPACT_ATOMS: atom_id res chain seq x y z
N HIS A 20 50.31 -4.09 -2.99
CA HIS A 20 50.65 -4.42 -4.37
C HIS A 20 50.06 -3.38 -5.35
N MET A 21 48.72 -3.18 -5.32
CA MET A 21 48.05 -2.23 -6.21
C MET A 21 47.65 -0.97 -5.45
N ASP A 22 48.31 0.16 -5.77
CA ASP A 22 48.05 1.44 -5.13
C ASP A 22 46.67 1.98 -5.53
N ARG A 23 46.06 2.80 -4.64
CA ARG A 23 44.75 3.44 -4.85
C ARG A 23 44.71 4.26 -6.16
N GLU A 24 45.85 4.87 -6.54
CA GLU A 24 45.95 5.69 -7.76
C GLU A 24 45.85 4.80 -9.01
N PHE A 25 46.52 3.64 -9.00
CA PHE A 25 46.46 2.68 -10.13
C PHE A 25 45.06 2.06 -10.21
N ALA A 26 44.44 1.77 -9.05
CA ALA A 26 43.10 1.19 -8.98
C ALA A 26 41.99 2.13 -9.49
N LYS A 27 42.23 3.46 -9.52
CA LYS A 27 41.23 4.45 -9.99
C LYS A 27 40.63 4.09 -11.36
N ASN A 28 41.48 3.78 -12.35
CA ASN A 28 41.03 3.46 -13.70
C ASN A 28 40.56 2.01 -13.88
N MET A 29 40.83 1.12 -12.90
CA MET A 29 40.44 -0.28 -12.98
C MET A 29 38.94 -0.45 -12.71
N GLY A 30 38.36 -1.54 -13.21
CA GLY A 30 36.96 -1.87 -13.02
C GLY A 30 36.64 -2.35 -11.63
N PHE A 31 35.36 -2.63 -11.33
CA PHE A 31 34.96 -3.05 -10.00
C PHE A 31 35.51 -4.44 -9.65
N SER A 32 35.28 -5.45 -10.52
CA SER A 32 35.76 -6.81 -10.30
C SER A 32 37.27 -6.87 -10.09
N THR A 33 38.03 -6.10 -10.89
CA THR A 33 39.50 -6.03 -10.78
C THR A 33 39.91 -5.47 -9.41
N LYS A 34 39.22 -4.42 -8.94
CA LYS A 34 39.49 -3.81 -7.63
C LYS A 34 39.14 -4.76 -6.49
N ALA A 35 37.98 -5.42 -6.57
CA ALA A 35 37.55 -6.37 -5.56
C ALA A 35 38.51 -7.57 -5.41
N ILE A 36 39.37 -7.83 -6.42
CA ILE A 36 40.32 -8.93 -6.41
C ILE A 36 41.73 -8.44 -6.02
N HIS A 37 42.22 -7.35 -6.65
CA HIS A 37 43.59 -6.86 -6.46
C HIS A 37 43.78 -5.64 -5.54
N ALA A 38 42.80 -4.73 -5.42
CA ALA A 38 42.98 -3.52 -4.58
C ALA A 38 43.06 -3.87 -3.10
N GLY A 39 43.95 -3.18 -2.39
CA GLY A 39 44.15 -3.39 -0.96
C GLY A 39 45.07 -4.56 -0.60
N ASN A 40 45.27 -5.51 -1.53
CA ASN A 40 46.13 -6.68 -1.28
C ASN A 40 47.58 -6.28 -1.09
N HIS A 41 48.27 -6.97 -0.16
CA HIS A 41 49.67 -6.67 0.18
C HIS A 41 50.61 -7.80 -0.28
N LYS A 42 51.70 -7.45 -0.98
CA LYS A 42 52.71 -8.41 -1.41
C LYS A 42 53.56 -8.75 -0.17
N ASN A 43 53.40 -9.96 0.38
CA ASN A 43 54.14 -10.42 1.57
C ASN A 43 55.49 -11.06 1.21
N GLU A 44 56.37 -11.27 2.21
CA GLU A 44 57.71 -11.86 2.02
C GLU A 44 57.72 -13.20 1.26
N PHE A 45 56.70 -14.05 1.46
CA PHE A 45 56.61 -15.34 0.76
C PHE A 45 55.87 -15.23 -0.59
N GLY A 46 55.12 -14.16 -0.81
CA GLY A 46 54.40 -13.94 -2.05
C GLY A 46 53.19 -14.84 -2.20
N THR A 47 52.44 -15.05 -1.10
CA THR A 47 51.24 -15.88 -1.17
C THR A 47 50.19 -15.13 -1.98
N LEU A 48 49.54 -15.83 -2.93
CA LEU A 48 48.51 -15.20 -3.75
C LEU A 48 47.31 -14.83 -2.85
N ALA A 49 46.87 -15.79 -2.02
CA ALA A 49 45.79 -15.54 -1.07
C ALA A 49 46.34 -14.74 0.11
N THR A 50 45.52 -13.86 0.69
CA THR A 50 45.94 -13.07 1.85
C THR A 50 46.13 -14.02 3.04
N PRO A 51 47.28 -14.07 3.74
CA PRO A 51 47.39 -15.02 4.88
C PRO A 51 46.40 -14.72 5.99
N ILE A 52 45.99 -15.76 6.74
CA ILE A 52 45.09 -15.57 7.87
C ILE A 52 46.00 -15.40 9.08
N TYR A 53 46.32 -14.16 9.41
CA TYR A 53 47.13 -13.82 10.57
C TYR A 53 46.29 -14.01 11.84
N GLN A 54 45.97 -15.27 12.17
CA GLN A 54 45.17 -15.62 13.34
C GLN A 54 46.07 -15.54 14.57
N THR A 55 46.23 -14.32 15.09
CA THR A 55 47.05 -14.01 16.26
C THR A 55 46.29 -13.04 17.18
N ALA A 56 46.70 -12.96 18.44
CA ALA A 56 46.10 -12.04 19.41
C ALA A 56 47.03 -10.86 19.64
N THR A 57 48.34 -11.10 19.76
CA THR A 57 49.34 -10.06 19.99
C THR A 57 50.49 -10.13 18.97
N PHE A 58 51.26 -9.03 18.88
CA PHE A 58 52.38 -8.91 17.95
C PHE A 58 53.65 -8.57 18.74
N VAL A 59 54.80 -9.06 18.24
CA VAL A 59 56.11 -8.95 18.87
C VAL A 59 56.85 -7.72 18.36
N PHE A 60 57.46 -6.97 19.28
CA PHE A 60 58.24 -5.78 18.93
C PHE A 60 59.73 -6.16 18.86
N ASP A 61 60.45 -5.59 17.89
CA ASP A 61 61.89 -5.85 17.73
C ASP A 61 62.70 -5.25 18.89
N SER A 62 62.20 -4.17 19.51
CA SER A 62 62.83 -3.51 20.65
C SER A 62 61.76 -2.84 21.53
N ALA A 63 62.13 -2.49 22.77
CA ALA A 63 61.21 -1.80 23.69
C ALA A 63 60.81 -0.43 23.13
N GLN A 64 61.74 0.24 22.41
CA GLN A 64 61.48 1.53 21.79
C GLN A 64 60.41 1.39 20.70
N GLN A 65 60.48 0.32 19.87
CA GLN A 65 59.50 0.08 18.81
C GLN A 65 58.08 -0.05 19.37
N GLY A 66 57.93 -0.73 20.48
CA GLY A 66 56.62 -0.88 21.14
C GLY A 66 56.07 0.47 21.57
N GLY A 67 56.92 1.26 22.21
CA GLY A 67 56.57 2.61 22.65
C GLY A 67 56.20 3.53 21.51
N ASN A 68 56.98 3.49 20.42
CA ASN A 68 56.73 4.32 19.24
C ASN A 68 55.39 3.96 18.60
N ARG A 69 55.05 2.66 18.55
CA ARG A 69 53.77 2.22 17.99
C ARG A 69 52.60 2.66 18.88
N PHE A 70 52.78 2.64 20.22
CA PHE A 70 51.73 3.10 21.14
C PHE A 70 51.55 4.62 21.05
N ALA A 71 52.62 5.38 20.76
CA ALA A 71 52.54 6.83 20.57
C ALA A 71 52.11 7.27 19.14
N GLY A 72 51.87 6.31 18.24
CA GLY A 72 51.47 6.60 16.87
C GLY A 72 52.57 7.18 16.00
N LYS A 73 53.83 7.09 16.45
CA LYS A 73 54.95 7.65 15.68
C LYS A 73 55.49 6.66 14.66
N GLU A 74 55.42 5.35 14.95
CA GLU A 74 55.93 4.30 14.05
C GLU A 74 54.79 3.38 13.62
N GLU A 75 54.74 3.04 12.32
CA GLU A 75 53.72 2.14 11.80
C GLU A 75 54.00 0.71 12.27
N GLY A 76 52.94 -0.08 12.41
CA GLY A 76 53.05 -1.46 12.86
C GLY A 76 51.87 -1.90 13.70
N TYR A 77 51.85 -3.17 14.08
CA TYR A 77 50.76 -3.76 14.87
C TYR A 77 51.13 -3.97 16.34
N ILE A 78 50.10 -3.97 17.20
CA ILE A 78 50.24 -4.13 18.65
C ILE A 78 49.34 -5.27 19.18
N TYR A 79 48.05 -5.24 18.84
CA TYR A 79 47.04 -6.18 19.32
C TYR A 79 45.91 -6.29 18.27
N THR A 80 45.32 -7.48 18.09
CA THR A 80 44.28 -7.70 17.07
C THR A 80 43.02 -6.85 17.30
N ARG A 81 42.62 -6.55 18.56
CA ARG A 81 41.46 -5.67 18.80
C ARG A 81 41.73 -4.27 18.22
N LEU A 82 42.99 -3.81 18.24
CA LEU A 82 43.38 -2.52 17.68
C LEU A 82 43.53 -2.62 16.15
N GLY A 83 44.16 -3.69 15.67
CA GLY A 83 44.35 -3.93 14.24
C GLY A 83 45.03 -5.25 13.95
N ASN A 84 44.83 -5.79 12.73
CA ASN A 84 45.41 -7.05 12.28
C ASN A 84 45.70 -6.98 10.76
N PRO A 85 46.80 -7.56 10.21
CA PRO A 85 47.04 -7.41 8.76
C PRO A 85 45.98 -8.00 7.83
N THR A 86 45.31 -9.10 8.20
CA THR A 86 44.24 -9.66 7.36
C THR A 86 43.09 -8.65 7.26
N VAL A 87 42.75 -8.01 8.40
CA VAL A 87 41.67 -7.05 8.49
C VAL A 87 42.03 -5.77 7.72
N THR A 88 43.30 -5.32 7.81
CA THR A 88 43.77 -4.11 7.10
C THR A 88 43.57 -4.22 5.58
N VAL A 89 43.89 -5.39 5.00
CA VAL A 89 43.73 -5.61 3.55
C VAL A 89 42.24 -5.48 3.18
N LEU A 90 41.36 -6.06 3.99
CA LEU A 90 39.90 -5.98 3.81
C LEU A 90 39.37 -4.55 3.98
N GLU A 91 39.88 -3.81 4.98
CA GLU A 91 39.46 -2.44 5.24
C GLU A 91 39.86 -1.53 4.07
N GLU A 92 41.10 -1.65 3.58
CA GLU A 92 41.57 -0.86 2.44
C GLU A 92 40.77 -1.19 1.19
N LYS A 93 40.47 -2.48 0.97
CA LYS A 93 39.68 -2.93 -0.17
C LYS A 93 38.27 -2.33 -0.15
N ILE A 94 37.59 -2.35 1.00
CA ILE A 94 36.22 -1.81 1.12
C ILE A 94 36.23 -0.28 0.93
N ALA A 95 37.17 0.44 1.55
CA ALA A 95 37.26 1.89 1.41
C ALA A 95 37.51 2.31 -0.04
N ILE A 96 38.32 1.54 -0.79
CA ILE A 96 38.60 1.83 -2.22
C ILE A 96 37.31 1.67 -3.04
N LEU A 97 36.54 0.61 -2.80
CA LEU A 97 35.30 0.36 -3.55
C LEU A 97 34.23 1.42 -3.22
N GLU A 98 34.05 1.76 -1.94
CA GLU A 98 33.09 2.78 -1.53
C GLU A 98 33.51 4.23 -1.87
N GLY A 99 34.79 4.45 -2.14
CA GLY A 99 35.30 5.78 -2.44
C GLY A 99 35.50 6.62 -1.17
N GLY A 100 35.81 5.96 -0.06
CA GLY A 100 36.06 6.60 1.23
C GLY A 100 37.53 6.62 1.57
N GLU A 101 37.92 7.49 2.50
CA GLU A 101 39.33 7.61 2.90
C GLU A 101 39.80 6.39 3.69
N ALA A 102 38.96 5.93 4.64
CA ALA A 102 39.33 4.82 5.52
C ALA A 102 38.11 3.95 5.91
N CYS A 103 38.38 2.71 6.37
CA CYS A 103 37.36 1.77 6.81
C CYS A 103 37.86 1.02 8.06
N VAL A 104 36.93 0.53 8.87
CA VAL A 104 37.26 -0.26 10.06
C VAL A 104 36.22 -1.37 10.19
N ALA A 105 36.68 -2.64 10.25
CA ALA A 105 35.79 -3.78 10.32
C ALA A 105 35.37 -4.10 11.75
N THR A 106 34.16 -4.69 11.89
CA THR A 106 33.57 -5.08 13.18
C THR A 106 33.08 -6.53 13.11
N SER A 107 32.83 -7.14 14.28
CA SER A 107 32.35 -8.51 14.38
C SER A 107 30.89 -8.71 13.97
N SER A 108 30.15 -7.63 13.62
CA SER A 108 28.75 -7.71 13.20
C SER A 108 28.28 -6.40 12.56
N GLY A 109 27.17 -6.44 11.83
CA GLY A 109 26.58 -5.25 11.24
C GLY A 109 26.14 -4.27 12.31
N MET A 110 25.57 -4.79 13.41
CA MET A 110 25.17 -3.97 14.56
C MET A 110 26.38 -3.38 15.29
N GLY A 111 27.51 -4.07 15.28
CA GLY A 111 28.76 -3.58 15.86
C GLY A 111 29.26 -2.36 15.13
N ALA A 112 29.10 -2.33 13.80
CA ALA A 112 29.49 -1.19 12.97
C ALA A 112 28.56 -0.01 13.23
N ILE A 113 27.25 -0.27 13.33
CA ILE A 113 26.25 0.78 13.57
C ILE A 113 26.47 1.40 14.96
N SER A 114 26.56 0.57 15.99
CA SER A 114 26.73 1.03 17.36
C SER A 114 28.06 1.73 17.58
N SER A 115 29.19 1.18 17.09
CA SER A 115 30.50 1.80 17.28
C SER A 115 30.56 3.20 16.67
N ALA A 116 29.98 3.40 15.49
CA ALA A 116 29.97 4.69 14.82
C ALA A 116 29.10 5.70 15.57
N LEU A 117 27.90 5.28 16.02
CA LEU A 117 27.00 6.17 16.74
C LEU A 117 27.48 6.47 18.17
N TRP A 118 28.08 5.49 18.87
CA TRP A 118 28.65 5.74 20.20
C TRP A 118 29.79 6.78 20.10
N THR A 119 30.60 6.70 19.03
CA THR A 119 31.72 7.62 18.83
C THR A 119 31.24 9.04 18.47
N ALA A 120 30.33 9.16 17.49
CA ALA A 120 29.85 10.45 17.02
C ALA A 120 28.91 11.17 17.99
N LEU A 121 28.28 10.46 18.94
CA LEU A 121 27.31 11.07 19.85
C LEU A 121 27.76 11.11 21.32
N LYS A 122 27.07 11.95 22.11
CA LYS A 122 27.26 12.12 23.55
C LYS A 122 25.90 12.49 24.19
N ALA A 123 25.79 12.49 25.54
CA ALA A 123 24.54 12.87 26.19
C ALA A 123 24.22 14.34 25.88
N GLY A 124 22.98 14.61 25.50
CA GLY A 124 22.54 15.94 25.11
C GLY A 124 22.36 16.12 23.62
N ASP A 125 22.91 15.20 22.80
CA ASP A 125 22.79 15.27 21.34
C ASP A 125 21.44 14.73 20.86
N HIS A 126 21.03 15.12 19.64
CA HIS A 126 19.79 14.68 19.01
C HIS A 126 20.10 14.00 17.67
N VAL A 127 19.29 13.00 17.29
CA VAL A 127 19.46 12.24 16.06
C VAL A 127 18.12 12.23 15.31
N VAL A 128 18.17 12.40 13.97
CA VAL A 128 16.99 12.33 13.11
C VAL A 128 17.16 11.03 12.33
N ALA A 129 16.41 9.99 12.70
CA ALA A 129 16.50 8.68 12.08
C ALA A 129 15.29 8.40 11.17
N ALA A 130 15.47 7.50 10.20
CA ALA A 130 14.39 7.11 9.29
C ALA A 130 13.36 6.25 10.03
N ASP A 131 12.08 6.36 9.65
CA ASP A 131 11.02 5.59 10.30
C ASP A 131 11.10 4.10 9.97
N THR A 132 11.49 3.74 8.73
CA THR A 132 11.63 2.35 8.31
C THR A 132 13.10 1.96 8.37
N LEU A 133 13.50 1.21 9.39
CA LEU A 133 14.88 0.75 9.58
C LEU A 133 14.90 -0.73 10.00
N TYR A 134 16.09 -1.35 10.01
CA TYR A 134 16.30 -2.72 10.44
C TYR A 134 15.87 -2.85 11.91
N GLY A 135 15.14 -3.91 12.24
CA GLY A 135 14.61 -4.16 13.59
C GLY A 135 15.52 -3.83 14.77
N CYS A 136 16.74 -4.36 14.76
CA CYS A 136 17.69 -4.13 15.86
C CYS A 136 18.25 -2.70 15.84
N THR A 137 18.35 -2.06 14.65
CA THR A 137 18.80 -0.67 14.56
C THR A 137 17.77 0.23 15.23
N PHE A 138 16.48 -0.03 14.98
CA PHE A 138 15.39 0.72 15.61
C PHE A 138 15.43 0.53 17.12
N ALA A 139 15.72 -0.69 17.60
CA ALA A 139 15.81 -0.98 19.03
C ALA A 139 16.99 -0.26 19.68
N TYR A 140 18.15 -0.21 19.00
CA TYR A 140 19.34 0.48 19.49
C TYR A 140 19.09 1.99 19.61
N LEU A 141 18.29 2.56 18.70
CA LEU A 141 18.00 3.99 18.73
C LEU A 141 16.87 4.34 19.71
N SER A 142 15.74 3.60 19.66
CA SER A 142 14.57 3.86 20.50
C SER A 142 14.76 3.44 21.96
N HIS A 143 15.38 2.29 22.22
CA HIS A 143 15.55 1.78 23.59
C HIS A 143 16.98 1.93 24.13
N GLY A 144 17.97 2.07 23.25
CA GLY A 144 19.36 2.20 23.66
C GLY A 144 19.82 3.62 23.89
N LEU A 145 19.94 4.39 22.80
CA LEU A 145 20.43 5.76 22.87
C LEU A 145 19.51 6.68 23.68
N THR A 146 18.19 6.43 23.69
CA THR A 146 17.27 7.24 24.51
C THR A 146 17.54 6.99 26.00
N ARG A 147 17.86 5.73 26.39
CA ARG A 147 18.23 5.38 27.77
C ARG A 147 19.50 6.10 28.26
N TYR A 148 20.33 6.64 27.33
CA TYR A 148 21.56 7.34 27.66
C TYR A 148 21.54 8.82 27.29
N GLY A 149 20.43 9.49 27.60
CA GLY A 149 20.25 10.92 27.37
C GLY A 149 20.48 11.41 25.96
N VAL A 150 19.99 10.68 24.95
CA VAL A 150 20.12 11.07 23.55
C VAL A 150 18.72 11.01 22.93
N GLU A 151 18.18 12.17 22.52
CA GLU A 151 16.85 12.25 21.93
C GLU A 151 16.90 11.82 20.47
N VAL A 152 15.94 11.00 20.00
CA VAL A 152 15.90 10.53 18.61
C VAL A 152 14.50 10.76 18.06
N THR A 153 14.40 11.40 16.88
CA THR A 153 13.13 11.68 16.21
C THR A 153 13.06 10.86 14.93
N PHE A 154 12.05 9.97 14.81
CA PHE A 154 11.86 9.11 13.64
C PHE A 154 10.88 9.77 12.67
N VAL A 155 11.25 9.87 11.38
CA VAL A 155 10.44 10.53 10.36
C VAL A 155 10.36 9.74 9.05
N ASP A 156 9.32 10.00 8.23
CA ASP A 156 9.19 9.35 6.91
C ASP A 156 10.23 10.01 6.01
N ALA A 157 11.40 9.36 5.88
CA ALA A 157 12.53 9.89 5.12
C ALA A 157 12.35 9.92 3.58
N SER A 158 11.26 9.34 3.02
CA SER A 158 11.04 9.39 1.58
C SER A 158 10.88 10.84 1.12
N ASN A 159 10.16 11.67 1.90
CA ASN A 159 10.00 13.09 1.65
C ASN A 159 11.11 13.79 2.48
N PRO A 160 12.20 14.33 1.89
CA PRO A 160 13.26 14.93 2.72
C PRO A 160 12.84 16.14 3.57
N GLU A 161 11.69 16.77 3.28
CA GLU A 161 11.22 17.90 4.06
C GLU A 161 10.95 17.54 5.52
N ASN A 162 10.55 16.28 5.79
CA ASN A 162 10.29 15.84 7.16
C ASN A 162 11.57 15.86 7.99
N ILE A 163 12.72 15.50 7.38
CA ILE A 163 14.02 15.50 8.06
C ILE A 163 14.39 16.93 8.46
N LYS A 164 14.26 17.88 7.52
CA LYS A 164 14.56 19.29 7.76
C LYS A 164 13.66 19.89 8.87
N GLU A 165 12.38 19.45 8.96
CA GLU A 165 11.47 19.91 10.01
C GLU A 165 11.91 19.37 11.38
N ALA A 166 12.31 18.09 11.44
CA ALA A 166 12.78 17.46 12.68
C ALA A 166 14.19 17.89 13.11
N MET A 167 14.90 18.72 12.31
CA MET A 167 16.23 19.19 12.67
C MET A 167 16.16 20.12 13.88
N ARG A 168 17.17 20.07 14.75
CA ARG A 168 17.26 20.86 15.97
C ARG A 168 18.70 21.43 16.12
N PRO A 169 18.95 22.48 16.94
CA PRO A 169 20.34 22.98 17.08
C PRO A 169 21.34 21.95 17.62
N ASN A 170 20.87 20.88 18.28
CA ASN A 170 21.72 19.82 18.83
C ASN A 170 21.70 18.52 17.99
N THR A 171 21.15 18.55 16.75
CA THR A 171 21.12 17.35 15.90
C THR A 171 22.51 17.13 15.32
N LYS A 172 23.28 16.22 15.91
CA LYS A 172 24.65 15.94 15.48
C LYS A 172 24.76 14.84 14.41
N ALA A 173 23.66 14.10 14.12
CA ALA A 173 23.69 13.03 13.12
C ALA A 173 22.31 12.73 12.54
N ILE A 174 22.28 12.20 11.31
CA ILE A 174 21.08 11.79 10.59
C ILE A 174 21.38 10.37 10.10
N TYR A 175 20.57 9.38 10.51
CA TYR A 175 20.78 7.98 10.11
C TYR A 175 19.70 7.56 9.11
N ILE A 176 20.12 7.07 7.93
CA ILE A 176 19.20 6.60 6.88
C ILE A 176 19.62 5.22 6.35
N GLU A 177 18.67 4.52 5.72
CA GLU A 177 18.85 3.18 5.15
C GLU A 177 18.05 3.15 3.84
N THR A 178 18.70 2.94 2.69
CA THR A 178 17.99 2.97 1.40
C THR A 178 18.51 1.89 0.42
N PRO A 179 17.67 0.93 -0.07
CA PRO A 179 16.26 0.67 0.27
C PRO A 179 16.06 0.21 1.73
N ALA A 180 14.81 0.18 2.21
CA ALA A 180 14.53 -0.22 3.59
C ALA A 180 13.21 -0.96 3.71
N ASN A 181 13.19 -2.01 4.54
CA ASN A 181 12.00 -2.80 4.79
C ASN A 181 10.92 -1.95 5.53
N PRO A 182 9.59 -2.23 5.41
CA PRO A 182 8.92 -3.36 4.73
C PRO A 182 8.77 -3.24 3.21
N ASN A 183 8.33 -2.09 2.69
CA ASN A 183 8.04 -1.93 1.26
C ASN A 183 9.23 -1.47 0.39
N LEU A 184 10.47 -1.62 0.86
CA LEU A 184 11.68 -1.23 0.11
C LEU A 184 11.66 0.22 -0.37
N LYS A 185 11.23 1.16 0.49
CA LYS A 185 11.21 2.58 0.11
C LYS A 185 12.63 3.15 0.07
N LEU A 186 12.85 4.11 -0.84
CA LEU A 186 14.13 4.75 -1.07
C LEU A 186 14.21 6.15 -0.44
N ILE A 187 15.44 6.67 -0.30
CA ILE A 187 15.71 8.00 0.26
C ILE A 187 16.78 8.64 -0.63
N ASP A 188 16.53 9.86 -1.13
CA ASP A 188 17.51 10.57 -1.97
C ASP A 188 18.68 11.00 -1.07
N ILE A 189 19.83 10.34 -1.22
CA ILE A 189 21.01 10.60 -0.40
C ILE A 189 21.55 12.01 -0.61
N LYS A 190 21.70 12.44 -1.87
CA LYS A 190 22.24 13.76 -2.20
C LYS A 190 21.41 14.90 -1.57
N LYS A 191 20.08 14.76 -1.50
CA LYS A 191 19.22 15.78 -0.89
C LYS A 191 19.35 15.79 0.63
N VAL A 192 19.44 14.60 1.27
CA VAL A 192 19.57 14.51 2.72
C VAL A 192 20.96 15.01 3.17
N ALA A 193 22.01 14.80 2.35
CA ALA A 193 23.34 15.31 2.66
C ALA A 193 23.35 16.85 2.67
N GLU A 194 22.58 17.48 1.76
CA GLU A 194 22.47 18.95 1.73
C GLU A 194 21.82 19.47 3.02
N ILE A 195 20.86 18.72 3.59
CA ILE A 195 20.18 19.07 4.82
C ILE A 195 21.15 18.90 6.00
N ALA A 196 21.87 17.75 6.04
CA ALA A 196 22.84 17.48 7.10
C ALA A 196 23.96 18.52 7.14
N HIS A 197 24.47 18.92 5.96
CA HIS A 197 25.57 19.90 5.89
C HIS A 197 25.13 21.36 6.01
N SER A 198 23.82 21.63 6.20
CA SER A 198 23.35 23.00 6.43
C SER A 198 23.81 23.47 7.83
N LYS A 199 23.83 22.55 8.82
CA LYS A 199 24.32 22.83 10.16
C LYS A 199 25.81 22.45 10.22
N GLU A 200 26.58 23.16 11.06
CA GLU A 200 28.03 22.95 11.17
C GLU A 200 28.42 21.56 11.69
N ASP A 201 27.88 21.13 12.84
CA ASP A 201 28.23 19.84 13.45
C ASP A 201 27.13 18.79 13.26
N CYS A 202 27.02 18.24 12.04
CA CYS A 202 26.03 17.20 11.74
C CYS A 202 26.55 16.33 10.61
N ILE A 203 26.40 15.01 10.75
CA ILE A 203 26.87 14.03 9.75
C ILE A 203 25.72 13.15 9.26
N LEU A 204 25.89 12.51 8.09
CA LEU A 204 24.91 11.62 7.52
C LEU A 204 25.47 10.20 7.47
N ILE A 205 24.83 9.26 8.18
CA ILE A 205 25.24 7.85 8.21
C ILE A 205 24.25 7.09 7.33
N VAL A 206 24.74 6.35 6.33
CA VAL A 206 23.88 5.58 5.42
C VAL A 206 24.22 4.10 5.55
N ASP A 207 23.20 3.26 5.76
CA ASP A 207 23.38 1.81 5.85
C ASP A 207 23.27 1.25 4.42
N ASN A 208 24.41 1.01 3.76
CA ASN A 208 24.49 0.53 2.39
C ASN A 208 24.59 -1.01 2.31
N THR A 209 23.92 -1.72 3.23
CA THR A 209 23.96 -3.19 3.28
C THR A 209 23.34 -3.82 2.01
N PHE A 210 22.11 -3.40 1.67
CA PHE A 210 21.35 -3.94 0.53
C PHE A 210 22.03 -3.72 -0.82
N CYS A 211 22.58 -2.51 -1.05
CA CYS A 211 23.17 -2.15 -2.33
C CYS A 211 24.60 -2.63 -2.56
N THR A 212 25.52 -2.46 -1.58
CA THR A 212 26.98 -2.75 -1.69
C THR A 212 27.63 -1.64 -2.57
N PRO A 213 28.97 -1.36 -2.50
CA PRO A 213 29.52 -0.29 -3.35
C PRO A 213 29.43 -0.53 -4.86
N TYR A 214 28.97 -1.73 -5.30
CA TYR A 214 28.79 -2.01 -6.71
C TYR A 214 27.53 -1.33 -7.25
N ILE A 215 26.46 -1.26 -6.45
CA ILE A 215 25.20 -0.63 -6.83
C ILE A 215 25.15 0.84 -6.41
N GLN A 216 25.42 1.13 -5.13
CA GLN A 216 25.32 2.48 -4.58
C GLN A 216 26.59 2.83 -3.78
N ARG A 217 27.04 4.08 -3.88
CA ARG A 217 28.21 4.60 -3.17
C ARG A 217 27.78 5.91 -2.51
N PRO A 218 27.17 5.88 -1.30
CA PRO A 218 26.67 7.11 -0.68
C PRO A 218 27.71 8.21 -0.40
N ILE A 219 28.99 7.87 -0.21
CA ILE A 219 30.03 8.90 0.04
C ILE A 219 30.13 9.85 -1.16
N GLU A 220 30.09 9.32 -2.39
CA GLU A 220 30.14 10.14 -3.61
C GLU A 220 28.90 11.03 -3.74
N LEU A 221 27.73 10.55 -3.27
CA LEU A 221 26.49 11.32 -3.32
C LEU A 221 26.42 12.40 -2.23
N GLY A 222 27.23 12.30 -1.17
CA GLY A 222 27.25 13.30 -0.11
C GLY A 222 27.41 12.79 1.31
N ALA A 223 27.14 11.49 1.57
CA ALA A 223 27.23 10.95 2.92
C ALA A 223 28.64 11.04 3.50
N ASP A 224 28.72 11.23 4.83
CA ASP A 224 29.98 11.34 5.55
C ASP A 224 30.43 9.94 5.98
N VAL A 225 29.50 9.13 6.53
CA VAL A 225 29.76 7.79 7.02
C VAL A 225 28.84 6.78 6.32
N VAL A 226 29.36 5.59 6.01
CA VAL A 226 28.63 4.50 5.37
C VAL A 226 28.86 3.25 6.21
N VAL A 227 27.78 2.61 6.67
CA VAL A 227 27.87 1.38 7.47
C VAL A 227 27.34 0.21 6.65
N HIS A 228 27.87 -0.99 6.92
CA HIS A 228 27.48 -2.21 6.22
C HIS A 228 27.32 -3.38 7.19
N SER A 229 26.56 -4.39 6.77
CA SER A 229 26.43 -5.65 7.48
C SER A 229 27.02 -6.64 6.51
N ALA A 230 28.37 -6.78 6.55
CA ALA A 230 29.12 -7.68 5.69
C ALA A 230 28.56 -9.09 5.62
N THR A 231 27.83 -9.51 6.65
CA THR A 231 27.12 -10.80 6.72
C THR A 231 26.29 -11.07 5.45
N1 LLP A 232 21.37 -3.36 8.41
C2 LLP A 232 20.68 -4.08 7.52
C2' LLP A 232 19.97 -3.31 6.43
C3 LLP A 232 20.60 -5.48 7.60
O3 LLP A 232 19.83 -6.21 6.71
C4 LLP A 232 21.25 -6.14 8.65
C4' LLP A 232 21.18 -7.61 8.75
C5 LLP A 232 21.97 -5.37 9.60
C6 LLP A 232 21.99 -4.01 9.40
C5' LLP A 232 22.62 -5.97 10.81
OP4 LLP A 232 23.80 -6.76 10.51
P LLP A 232 24.26 -7.91 11.56
OP1 LLP A 232 24.40 -7.21 12.89
OP2 LLP A 232 23.18 -8.97 11.54
OP3 LLP A 232 25.58 -8.44 11.03
N LLP A 232 25.69 -10.01 4.90
CA LLP A 232 24.78 -10.12 3.78
CB LLP A 232 23.72 -8.98 3.84
CG LLP A 232 23.11 -8.68 5.25
CD LLP A 232 22.60 -9.87 6.11
CE LLP A 232 22.26 -9.45 7.50
NZ LLP A 232 21.19 -8.42 7.54
C LLP A 232 25.54 -10.26 2.42
O LLP A 232 26.18 -11.29 2.24
H2'1 LLP A 232 20.16 -3.75 5.45
H2'2 LLP A 232 18.89 -3.30 6.62
H2'3 LLP A 232 20.32 -2.27 6.41
HO3 LLP A 232 19.38 -5.65 6.08
H4'1 LLP A 232 20.69 -8.05 9.63
H6 LLP A 232 22.53 -3.36 10.08
H5'1 LLP A 232 21.88 -6.58 11.33
H5'2 LLP A 232 22.93 -5.16 11.46
H LLP A 232 25.86 -9.05 5.17
HA LLP A 232 24.22 -11.05 3.89
HB2 LLP A 232 24.20 -8.06 3.54
HB3 LLP A 232 22.92 -9.22 3.15
HG2 LLP A 232 23.86 -8.16 5.85
HG3 LLP A 232 22.26 -8.02 5.10
HD2 LLP A 232 21.70 -10.28 5.67
HD3 LLP A 232 23.36 -10.64 6.18
HE2 LLP A 232 21.91 -10.31 8.06
HE3 LLP A 232 23.14 -9.03 7.98
N PHE A 233 25.49 -9.27 1.48
CA PHE A 233 26.06 -9.43 0.15
C PHE A 233 27.58 -9.35 0.04
N LEU A 234 28.28 -8.61 0.92
CA LEU A 234 29.75 -8.50 0.80
C LEU A 234 30.42 -9.86 1.05
N ASN A 235 29.98 -10.60 2.08
CA ASN A 235 30.50 -11.95 2.32
C ASN A 235 29.86 -12.87 1.26
N GLY A 236 28.54 -12.79 1.11
CA GLY A 236 27.80 -13.53 0.09
C GLY A 236 27.55 -15.00 0.30
N HIS A 237 28.25 -15.64 1.26
CA HIS A 237 28.12 -17.09 1.48
C HIS A 237 27.45 -17.47 2.81
N GLY A 238 26.91 -16.50 3.55
CA GLY A 238 26.20 -16.73 4.79
C GLY A 238 26.91 -17.59 5.81
N ASP A 239 28.14 -17.22 6.15
CA ASP A 239 28.93 -17.93 7.14
C ASP A 239 29.81 -17.03 8.03
N VAL A 240 29.61 -15.70 7.96
CA VAL A 240 30.40 -14.73 8.70
C VAL A 240 29.46 -13.63 9.17
N ILE A 241 29.44 -13.33 10.47
CA ILE A 241 28.70 -12.19 10.98
C ILE A 241 29.76 -11.10 11.08
N ALA A 242 29.62 -10.00 10.31
CA ALA A 242 30.63 -8.93 10.27
C ALA A 242 30.04 -7.57 9.78
N GLY A 243 30.78 -6.48 9.99
CA GLY A 243 30.35 -5.13 9.62
C GLY A 243 31.50 -4.22 9.24
N PHE A 244 31.19 -3.05 8.65
CA PHE A 244 32.21 -2.06 8.28
C PHE A 244 31.71 -0.65 8.52
N VAL A 245 32.62 0.27 8.85
CA VAL A 245 32.34 1.69 9.03
C VAL A 245 33.30 2.37 8.07
N VAL A 246 32.79 3.06 7.04
CA VAL A 246 33.61 3.73 6.03
C VAL A 246 33.36 5.24 6.14
N GLY A 247 34.42 6.03 5.98
CA GLY A 247 34.32 7.48 6.07
C GLY A 247 35.67 8.14 6.09
N ARG A 248 35.71 9.38 6.60
CA ARG A 248 36.97 10.14 6.68
C ARG A 248 37.91 9.49 7.70
N LYS A 249 39.23 9.51 7.42
CA LYS A 249 40.24 8.93 8.31
C LYS A 249 40.13 9.47 9.75
N SER A 250 39.89 10.77 9.91
CA SER A 250 39.74 11.40 11.23
C SER A 250 38.66 10.71 12.08
N PHE A 251 37.48 10.43 11.50
CA PHE A 251 36.39 9.77 12.21
C PHE A 251 36.60 8.27 12.35
N ILE A 252 37.21 7.61 11.33
CA ILE A 252 37.45 6.16 11.38
C ILE A 252 38.50 5.81 12.45
N ASP A 253 39.52 6.67 12.64
CA ASP A 253 40.50 6.45 13.69
C ASP A 253 39.84 6.56 15.08
N GLN A 254 38.87 7.49 15.23
CA GLN A 254 38.12 7.64 16.47
C GLN A 254 37.24 6.42 16.75
N VAL A 255 36.62 5.84 15.71
CA VAL A 255 35.79 4.65 15.87
C VAL A 255 36.66 3.44 16.21
N ARG A 256 37.84 3.32 15.58
CA ARG A 256 38.77 2.23 15.86
C ARG A 256 39.32 2.28 17.29
N LEU A 257 39.81 3.46 17.73
CA LEU A 257 40.45 3.61 19.05
C LEU A 257 39.52 4.06 20.18
N TYR A 258 38.19 4.05 19.98
CA TYR A 258 37.25 4.45 21.03
C TYR A 258 35.95 3.62 20.94
N GLY A 259 35.30 3.62 19.78
CA GLY A 259 34.06 2.89 19.58
C GLY A 259 34.22 1.39 19.69
N ILE A 260 35.23 0.82 19.02
CA ILE A 260 35.51 -0.62 19.04
C ILE A 260 36.44 -0.94 20.21
N LYS A 261 37.53 -0.20 20.34
CA LYS A 261 38.52 -0.43 21.40
C LYS A 261 37.91 -0.43 22.80
N ASP A 262 37.03 0.56 23.11
CA ASP A 262 36.48 0.71 24.45
C ASP A 262 34.94 0.55 24.58
N MET A 263 34.14 1.18 23.70
CA MET A 263 32.67 1.20 23.84
C MET A 263 31.93 -0.09 23.54
N THR A 264 32.29 -0.78 22.48
CA THR A 264 31.58 -1.98 22.04
C THR A 264 32.40 -3.26 22.11
N GLY A 265 33.69 -3.17 21.81
CA GLY A 265 34.54 -4.34 21.74
C GLY A 265 34.20 -5.24 20.56
N ALA A 266 33.63 -4.66 19.49
CA ALA A 266 33.21 -5.40 18.31
C ALA A 266 34.34 -5.44 17.28
N CYS A 267 35.40 -6.20 17.57
CA CYS A 267 36.52 -6.34 16.65
C CYS A 267 36.34 -7.63 15.84
N LEU A 268 36.64 -7.58 14.54
CA LEU A 268 36.45 -8.73 13.66
C LEU A 268 37.60 -9.73 13.78
N SER A 269 37.27 -11.03 13.69
CA SER A 269 38.24 -12.12 13.74
C SER A 269 39.05 -12.17 12.43
N PRO A 270 40.39 -12.42 12.42
CA PRO A 270 41.10 -12.53 11.13
C PRO A 270 40.59 -13.65 10.22
N PHE A 271 40.06 -14.74 10.80
CA PHE A 271 39.50 -15.83 10.01
C PHE A 271 38.24 -15.36 9.27
N ASP A 272 37.32 -14.70 9.98
CA ASP A 272 36.09 -14.17 9.38
C ASP A 272 36.45 -13.12 8.32
N ALA A 273 37.46 -12.29 8.59
CA ALA A 273 37.93 -11.28 7.63
C ALA A 273 38.46 -11.93 6.36
N TYR A 274 39.14 -13.09 6.46
CA TYR A 274 39.63 -13.80 5.29
C TYR A 274 38.47 -14.31 4.45
N LEU A 275 37.43 -14.87 5.09
CA LEU A 275 36.27 -15.37 4.35
C LEU A 275 35.54 -14.22 3.63
N ILE A 276 35.55 -12.99 4.16
CA ILE A 276 34.92 -11.85 3.47
C ILE A 276 35.79 -11.52 2.25
N LEU A 277 37.13 -11.51 2.41
CA LEU A 277 38.07 -11.27 1.29
C LEU A 277 37.84 -12.29 0.17
N ARG A 278 37.61 -13.56 0.55
CA ARG A 278 37.34 -14.66 -0.37
C ARG A 278 36.01 -14.41 -1.11
N GLY A 279 34.99 -13.99 -0.37
CA GLY A 279 33.68 -13.67 -0.92
C GLY A 279 33.69 -12.47 -1.84
N LEU A 280 34.50 -11.45 -1.54
CA LEU A 280 34.60 -10.24 -2.36
C LEU A 280 35.18 -10.51 -3.74
N LYS A 281 35.99 -11.58 -3.91
CA LYS A 281 36.56 -11.94 -5.21
C LYS A 281 35.48 -12.11 -6.30
N THR A 282 34.24 -12.52 -5.92
CA THR A 282 33.13 -12.72 -6.84
C THR A 282 31.96 -11.74 -6.59
N LEU A 283 32.21 -10.56 -5.98
CA LEU A 283 31.11 -9.63 -5.67
C LEU A 283 30.40 -9.09 -6.92
N GLU A 284 31.14 -8.71 -7.97
CA GLU A 284 30.52 -8.19 -9.20
C GLU A 284 29.64 -9.26 -9.85
N ILE A 285 30.17 -10.48 -10.03
CA ILE A 285 29.42 -11.55 -10.68
C ILE A 285 28.24 -12.03 -9.81
N ARG A 286 28.37 -12.00 -8.48
CA ARG A 286 27.26 -12.39 -7.61
C ARG A 286 26.16 -11.33 -7.66
N MET A 287 26.50 -10.03 -7.57
CA MET A 287 25.49 -8.97 -7.61
C MET A 287 24.77 -8.93 -8.94
N GLU A 288 25.49 -9.16 -10.05
CA GLU A 288 24.86 -9.19 -11.37
C GLU A 288 23.85 -10.33 -11.47
N ARG A 289 24.22 -11.54 -11.02
CA ARG A 289 23.30 -12.69 -11.07
C ARG A 289 22.13 -12.50 -10.11
N HIS A 290 22.39 -12.00 -8.89
CA HIS A 290 21.37 -11.73 -7.89
C HIS A 290 20.27 -10.79 -8.46
N CYS A 291 20.67 -9.67 -9.09
CA CYS A 291 19.75 -8.70 -9.66
C CYS A 291 19.10 -9.21 -10.95
N SER A 292 19.84 -10.01 -11.74
CA SER A 292 19.31 -10.62 -12.96
C SER A 292 18.13 -11.54 -12.61
N ASN A 293 18.30 -12.38 -11.58
CA ASN A 293 17.25 -13.29 -11.14
C ASN A 293 16.11 -12.53 -10.49
N ALA A 294 16.42 -11.51 -9.66
CA ALA A 294 15.38 -10.74 -8.99
C ALA A 294 14.47 -9.99 -9.95
N MET A 295 15.00 -9.42 -11.04
CA MET A 295 14.17 -8.74 -12.03
C MET A 295 13.19 -9.74 -12.69
N LYS A 296 13.65 -10.98 -12.92
CA LYS A 296 12.84 -12.03 -13.53
C LYS A 296 11.77 -12.54 -12.55
N VAL A 297 12.13 -12.71 -11.27
CA VAL A 297 11.21 -13.18 -10.24
C VAL A 297 10.13 -12.11 -9.97
N ALA A 298 10.54 -10.83 -9.85
CA ALA A 298 9.61 -9.73 -9.59
C ALA A 298 8.59 -9.56 -10.72
N LYS A 299 9.01 -9.69 -11.99
CA LYS A 299 8.09 -9.58 -13.12
C LYS A 299 7.08 -10.73 -13.07
N PHE A 300 7.55 -11.95 -12.75
CA PHE A 300 6.70 -13.13 -12.62
C PHE A 300 5.66 -12.91 -11.52
N LEU A 301 6.08 -12.43 -10.35
CA LEU A 301 5.19 -12.20 -9.21
C LEU A 301 4.16 -11.14 -9.55
N GLU A 302 4.56 -10.07 -10.23
CA GLU A 302 3.63 -9.00 -10.63
C GLU A 302 2.53 -9.53 -11.54
N GLU A 303 2.89 -10.38 -12.52
CA GLU A 303 1.91 -10.97 -13.43
C GLU A 303 1.08 -12.11 -12.81
N HIS A 304 1.56 -12.74 -11.71
CA HIS A 304 0.84 -13.84 -11.07
C HIS A 304 -0.45 -13.34 -10.41
N LYS A 305 -1.53 -14.14 -10.48
CA LYS A 305 -2.86 -13.78 -9.96
C LYS A 305 -2.91 -13.68 -8.44
N ALA A 306 -2.35 -14.68 -7.73
CA ALA A 306 -2.33 -14.71 -6.27
C ALA A 306 -1.48 -13.63 -5.58
N VAL A 307 -0.76 -12.78 -6.34
CA VAL A 307 0.07 -11.73 -5.76
C VAL A 307 -0.64 -10.38 -5.93
N LYS A 308 -0.94 -9.72 -4.82
CA LYS A 308 -1.66 -8.45 -4.79
C LYS A 308 -0.80 -7.25 -5.22
N LYS A 309 0.44 -7.15 -4.73
CA LYS A 309 1.35 -6.05 -5.08
C LYS A 309 2.81 -6.49 -4.94
N VAL A 310 3.71 -5.93 -5.76
CA VAL A 310 5.13 -6.26 -5.72
C VAL A 310 5.94 -4.97 -5.61
N TYR A 311 6.82 -4.89 -4.60
CA TYR A 311 7.70 -3.75 -4.40
C TYR A 311 9.10 -4.19 -4.84
N TYR A 312 9.63 -3.60 -5.92
CA TYR A 312 10.98 -3.91 -6.40
C TYR A 312 11.49 -2.71 -7.21
N PRO A 313 12.65 -2.10 -6.91
CA PRO A 313 13.08 -0.92 -7.70
C PRO A 313 13.21 -1.07 -9.22
N GLY A 314 13.20 -2.30 -9.73
CA GLY A 314 13.34 -2.58 -11.15
C GLY A 314 12.06 -2.56 -11.95
N LEU A 315 10.91 -2.79 -11.29
CA LEU A 315 9.62 -2.79 -11.98
C LEU A 315 9.17 -1.36 -12.26
N GLU A 316 8.52 -1.12 -13.40
CA GLU A 316 7.99 0.20 -13.72
C GLU A 316 6.86 0.62 -12.75
N SER A 317 6.19 -0.36 -12.09
CA SER A 317 5.16 -0.08 -11.09
C SER A 317 5.72 0.52 -9.78
N PHE A 318 7.04 0.45 -9.55
CA PHE A 318 7.67 0.98 -8.35
C PHE A 318 7.47 2.49 -8.30
N GLU A 319 7.10 3.02 -7.12
CA GLU A 319 6.81 4.45 -6.94
C GLU A 319 8.03 5.32 -7.20
N GLN A 320 9.19 4.97 -6.62
CA GLN A 320 10.44 5.72 -6.77
C GLN A 320 11.33 5.06 -7.82
N TYR A 321 10.77 4.76 -8.99
CA TYR A 321 11.49 4.13 -10.10
C TYR A 321 12.55 5.06 -10.68
N GLU A 322 12.26 6.37 -10.78
CA GLU A 322 13.22 7.34 -11.32
C GLU A 322 14.42 7.50 -10.39
N LEU A 323 14.19 7.50 -9.07
CA LEU A 323 15.27 7.62 -8.09
C LEU A 323 16.13 6.35 -8.07
N ALA A 324 15.52 5.18 -8.29
CA ALA A 324 16.25 3.91 -8.35
C ALA A 324 17.26 3.92 -9.50
N LYS A 325 16.88 4.47 -10.66
CA LYS A 325 17.78 4.56 -11.80
C LYS A 325 18.88 5.61 -11.53
N GLU A 326 18.52 6.71 -10.86
CA GLU A 326 19.40 7.83 -10.52
C GLU A 326 20.56 7.47 -9.56
N GLN A 327 20.27 6.77 -8.44
CA GLN A 327 21.31 6.47 -7.44
C GLN A 327 21.67 4.97 -7.27
N MET A 328 21.11 4.05 -8.08
CA MET A 328 21.44 2.62 -7.98
C MET A 328 21.78 2.06 -9.36
N LYS A 329 22.92 1.35 -9.49
CA LYS A 329 23.33 0.76 -10.76
C LYS A 329 22.36 -0.34 -11.15
N LEU A 330 22.01 -1.23 -10.21
CA LEU A 330 21.05 -2.32 -10.43
C LEU A 330 19.95 -2.24 -9.35
N PRO A 331 18.72 -2.75 -9.61
CA PRO A 331 17.66 -2.64 -8.60
C PRO A 331 17.79 -3.50 -7.33
N GLY A 332 18.84 -4.31 -7.21
CA GLY A 332 19.06 -5.13 -6.02
C GLY A 332 18.48 -6.54 -6.13
N ALA A 333 18.57 -7.30 -5.04
CA ALA A 333 18.12 -8.70 -4.97
C ALA A 333 16.93 -8.94 -4.05
N ILE A 334 16.46 -7.93 -3.32
CA ILE A 334 15.38 -8.11 -2.35
C ILE A 334 14.05 -7.72 -2.99
N ILE A 335 13.00 -8.54 -2.77
CA ILE A 335 11.66 -8.31 -3.31
C ILE A 335 10.65 -8.51 -2.19
N ALA A 336 9.90 -7.46 -1.84
CA ALA A 336 8.81 -7.58 -0.87
C ALA A 336 7.52 -7.65 -1.68
N PHE A 337 6.61 -8.57 -1.33
CA PHE A 337 5.36 -8.69 -2.08
C PHE A 337 4.17 -9.07 -1.19
N GLU A 338 3.02 -8.46 -1.50
CA GLU A 338 1.75 -8.66 -0.79
C GLU A 338 0.98 -9.75 -1.49
N LEU A 339 0.28 -10.61 -0.75
CA LEU A 339 -0.57 -11.67 -1.32
C LEU A 339 -2.03 -11.27 -1.29
N ASN A 340 -2.86 -11.90 -2.15
CA ASN A 340 -4.30 -11.70 -2.09
C ASN A 340 -4.82 -12.70 -1.03
N GLY A 341 -4.33 -12.55 0.19
CA GLY A 341 -4.68 -13.45 1.28
C GLY A 341 -4.03 -13.04 2.58
N GLY A 342 -4.54 -13.62 3.66
CA GLY A 342 -4.08 -13.30 5.01
C GLY A 342 -2.79 -13.96 5.46
N VAL A 343 -2.67 -14.17 6.78
CA VAL A 343 -1.50 -14.79 7.39
C VAL A 343 -1.48 -16.29 7.06
N GLU A 344 -2.66 -16.94 7.08
CA GLU A 344 -2.79 -18.37 6.78
C GLU A 344 -2.30 -18.70 5.37
N GLU A 345 -2.59 -17.82 4.40
CA GLU A 345 -2.16 -18.05 3.02
C GLU A 345 -0.64 -17.89 2.91
N GLY A 346 -0.08 -16.89 3.58
CA GLY A 346 1.36 -16.67 3.62
C GLY A 346 2.12 -17.83 4.24
N ILE A 347 1.54 -18.47 5.27
CA ILE A 347 2.14 -19.64 5.91
C ILE A 347 2.16 -20.80 4.90
N LYS A 348 1.01 -21.05 4.23
CA LYS A 348 0.89 -22.11 3.23
C LYS A 348 1.91 -21.98 2.11
N VAL A 349 2.12 -20.75 1.59
CA VAL A 349 3.07 -20.49 0.50
C VAL A 349 4.50 -20.86 0.95
N LEU A 350 4.94 -20.32 2.10
CA LEU A 350 6.29 -20.60 2.60
C LEU A 350 6.52 -22.09 2.88
N ASN A 351 5.57 -22.75 3.58
CA ASN A 351 5.71 -24.17 3.86
C ASN A 351 5.74 -25.03 2.59
N SER A 352 5.05 -24.59 1.51
CA SER A 352 5.02 -25.31 0.24
C SER A 352 6.35 -25.25 -0.52
N CYS A 353 7.22 -24.27 -0.25
CA CYS A 353 8.49 -24.13 -0.96
C CYS A 353 9.41 -25.33 -0.78
N LYS A 354 10.02 -25.79 -1.89
CA LYS A 354 10.97 -26.91 -1.95
C LYS A 354 12.40 -26.45 -2.34
N VAL A 355 12.56 -25.22 -2.88
CA VAL A 355 13.83 -24.61 -3.28
C VAL A 355 14.11 -23.37 -2.41
N CYS A 356 13.12 -22.45 -2.28
CA CYS A 356 13.26 -21.26 -1.45
C CYS A 356 13.38 -21.70 0.01
N THR A 357 14.45 -21.28 0.67
CA THR A 357 14.78 -21.67 2.03
C THR A 357 14.12 -20.78 3.09
N LEU A 358 13.47 -21.40 4.10
CA LEU A 358 12.82 -20.65 5.17
C LEU A 358 13.85 -20.20 6.18
N ALA A 359 14.38 -18.98 6.02
CA ALA A 359 15.39 -18.44 6.93
C ALA A 359 15.47 -16.93 6.84
N VAL A 360 15.88 -16.30 7.96
CA VAL A 360 16.10 -14.85 7.98
C VAL A 360 17.48 -14.56 7.33
N SER A 361 17.85 -13.28 7.16
CA SER A 361 19.10 -12.84 6.53
C SER A 361 18.90 -12.71 5.00
N LEU A 362 19.91 -12.18 4.31
CA LEU A 362 19.88 -11.93 2.88
C LEU A 362 21.32 -11.94 2.31
N GLY A 363 21.46 -11.91 1.00
CA GLY A 363 22.77 -11.90 0.37
C GLY A 363 23.49 -13.21 0.46
N ASP A 364 22.84 -14.28 0.04
CA ASP A 364 23.41 -15.64 0.06
C ASP A 364 23.07 -16.34 -1.25
N ALA A 365 23.84 -17.40 -1.57
CA ALA A 365 23.60 -18.20 -2.76
C ALA A 365 22.20 -18.87 -2.67
N GLU A 366 21.79 -19.30 -1.47
CA GLU A 366 20.46 -19.86 -1.27
C GLU A 366 19.43 -18.74 -1.24
N THR A 367 18.30 -18.93 -1.93
CA THR A 367 17.22 -17.93 -1.95
C THR A 367 16.51 -18.07 -0.63
N LEU A 368 16.45 -17.00 0.16
CA LEU A 368 15.81 -17.05 1.47
C LEU A 368 14.46 -16.36 1.39
N ILE A 369 13.47 -16.91 2.09
CA ILE A 369 12.10 -16.41 2.06
C ILE A 369 11.60 -16.26 3.50
N GLN A 370 10.94 -15.13 3.79
CA GLN A 370 10.44 -14.86 5.13
C GLN A 370 9.06 -14.19 5.09
N HIS A 371 8.18 -14.54 6.04
CA HIS A 371 6.83 -14.01 6.16
C HIS A 371 6.76 -13.32 7.52
N PRO A 372 7.16 -12.03 7.63
CA PRO A 372 7.18 -11.38 8.96
C PRO A 372 5.94 -11.53 9.83
N ALA A 373 4.74 -11.56 9.25
CA ALA A 373 3.52 -11.70 10.04
C ALA A 373 3.51 -12.99 10.90
N SER A 374 3.92 -14.13 10.31
CA SER A 374 3.95 -15.42 11.00
C SER A 374 5.33 -15.79 11.57
N MET A 375 6.42 -15.06 11.23
CA MET A 375 7.76 -15.43 11.73
C MET A 375 8.43 -14.34 12.63
N THR A 376 8.96 -13.23 12.06
CA THR A 376 9.69 -12.23 12.83
C THR A 376 8.78 -11.44 13.78
N HIS A 377 7.69 -10.87 13.26
CA HIS A 377 6.73 -10.09 14.05
C HIS A 377 5.61 -10.98 14.58
N SER A 378 5.91 -12.24 14.95
CA SER A 378 4.91 -13.12 15.51
C SER A 378 4.57 -12.76 16.99
N PRO A 379 5.51 -12.27 17.86
CA PRO A 379 5.08 -11.86 19.21
C PRO A 379 4.11 -10.68 19.20
N TYR A 380 4.30 -9.78 18.22
CA TYR A 380 3.47 -8.59 17.99
C TYR A 380 2.04 -9.03 17.73
N THR A 381 1.07 -8.30 18.28
CA THR A 381 -0.35 -8.56 18.00
C THR A 381 -0.70 -7.95 16.62
N ARG A 382 -1.87 -8.26 16.05
CA ARG A 382 -2.25 -7.72 14.74
C ARG A 382 -2.27 -6.17 14.73
N GLU A 383 -2.72 -5.54 15.83
CA GLU A 383 -2.74 -4.09 15.95
C GLU A 383 -1.31 -3.51 15.95
N GLU A 384 -0.39 -4.17 16.67
CA GLU A 384 1.02 -3.75 16.76
C GLU A 384 1.75 -3.97 15.42
N ARG A 385 1.41 -5.05 14.70
CA ARG A 385 2.01 -5.37 13.41
C ARG A 385 1.71 -4.30 12.37
N LEU A 386 0.44 -3.86 12.28
CA LEU A 386 0.04 -2.85 11.31
C LEU A 386 0.63 -1.47 11.62
N LYS A 387 0.86 -1.15 12.91
CA LYS A 387 1.51 0.12 13.28
C LYS A 387 2.96 0.12 12.82
N ALA A 388 3.65 -1.02 12.97
CA ALA A 388 5.04 -1.16 12.53
C ALA A 388 5.17 -1.18 10.99
N GLY A 389 4.13 -1.65 10.29
CA GLY A 389 4.08 -1.69 8.83
C GLY A 389 4.09 -3.08 8.23
N ILE A 390 3.78 -4.12 9.03
CA ILE A 390 3.78 -5.52 8.60
C ILE A 390 2.33 -5.97 8.34
N SER A 391 1.99 -6.20 7.07
CA SER A 391 0.66 -6.66 6.67
C SER A 391 0.56 -8.18 6.72
N ASP A 392 -0.68 -8.71 6.73
CA ASP A 392 -0.93 -10.16 6.82
C ASP A 392 -0.26 -10.99 5.72
N GLY A 393 -0.23 -10.48 4.49
CA GLY A 393 0.35 -11.18 3.35
C GLY A 393 1.69 -10.66 2.84
N LEU A 394 2.45 -9.96 3.68
CA LEU A 394 3.76 -9.41 3.28
C LEU A 394 4.83 -10.49 3.34
N ILE A 395 5.57 -10.70 2.25
CA ILE A 395 6.63 -11.70 2.19
C ILE A 395 7.90 -11.07 1.62
N ARG A 396 8.99 -11.07 2.40
CA ARG A 396 10.27 -10.55 1.93
C ARG A 396 11.04 -11.72 1.32
N LEU A 397 11.61 -11.54 0.13
CA LEU A 397 12.34 -12.58 -0.57
C LEU A 397 13.72 -12.09 -0.95
N ALA A 398 14.76 -12.71 -0.39
CA ALA A 398 16.15 -12.42 -0.71
C ALA A 398 16.52 -13.39 -1.82
N VAL A 399 16.55 -12.90 -3.06
CA VAL A 399 16.80 -13.76 -4.23
C VAL A 399 18.27 -14.19 -4.29
N GLY A 400 18.49 -15.49 -4.35
CA GLY A 400 19.82 -16.09 -4.40
C GLY A 400 20.42 -16.19 -5.78
N LEU A 401 21.44 -17.06 -5.90
CA LEU A 401 22.18 -17.29 -7.14
C LEU A 401 21.74 -18.55 -7.91
N GLU A 402 20.62 -19.19 -7.53
CA GLU A 402 20.15 -20.37 -8.28
C GLU A 402 19.60 -19.92 -9.64
N ASN A 403 19.34 -20.86 -10.57
CA ASN A 403 18.79 -20.50 -11.87
C ASN A 403 17.38 -19.97 -11.68
N ALA A 404 17.10 -18.75 -12.19
CA ALA A 404 15.80 -18.08 -12.06
C ALA A 404 14.63 -18.97 -12.46
N GLU A 405 14.81 -19.88 -13.45
CA GLU A 405 13.74 -20.78 -13.86
C GLU A 405 13.32 -21.71 -12.70
N ASP A 406 14.27 -22.18 -11.87
CA ASP A 406 13.96 -23.04 -10.73
C ASP A 406 13.35 -22.27 -9.55
N ILE A 407 13.73 -21.00 -9.38
CA ILE A 407 13.18 -20.16 -8.30
C ILE A 407 11.72 -19.86 -8.67
N ILE A 408 11.48 -19.42 -9.92
CA ILE A 408 10.15 -19.09 -10.43
C ILE A 408 9.25 -20.35 -10.40
N ALA A 409 9.78 -21.52 -10.81
CA ALA A 409 8.99 -22.76 -10.79
C ALA A 409 8.56 -23.14 -9.37
N ASP A 410 9.45 -22.95 -8.40
CA ASP A 410 9.14 -23.24 -7.00
C ASP A 410 8.08 -22.29 -6.46
N LEU A 411 8.20 -20.99 -6.77
CA LEU A 411 7.23 -20.01 -6.30
C LEU A 411 5.88 -20.23 -6.97
N LYS A 412 5.86 -20.63 -8.25
CA LYS A 412 4.61 -20.87 -8.96
C LYS A 412 3.82 -22.01 -8.32
N GLN A 413 4.44 -23.17 -8.08
CA GLN A 413 3.73 -24.31 -7.46
C GLN A 413 3.22 -23.97 -6.05
N ALA A 414 3.87 -23.04 -5.32
CA ALA A 414 3.45 -22.64 -3.98
C ALA A 414 2.31 -21.62 -4.05
N LEU A 415 2.38 -20.66 -4.98
CA LEU A 415 1.36 -19.62 -5.13
C LEU A 415 0.09 -20.14 -5.84
N ASP A 416 0.20 -21.14 -6.72
CA ASP A 416 -0.96 -21.71 -7.40
C ASP A 416 -1.89 -22.45 -6.41
N ALA A 417 -1.34 -22.98 -5.29
CA ALA A 417 -2.13 -23.67 -4.28
C ALA A 417 -3.10 -22.73 -3.54
N ILE A 418 -2.75 -21.42 -3.40
CA ILE A 418 -3.59 -20.45 -2.70
C ILE A 418 -4.58 -19.68 -3.62
N ILE A 419 -4.67 -20.02 -4.93
CA ILE A 419 -5.59 -19.33 -5.82
C ILE A 419 -7.02 -19.81 -5.53
N HIS B 20 -37.86 -3.66 -1.27
CA HIS B 20 -36.41 -3.82 -1.13
C HIS B 20 -36.10 -4.29 0.31
N MET B 21 -36.45 -3.47 1.33
CA MET B 21 -36.24 -3.78 2.74
C MET B 21 -37.59 -4.13 3.41
N ASP B 22 -37.79 -5.41 3.72
CA ASP B 22 -39.03 -5.88 4.35
C ASP B 22 -39.15 -5.34 5.80
N ARG B 23 -40.39 -5.22 6.31
CA ARG B 23 -40.68 -4.76 7.68
C ARG B 23 -39.96 -5.64 8.72
N GLU B 24 -39.87 -6.96 8.47
CA GLU B 24 -39.18 -7.91 9.35
C GLU B 24 -37.67 -7.56 9.45
N PHE B 25 -37.04 -7.16 8.34
CA PHE B 25 -35.63 -6.75 8.34
C PHE B 25 -35.48 -5.39 9.03
N ALA B 26 -36.39 -4.45 8.73
CA ALA B 26 -36.40 -3.11 9.33
C ALA B 26 -36.56 -3.12 10.85
N LYS B 27 -37.19 -4.17 11.42
CA LYS B 27 -37.43 -4.34 12.86
C LYS B 27 -36.16 -4.05 13.71
N ASN B 28 -35.03 -4.71 13.42
CA ASN B 28 -33.79 -4.55 14.18
C ASN B 28 -32.97 -3.31 13.79
N MET B 29 -33.30 -2.66 12.67
CA MET B 29 -32.57 -1.48 12.20
C MET B 29 -32.93 -0.24 13.03
N GLY B 30 -32.03 0.74 13.04
CA GLY B 30 -32.24 2.00 13.75
C GLY B 30 -33.23 2.91 13.06
N PHE B 31 -33.50 4.08 13.66
CA PHE B 31 -34.47 5.02 13.09
C PHE B 31 -33.98 5.64 11.78
N SER B 32 -32.79 6.27 11.75
CA SER B 32 -32.29 6.88 10.50
C SER B 32 -32.15 5.85 9.36
N THR B 33 -31.72 4.61 9.67
CA THR B 33 -31.63 3.56 8.66
C THR B 33 -33.01 3.27 8.05
N LYS B 34 -34.05 3.19 8.90
CA LYS B 34 -35.44 2.95 8.45
C LYS B 34 -35.97 4.14 7.66
N ALA B 35 -35.73 5.37 8.13
CA ALA B 35 -36.17 6.58 7.43
C ALA B 35 -35.54 6.72 6.03
N ILE B 36 -34.43 6.02 5.75
CA ILE B 36 -33.73 6.07 4.48
C ILE B 36 -34.10 4.86 3.59
N HIS B 37 -34.05 3.63 4.14
CA HIS B 37 -34.27 2.41 3.37
C HIS B 37 -35.64 1.72 3.50
N ALA B 38 -36.36 1.84 4.63
CA ALA B 38 -37.65 1.16 4.79
C ALA B 38 -38.72 1.73 3.87
N GLY B 39 -39.54 0.85 3.31
CA GLY B 39 -40.61 1.24 2.39
C GLY B 39 -40.19 1.45 0.95
N ASN B 40 -38.88 1.68 0.69
CA ASN B 40 -38.38 1.92 -0.65
C ASN B 40 -38.54 0.68 -1.54
N HIS B 41 -38.87 0.90 -2.82
CA HIS B 41 -39.11 -0.17 -3.79
C HIS B 41 -38.04 -0.22 -4.88
N LYS B 42 -37.50 -1.43 -5.14
CA LYS B 42 -36.50 -1.60 -6.19
C LYS B 42 -37.24 -1.64 -7.53
N ASN B 43 -37.06 -0.57 -8.33
CA ASN B 43 -37.72 -0.46 -9.64
C ASN B 43 -36.89 -1.08 -10.79
N GLU B 44 -37.50 -1.26 -11.98
CA GLU B 44 -36.84 -1.87 -13.15
C GLU B 44 -35.51 -1.21 -13.55
N PHE B 45 -35.39 0.13 -13.40
CA PHE B 45 -34.15 0.85 -13.71
C PHE B 45 -33.16 0.90 -12.52
N GLY B 46 -33.64 0.66 -11.32
CA GLY B 46 -32.80 0.67 -10.12
C GLY B 46 -32.42 2.06 -9.70
N THR B 47 -33.33 3.03 -9.78
CA THR B 47 -33.01 4.40 -9.38
C THR B 47 -32.87 4.44 -7.86
N LEU B 48 -31.80 5.08 -7.36
CA LEU B 48 -31.59 5.17 -5.92
C LEU B 48 -32.71 6.02 -5.29
N ALA B 49 -32.99 7.18 -5.90
CA ALA B 49 -34.08 8.04 -5.44
C ALA B 49 -35.40 7.45 -5.92
N THR B 50 -36.46 7.61 -5.13
CA THR B 50 -37.78 7.10 -5.50
C THR B 50 -38.29 7.93 -6.70
N PRO B 51 -38.68 7.34 -7.86
CA PRO B 51 -39.14 8.19 -8.97
C PRO B 51 -40.39 9.01 -8.63
N ILE B 52 -40.54 10.18 -9.27
CA ILE B 52 -41.73 11.00 -9.05
C ILE B 52 -42.70 10.57 -10.14
N TYR B 53 -43.59 9.63 -9.82
CA TYR B 53 -44.61 9.16 -10.74
C TYR B 53 -45.71 10.22 -10.83
N GLN B 54 -45.40 11.36 -11.45
CA GLN B 54 -46.32 12.47 -11.62
C GLN B 54 -47.27 12.13 -12.76
N THR B 55 -48.32 11.37 -12.43
CA THR B 55 -49.34 10.90 -13.37
C THR B 55 -50.72 11.05 -12.73
N ALA B 56 -51.78 11.06 -13.55
CA ALA B 56 -53.15 11.14 -13.06
C ALA B 56 -53.81 9.77 -13.14
N THR B 57 -53.59 9.04 -14.26
CA THR B 57 -54.17 7.72 -14.48
C THR B 57 -53.10 6.69 -14.86
N PHE B 58 -53.46 5.40 -14.75
CA PHE B 58 -52.58 4.28 -15.04
C PHE B 58 -53.22 3.38 -16.12
N VAL B 59 -52.39 2.78 -16.96
CA VAL B 59 -52.77 1.97 -18.11
C VAL B 59 -52.85 0.50 -17.73
N PHE B 60 -53.90 -0.18 -18.19
CA PHE B 60 -54.09 -1.61 -17.93
C PHE B 60 -53.60 -2.41 -19.14
N ASP B 61 -52.95 -3.55 -18.89
CA ASP B 61 -52.45 -4.42 -19.96
C ASP B 61 -53.61 -5.07 -20.74
N SER B 62 -54.77 -5.28 -20.08
CA SER B 62 -55.97 -5.83 -20.70
C SER B 62 -57.23 -5.30 -19.99
N ALA B 63 -58.39 -5.44 -20.62
CA ALA B 63 -59.66 -5.02 -20.03
C ALA B 63 -59.96 -5.82 -18.75
N GLN B 64 -59.56 -7.11 -18.72
CA GLN B 64 -59.73 -7.97 -17.56
C GLN B 64 -58.90 -7.45 -16.38
N GLN B 65 -57.65 -7.03 -16.63
CA GLN B 65 -56.78 -6.48 -15.59
C GLN B 65 -57.40 -5.24 -14.94
N GLY B 66 -57.97 -4.36 -15.77
CA GLY B 66 -58.65 -3.16 -15.29
C GLY B 66 -59.79 -3.46 -14.36
N GLY B 67 -60.61 -4.44 -14.72
CA GLY B 67 -61.72 -4.87 -13.89
C GLY B 67 -61.27 -5.53 -12.61
N ASN B 68 -60.28 -6.42 -12.68
CA ASN B 68 -59.74 -7.10 -11.51
C ASN B 68 -59.20 -6.11 -10.48
N ARG B 69 -58.65 -4.98 -10.93
CA ARG B 69 -58.12 -3.97 -10.01
C ARG B 69 -59.24 -3.22 -9.30
N PHE B 70 -60.34 -2.88 -10.01
CA PHE B 70 -61.50 -2.21 -9.38
C PHE B 70 -62.22 -3.16 -8.41
N ALA B 71 -62.23 -4.47 -8.69
CA ALA B 71 -62.85 -5.45 -7.81
C ALA B 71 -61.94 -5.91 -6.64
N GLY B 72 -60.72 -5.38 -6.53
CA GLY B 72 -59.79 -5.75 -5.47
C GLY B 72 -59.20 -7.15 -5.60
N LYS B 73 -59.35 -7.78 -6.78
CA LYS B 73 -58.85 -9.14 -7.01
C LYS B 73 -57.38 -9.16 -7.43
N GLU B 74 -56.89 -8.10 -8.10
CA GLU B 74 -55.52 -8.01 -8.57
C GLU B 74 -54.86 -6.73 -8.07
N GLU B 75 -53.59 -6.82 -7.61
CA GLU B 75 -52.85 -5.64 -7.14
C GLU B 75 -52.47 -4.77 -8.34
N GLY B 76 -52.34 -3.47 -8.09
CA GLY B 76 -51.98 -2.50 -9.12
C GLY B 76 -52.64 -1.15 -8.90
N TYR B 77 -52.31 -0.19 -9.76
CA TYR B 77 -52.84 1.17 -9.67
C TYR B 77 -53.92 1.46 -10.71
N ILE B 78 -54.80 2.42 -10.39
CA ILE B 78 -55.93 2.82 -11.24
C ILE B 78 -55.92 4.35 -11.48
N TYR B 79 -55.85 5.14 -10.39
CA TYR B 79 -55.92 6.60 -10.43
C TYR B 79 -55.15 7.17 -9.22
N THR B 80 -54.48 8.32 -9.38
CA THR B 80 -53.66 8.92 -8.32
C THR B 80 -54.48 9.30 -7.06
N ARG B 81 -55.76 9.73 -7.20
CA ARG B 81 -56.57 10.03 -6.02
C ARG B 81 -56.77 8.75 -5.16
N LEU B 82 -56.83 7.58 -5.80
CA LEU B 82 -56.95 6.30 -5.10
C LEU B 82 -55.59 5.85 -4.57
N GLY B 83 -54.54 5.99 -5.38
CA GLY B 83 -53.18 5.62 -4.98
C GLY B 83 -52.16 5.91 -6.06
N ASN B 84 -50.88 6.07 -5.65
CA ASN B 84 -49.78 6.38 -6.56
C ASN B 84 -48.48 5.72 -6.03
N PRO B 85 -47.55 5.17 -6.87
CA PRO B 85 -46.36 4.51 -6.28
C PRO B 85 -45.43 5.38 -5.44
N THR B 86 -45.28 6.68 -5.76
CA THR B 86 -44.44 7.57 -4.94
C THR B 86 -45.05 7.68 -3.53
N VAL B 87 -46.38 7.82 -3.46
CA VAL B 87 -47.11 7.98 -2.22
C VAL B 87 -47.07 6.67 -1.41
N THR B 88 -47.19 5.49 -2.08
CA THR B 88 -47.12 4.18 -1.42
C THR B 88 -45.81 3.98 -0.65
N VAL B 89 -44.68 4.36 -1.25
CA VAL B 89 -43.36 4.22 -0.61
C VAL B 89 -43.33 5.08 0.68
N LEU B 90 -43.87 6.31 0.60
CA LEU B 90 -43.96 7.23 1.75
C LEU B 90 -44.93 6.71 2.83
N GLU B 91 -46.06 6.14 2.43
CA GLU B 91 -47.04 5.60 3.36
C GLU B 91 -46.45 4.40 4.12
N GLU B 92 -45.79 3.47 3.41
CA GLU B 92 -45.17 2.31 4.05
C GLU B 92 -44.06 2.76 4.99
N LYS B 93 -43.26 3.76 4.58
CA LYS B 93 -42.17 4.28 5.40
C LYS B 93 -42.70 4.89 6.71
N ILE B 94 -43.77 5.70 6.64
CA ILE B 94 -44.35 6.34 7.84
C ILE B 94 -44.96 5.28 8.78
N ALA B 95 -45.72 4.31 8.24
CA ALA B 95 -46.32 3.25 9.04
C ALA B 95 -45.27 2.41 9.77
N ILE B 96 -44.12 2.14 9.12
CA ILE B 96 -43.03 1.37 9.73
C ILE B 96 -42.44 2.15 10.92
N LEU B 97 -42.22 3.46 10.75
CA LEU B 97 -41.64 4.29 11.81
C LEU B 97 -42.60 4.43 13.00
N GLU B 98 -43.88 4.67 12.73
CA GLU B 98 -44.90 4.80 13.79
C GLU B 98 -45.29 3.47 14.45
N GLY B 99 -44.98 2.34 13.81
CA GLY B 99 -45.34 1.03 14.32
C GLY B 99 -46.80 0.69 14.08
N GLY B 100 -47.36 1.21 12.99
CA GLY B 100 -48.75 0.97 12.58
C GLY B 100 -48.83 0.01 11.40
N GLU B 101 -50.00 -0.59 11.19
CA GLU B 101 -50.17 -1.55 10.10
C GLU B 101 -50.19 -0.86 8.74
N ALA B 102 -50.88 0.29 8.63
CA ALA B 102 -51.00 1.00 7.36
C ALA B 102 -51.06 2.53 7.55
N CYS B 103 -50.79 3.28 6.47
CA CYS B 103 -50.82 4.74 6.45
C CYS B 103 -51.43 5.21 5.12
N VAL B 104 -52.00 6.42 5.12
CA VAL B 104 -52.55 7.02 3.91
C VAL B 104 -52.25 8.53 3.97
N ALA B 105 -51.59 9.05 2.91
CA ALA B 105 -51.19 10.45 2.86
C ALA B 105 -52.30 11.34 2.32
N THR B 106 -52.30 12.60 2.77
CA THR B 106 -53.28 13.63 2.37
C THR B 106 -52.55 14.92 1.94
N SER B 107 -53.27 15.82 1.25
CA SER B 107 -52.72 17.08 0.77
C SER B 107 -52.49 18.13 1.87
N SER B 108 -52.86 17.84 3.14
CA SER B 108 -52.65 18.76 4.26
C SER B 108 -52.86 18.05 5.60
N GLY B 109 -52.38 18.66 6.68
CA GLY B 109 -52.56 18.14 8.03
C GLY B 109 -54.04 18.09 8.39
N MET B 110 -54.79 19.14 7.99
CA MET B 110 -56.24 19.20 8.21
C MET B 110 -56.99 18.15 7.38
N GLY B 111 -56.46 17.81 6.20
CA GLY B 111 -57.02 16.78 5.34
C GLY B 111 -56.95 15.41 6.00
N ALA B 112 -55.85 15.14 6.73
CA ALA B 112 -55.69 13.89 7.47
C ALA B 112 -56.64 13.85 8.66
N ILE B 113 -56.78 14.98 9.39
CA ILE B 113 -57.67 15.06 10.55
C ILE B 113 -59.13 14.88 10.12
N SER B 114 -59.57 15.65 9.11
CA SER B 114 -60.93 15.59 8.64
C SER B 114 -61.30 14.25 7.99
N SER B 115 -60.44 13.69 7.13
CA SER B 115 -60.74 12.40 6.49
C SER B 115 -60.94 11.28 7.52
N ALA B 116 -60.08 11.23 8.54
CA ALA B 116 -60.19 10.20 9.58
C ALA B 116 -61.47 10.38 10.41
N LEU B 117 -61.80 11.61 10.80
CA LEU B 117 -63.00 11.87 11.60
C LEU B 117 -64.29 11.71 10.78
N TRP B 118 -64.30 12.12 9.50
CA TRP B 118 -65.47 11.93 8.63
C TRP B 118 -65.75 10.42 8.46
N THR B 119 -64.69 9.62 8.34
CA THR B 119 -64.80 8.16 8.17
C THR B 119 -65.30 7.47 9.46
N ALA B 120 -64.67 7.76 10.61
CA ALA B 120 -65.02 7.14 11.87
C ALA B 120 -66.34 7.59 12.48
N LEU B 121 -66.86 8.77 12.09
CA LEU B 121 -68.09 9.29 12.69
C LEU B 121 -69.28 9.36 11.74
N LYS B 122 -70.48 9.51 12.32
CA LYS B 122 -71.77 9.66 11.63
C LYS B 122 -72.69 10.55 12.49
N ALA B 123 -73.85 11.00 11.95
CA ALA B 123 -74.77 11.81 12.74
C ALA B 123 -75.31 10.99 13.91
N GLY B 124 -75.31 11.58 15.10
CA GLY B 124 -75.73 10.92 16.32
C GLY B 124 -74.57 10.52 17.23
N ASP B 125 -73.34 10.50 16.70
CA ASP B 125 -72.15 10.15 17.49
C ASP B 125 -71.66 11.32 18.35
N HIS B 126 -70.89 11.01 19.40
CA HIS B 126 -70.31 12.00 20.31
C HIS B 126 -68.79 11.87 20.32
N VAL B 127 -68.08 12.98 20.50
CA VAL B 127 -66.61 13.01 20.53
C VAL B 127 -66.16 13.76 21.79
N VAL B 128 -65.11 13.25 22.46
CA VAL B 128 -64.52 13.90 23.63
C VAL B 128 -63.16 14.41 23.14
N ALA B 129 -63.06 15.71 22.92
CA ALA B 129 -61.83 16.33 22.41
C ALA B 129 -61.11 17.13 23.50
N ALA B 130 -59.80 17.33 23.33
CA ALA B 130 -58.99 18.09 24.28
C ALA B 130 -59.32 19.57 24.17
N ASP B 131 -59.24 20.30 25.29
CA ASP B 131 -59.54 21.73 25.31
C ASP B 131 -58.50 22.56 24.57
N THR B 132 -57.20 22.18 24.66
CA THR B 132 -56.14 22.89 23.96
C THR B 132 -55.75 22.10 22.71
N LEU B 133 -56.18 22.60 21.55
CA LEU B 133 -55.90 21.99 20.25
C LEU B 133 -55.50 23.06 19.24
N TYR B 134 -54.95 22.65 18.09
CA TYR B 134 -54.58 23.58 17.02
C TYR B 134 -55.85 24.29 16.51
N GLY B 135 -55.74 25.60 16.27
CA GLY B 135 -56.83 26.49 15.88
C GLY B 135 -57.87 25.95 14.91
N CYS B 136 -57.42 25.44 13.76
CA CYS B 136 -58.33 24.92 12.74
C CYS B 136 -58.96 23.59 13.15
N THR B 137 -58.27 22.78 13.97
CA THR B 137 -58.83 21.53 14.47
C THR B 137 -60.01 21.85 15.39
N PHE B 138 -59.85 22.85 16.26
CA PHE B 138 -60.92 23.30 17.15
C PHE B 138 -62.10 23.81 16.33
N ALA B 139 -61.84 24.54 15.23
CA ALA B 139 -62.89 25.06 14.35
C ALA B 139 -63.64 23.93 13.63
N TYR B 140 -62.92 22.90 13.16
CA TYR B 140 -63.53 21.75 12.49
C TYR B 140 -64.43 20.96 13.47
N LEU B 141 -64.07 20.90 14.75
CA LEU B 141 -64.86 20.17 15.73
C LEU B 141 -66.04 21.02 16.26
N SER B 142 -65.78 22.28 16.66
CA SER B 142 -66.79 23.17 17.23
C SER B 142 -67.79 23.71 16.21
N HIS B 143 -67.34 24.10 15.02
CA HIS B 143 -68.21 24.69 14.00
C HIS B 143 -68.54 23.74 12.84
N GLY B 144 -67.73 22.71 12.63
CA GLY B 144 -67.94 21.75 11.55
C GLY B 144 -68.78 20.55 11.92
N LEU B 145 -68.23 19.67 12.75
CA LEU B 145 -68.91 18.44 13.15
C LEU B 145 -70.22 18.72 13.93
N THR B 146 -70.29 19.81 14.71
CA THR B 146 -71.52 20.17 15.42
C THR B 146 -72.62 20.54 14.42
N ARG B 147 -72.25 21.23 13.33
CA ARG B 147 -73.17 21.62 12.26
C ARG B 147 -73.81 20.37 11.58
N TYR B 148 -73.17 19.19 11.67
CA TYR B 148 -73.62 17.95 11.05
C TYR B 148 -74.08 16.88 12.06
N GLY B 149 -74.83 17.31 13.07
CA GLY B 149 -75.40 16.43 14.08
C GLY B 149 -74.43 15.56 14.84
N VAL B 150 -73.27 16.12 15.24
CA VAL B 150 -72.26 15.38 16.01
C VAL B 150 -71.91 16.23 17.23
N GLU B 151 -72.23 15.74 18.43
CA GLU B 151 -71.96 16.47 19.67
C GLU B 151 -70.50 16.31 20.06
N VAL B 152 -69.83 17.39 20.49
CA VAL B 152 -68.42 17.35 20.89
C VAL B 152 -68.26 18.03 22.24
N THR B 153 -67.61 17.35 23.20
CA THR B 153 -67.37 17.89 24.54
C THR B 153 -65.86 18.12 24.72
N PHE B 154 -65.46 19.38 24.97
CA PHE B 154 -64.06 19.75 25.16
C PHE B 154 -63.72 19.75 26.65
N VAL B 155 -62.62 19.07 27.04
CA VAL B 155 -62.21 18.93 28.44
C VAL B 155 -60.70 19.14 28.65
N ASP B 156 -60.30 19.48 29.89
CA ASP B 156 -58.88 19.62 30.22
C ASP B 156 -58.29 18.21 30.27
N ALA B 157 -57.68 17.78 29.16
CA ALA B 157 -57.15 16.43 29.02
C ALA B 157 -55.89 16.11 29.86
N SER B 158 -55.27 17.10 30.55
CA SER B 158 -54.10 16.83 31.38
C SER B 158 -54.48 15.87 32.52
N ASN B 159 -55.69 16.06 33.11
CA ASN B 159 -56.22 15.16 34.13
C ASN B 159 -57.11 14.16 33.38
N PRO B 160 -56.72 12.87 33.18
CA PRO B 160 -57.59 11.96 32.40
C PRO B 160 -58.99 11.70 32.97
N GLU B 161 -59.23 12.02 34.27
CA GLU B 161 -60.54 11.81 34.86
C GLU B 161 -61.63 12.66 34.20
N ASN B 162 -61.27 13.83 33.64
CA ASN B 162 -62.24 14.68 32.96
C ASN B 162 -62.77 14.00 31.68
N ILE B 163 -61.91 13.24 30.97
CA ILE B 163 -62.28 12.52 29.76
C ILE B 163 -63.30 11.43 30.12
N LYS B 164 -63.02 10.66 31.18
CA LYS B 164 -63.89 9.59 31.68
C LYS B 164 -65.28 10.15 32.08
N GLU B 165 -65.32 11.34 32.69
CA GLU B 165 -66.57 11.98 33.09
C GLU B 165 -67.39 12.39 31.87
N ALA B 166 -66.73 12.96 30.86
CA ALA B 166 -67.39 13.38 29.61
C ALA B 166 -67.77 12.22 28.67
N MET B 167 -67.42 10.96 29.01
CA MET B 167 -67.77 9.81 28.18
C MET B 167 -69.28 9.60 28.20
N ARG B 168 -69.83 9.15 27.06
CA ARG B 168 -71.27 8.91 26.89
C ARG B 168 -71.48 7.56 26.14
N PRO B 169 -72.67 6.91 26.18
CA PRO B 169 -72.84 5.65 25.42
C PRO B 169 -72.63 5.77 23.91
N ASN B 170 -72.70 6.99 23.35
CA ASN B 170 -72.51 7.24 21.91
C ASN B 170 -71.13 7.86 21.58
N THR B 171 -70.17 7.89 22.55
CA THR B 171 -68.85 8.46 22.29
C THR B 171 -68.04 7.46 21.46
N LYS B 172 -67.97 7.68 20.15
CA LYS B 172 -67.26 6.78 19.24
C LYS B 172 -65.78 7.14 19.05
N ALA B 173 -65.32 8.31 19.52
CA ALA B 173 -63.92 8.72 19.36
C ALA B 173 -63.47 9.73 20.42
N ILE B 174 -62.16 9.74 20.71
CA ILE B 174 -61.51 10.66 21.64
C ILE B 174 -60.33 11.25 20.86
N TYR B 175 -60.29 12.58 20.68
CA TYR B 175 -59.21 13.25 19.94
C TYR B 175 -58.30 14.00 20.91
N ILE B 176 -56.98 13.71 20.88
CA ILE B 176 -55.99 14.36 21.75
C ILE B 176 -54.78 14.84 20.92
N GLU B 177 -54.02 15.80 21.48
CA GLU B 177 -52.82 16.37 20.87
C GLU B 177 -51.82 16.61 22.00
N THR B 178 -50.65 15.96 21.97
CA THR B 178 -49.67 16.10 23.06
C THR B 178 -48.21 16.17 22.54
N PRO B 179 -47.43 17.25 22.79
CA PRO B 179 -47.77 18.50 23.51
C PRO B 179 -48.81 19.33 22.77
N ALA B 180 -49.74 19.93 23.53
CA ALA B 180 -50.83 20.72 22.96
C ALA B 180 -50.32 22.07 22.44
N ASN B 181 -50.67 22.42 21.20
CA ASN B 181 -50.26 23.69 20.60
C ASN B 181 -51.11 24.82 21.21
N PRO B 182 -50.57 25.94 21.79
CA PRO B 182 -49.16 26.35 21.97
C PRO B 182 -48.48 26.08 23.33
N ASN B 183 -49.23 26.19 24.45
CA ASN B 183 -48.75 26.01 25.84
C ASN B 183 -47.94 24.74 26.16
N LEU B 184 -48.00 23.71 25.29
CA LEU B 184 -47.30 22.43 25.43
C LEU B 184 -47.84 21.61 26.60
N LYS B 185 -49.17 21.52 26.71
CA LYS B 185 -49.82 20.73 27.75
C LYS B 185 -49.74 19.26 27.32
N LEU B 186 -49.19 18.39 28.18
CA LEU B 186 -49.04 16.96 27.86
C LEU B 186 -50.27 16.16 28.32
N ILE B 187 -50.49 15.00 27.66
CA ILE B 187 -51.60 14.10 27.97
C ILE B 187 -51.03 12.68 27.98
N ASP B 188 -51.27 11.91 29.06
CA ASP B 188 -50.77 10.54 29.16
C ASP B 188 -51.58 9.68 28.17
N ILE B 189 -50.95 9.26 27.07
CA ILE B 189 -51.61 8.48 26.01
C ILE B 189 -52.08 7.11 26.52
N LYS B 190 -51.20 6.38 27.23
CA LYS B 190 -51.53 5.05 27.74
C LYS B 190 -52.75 5.05 28.67
N LYS B 191 -52.94 6.11 29.49
CA LYS B 191 -54.10 6.22 30.37
C LYS B 191 -55.37 6.54 29.59
N VAL B 192 -55.29 7.42 28.59
CA VAL B 192 -56.46 7.80 27.77
C VAL B 192 -56.90 6.61 26.90
N ALA B 193 -55.94 5.78 26.41
CA ALA B 193 -56.27 4.59 25.63
C ALA B 193 -57.06 3.58 26.47
N GLU B 194 -56.73 3.46 27.78
CA GLU B 194 -57.47 2.57 28.68
C GLU B 194 -58.93 3.04 28.84
N ILE B 195 -59.15 4.37 28.84
CA ILE B 195 -60.49 4.95 28.93
C ILE B 195 -61.25 4.70 27.63
N ALA B 196 -60.60 4.96 26.49
CA ALA B 196 -61.21 4.75 25.17
C ALA B 196 -61.61 3.29 24.95
N HIS B 197 -60.75 2.33 25.35
CA HIS B 197 -61.02 0.91 25.17
C HIS B 197 -61.95 0.29 26.23
N SER B 198 -62.43 1.08 27.20
CA SER B 198 -63.41 0.59 28.18
C SER B 198 -64.77 0.35 27.47
N LYS B 199 -65.10 1.23 26.48
CA LYS B 199 -66.30 1.13 25.63
C LYS B 199 -65.94 0.26 24.41
N GLU B 200 -66.92 -0.53 23.90
CA GLU B 200 -66.70 -1.39 22.73
C GLU B 200 -66.37 -0.60 21.46
N ASP B 201 -67.21 0.39 21.07
CA ASP B 201 -67.01 1.14 19.84
C ASP B 201 -66.48 2.56 20.11
N CYS B 202 -65.19 2.67 20.44
CA CYS B 202 -64.54 3.96 20.68
C CYS B 202 -63.06 3.85 20.35
N ILE B 203 -62.52 4.86 19.66
CA ILE B 203 -61.11 4.90 19.24
C ILE B 203 -60.41 6.15 19.77
N LEU B 204 -59.07 6.12 19.82
CA LEU B 204 -58.27 7.25 20.28
C LEU B 204 -57.42 7.75 19.12
N ILE B 205 -57.63 9.02 18.71
CA ILE B 205 -56.87 9.66 17.64
C ILE B 205 -55.90 10.62 18.30
N VAL B 206 -54.60 10.49 18.00
CA VAL B 206 -53.56 11.34 18.58
C VAL B 206 -52.86 12.11 17.46
N ASP B 207 -52.76 13.44 17.61
CA ASP B 207 -52.07 14.28 16.64
C ASP B 207 -50.59 14.35 17.06
N ASN B 208 -49.75 13.50 16.42
CA ASN B 208 -48.33 13.40 16.73
C ASN B 208 -47.47 14.31 15.84
N THR B 209 -47.98 15.50 15.48
CA THR B 209 -47.27 16.46 14.62
C THR B 209 -45.97 16.96 15.28
N PHE B 210 -46.06 17.46 16.52
CA PHE B 210 -44.95 18.03 17.27
C PHE B 210 -43.81 17.04 17.54
N CYS B 211 -44.16 15.80 17.93
CA CYS B 211 -43.16 14.80 18.31
C CYS B 211 -42.51 14.05 17.14
N THR B 212 -43.31 13.55 16.16
CA THR B 212 -42.84 12.68 15.04
C THR B 212 -42.55 11.26 15.60
N PRO B 213 -42.57 10.15 14.79
CA PRO B 213 -42.31 8.83 15.39
C PRO B 213 -40.92 8.64 16.00
N TYR B 214 -40.01 9.63 15.87
CA TYR B 214 -38.69 9.56 16.47
C TYR B 214 -38.76 9.84 17.97
N ILE B 215 -39.64 10.77 18.38
CA ILE B 215 -39.82 11.15 19.79
C ILE B 215 -40.94 10.33 20.45
N GLN B 216 -42.12 10.29 19.84
CA GLN B 216 -43.30 9.63 20.40
C GLN B 216 -43.96 8.72 19.36
N ARG B 217 -44.45 7.56 19.79
CA ARG B 217 -45.15 6.59 18.94
C ARG B 217 -46.45 6.21 19.67
N PRO B 218 -47.53 7.00 19.52
CA PRO B 218 -48.76 6.69 20.28
C PRO B 218 -49.41 5.33 20.04
N ILE B 219 -49.21 4.69 18.88
CA ILE B 219 -49.80 3.37 18.60
C ILE B 219 -49.25 2.34 19.61
N GLU B 220 -47.95 2.39 19.90
CA GLU B 220 -47.32 1.48 20.88
C GLU B 220 -47.85 1.73 22.29
N LEU B 221 -48.15 3.00 22.62
CA LEU B 221 -48.70 3.35 23.94
C LEU B 221 -50.19 2.99 24.10
N GLY B 222 -50.91 2.78 22.99
CA GLY B 222 -52.33 2.39 23.05
C GLY B 222 -53.24 3.01 22.01
N ALA B 223 -52.84 4.12 21.36
CA ALA B 223 -53.70 4.78 20.38
C ALA B 223 -54.03 3.88 19.19
N ASP B 224 -55.24 4.07 18.63
CA ASP B 224 -55.72 3.31 17.48
C ASP B 224 -55.31 4.02 16.19
N VAL B 225 -55.49 5.37 16.16
CA VAL B 225 -55.18 6.19 14.99
C VAL B 225 -54.21 7.31 15.40
N VAL B 226 -53.26 7.64 14.50
CA VAL B 226 -52.28 8.70 14.70
C VAL B 226 -52.31 9.59 13.46
N VAL B 227 -52.54 10.89 13.64
CA VAL B 227 -52.57 11.84 12.53
C VAL B 227 -51.36 12.78 12.62
N HIS B 228 -50.90 13.25 11.47
CA HIS B 228 -49.74 14.13 11.38
C HIS B 228 -50.00 15.27 10.40
N SER B 229 -49.24 16.36 10.58
CA SER B 229 -49.19 17.47 9.66
C SER B 229 -47.76 17.39 9.17
N ALA B 230 -47.56 16.63 8.08
CA ALA B 230 -46.23 16.44 7.49
C ALA B 230 -45.55 17.76 7.10
N THR B 231 -46.31 18.85 6.94
CA THR B 231 -45.79 20.19 6.66
C THR B 231 -44.70 20.59 7.66
N1 LLP B 232 -51.90 19.77 14.06
C2 LLP B 232 -50.89 20.53 14.51
C2' LLP B 232 -50.40 20.23 15.90
C3 LLP B 232 -50.32 21.52 13.72
O3 LLP B 232 -49.37 22.38 14.21
C4 LLP B 232 -50.79 21.72 12.40
C4' LLP B 232 -50.12 22.69 11.52
C5 LLP B 232 -51.86 20.92 11.95
C6 LLP B 232 -52.34 19.97 12.81
C5' LLP B 232 -52.50 21.09 10.59
OP4 LLP B 232 -51.63 20.71 9.48
P LLP B 232 -51.76 21.50 8.06
OP1 LLP B 232 -53.21 21.35 7.64
OP2 LLP B 232 -50.80 20.83 7.12
OP3 LLP B 232 -51.39 22.94 8.35
N LLP B 232 -44.88 20.20 8.92
CA LLP B 232 -44.01 20.61 10.00
CB LLP B 232 -44.80 20.64 11.35
CG LLP B 232 -46.23 21.24 11.31
CD LLP B 232 -46.46 22.58 10.57
CE LLP B 232 -47.93 22.83 10.33
NZ LLP B 232 -48.68 23.00 11.61
C LLP B 232 -42.68 19.78 10.03
O LLP B 232 -41.88 19.98 9.11
H2'1 LLP B 232 -49.30 20.19 15.90
H2'2 LLP B 232 -50.73 21.00 16.59
H2'3 LLP B 232 -50.76 19.27 16.25
HO3 LLP B 232 -49.18 22.21 15.15
H4'1 LLP B 232 -50.68 23.20 10.73
H6 LLP B 232 -53.15 19.32 12.52
H5'1 LLP B 232 -53.38 20.46 10.56
H5'2 LLP B 232 -52.80 22.14 10.51
H LLP B 232 -45.60 19.54 9.22
HA LLP B 232 -43.71 21.64 9.82
HB2 LLP B 232 -44.93 19.61 11.69
HB3 LLP B 232 -44.22 21.18 12.08
HG2 LLP B 232 -46.89 20.51 10.85
HG3 LLP B 232 -46.55 21.40 12.34
HD2 LLP B 232 -46.08 23.40 11.16
HD3 LLP B 232 -45.98 22.57 9.59
HE2 LLP B 232 -48.02 23.74 9.74
HE3 LLP B 232 -48.36 22.00 9.79
N PHE B 233 -42.42 18.89 11.00
CA PHE B 233 -41.14 18.21 11.12
C PHE B 233 -40.86 17.06 10.16
N LEU B 234 -41.87 16.31 9.69
CA LEU B 234 -41.61 15.17 8.81
C LEU B 234 -41.00 15.62 7.48
N ASN B 235 -41.55 16.70 6.89
CA ASN B 235 -41.01 17.29 5.66
C ASN B 235 -39.74 18.07 6.08
N GLY B 236 -39.86 18.93 7.09
CA GLY B 236 -38.74 19.67 7.65
C GLY B 236 -38.19 20.86 6.90
N HIS B 237 -38.58 21.05 5.63
CA HIS B 237 -38.05 22.16 4.82
C HIS B 237 -39.08 23.24 4.46
N GLY B 238 -40.28 23.18 5.04
CA GLY B 238 -41.33 24.18 4.85
C GLY B 238 -41.64 24.53 3.41
N ASP B 239 -41.94 23.51 2.61
CA ASP B 239 -42.30 23.70 1.21
C ASP B 239 -43.37 22.73 0.70
N VAL B 240 -44.03 21.98 1.60
CA VAL B 240 -45.04 21.00 1.26
C VAL B 240 -46.12 21.06 2.31
N ILE B 241 -47.38 21.22 1.90
CA ILE B 241 -48.51 21.15 2.82
C ILE B 241 -48.99 19.70 2.65
N ALA B 242 -48.91 18.86 3.71
CA ALA B 242 -49.28 17.45 3.62
C ALA B 242 -49.65 16.83 5.00
N GLY B 243 -50.27 15.65 4.99
CA GLY B 243 -50.70 14.96 6.21
C GLY B 243 -50.69 13.46 6.10
N PHE B 244 -50.82 12.74 7.22
CA PHE B 244 -50.87 11.27 7.25
C PHE B 244 -51.88 10.77 8.26
N VAL B 245 -52.48 9.61 7.98
CA VAL B 245 -53.40 8.93 8.89
C VAL B 245 -52.79 7.54 9.03
N VAL B 246 -52.35 7.17 10.24
CA VAL B 246 -51.71 5.87 10.50
C VAL B 246 -52.62 5.09 11.46
N GLY B 247 -52.73 3.79 11.25
CA GLY B 247 -53.55 2.94 12.08
C GLY B 247 -53.72 1.54 11.50
N ARG B 248 -54.78 0.84 11.91
CA ARG B 248 -55.03 -0.51 11.40
C ARG B 248 -55.43 -0.45 9.94
N LYS B 249 -55.04 -1.47 9.16
CA LYS B 249 -55.34 -1.56 7.73
C LYS B 249 -56.85 -1.44 7.45
N SER B 250 -57.69 -2.08 8.28
CA SER B 250 -59.15 -2.02 8.12
C SER B 250 -59.67 -0.57 8.09
N PHE B 251 -59.21 0.28 9.04
CA PHE B 251 -59.62 1.68 9.10
C PHE B 251 -58.94 2.56 8.04
N ILE B 252 -57.66 2.29 7.73
CA ILE B 252 -56.94 3.11 6.73
C ILE B 252 -57.51 2.86 5.32
N ASP B 253 -57.95 1.63 5.00
CA ASP B 253 -58.59 1.35 3.71
C ASP B 253 -59.91 2.14 3.60
N GLN B 254 -60.66 2.27 4.72
CA GLN B 254 -61.90 3.04 4.77
C GLN B 254 -61.63 4.53 4.57
N VAL B 255 -60.55 5.05 5.15
CA VAL B 255 -60.18 6.46 5.00
C VAL B 255 -59.74 6.71 3.54
N ARG B 256 -58.98 5.79 2.95
CA ARG B 256 -58.52 5.94 1.58
C ARG B 256 -59.67 5.89 0.57
N LEU B 257 -60.59 4.90 0.68
CA LEU B 257 -61.67 4.71 -0.28
C LEU B 257 -63.01 5.38 0.10
N TYR B 258 -63.02 6.27 1.08
CA TYR B 258 -64.25 6.97 1.47
C TYR B 258 -63.94 8.39 1.97
N GLY B 259 -63.09 8.51 2.99
CA GLY B 259 -62.70 9.80 3.56
C GLY B 259 -62.01 10.71 2.57
N ILE B 260 -61.04 10.19 1.82
CA ILE B 260 -60.28 10.96 0.83
C ILE B 260 -60.94 10.84 -0.54
N LYS B 261 -61.26 9.61 -0.95
CA LYS B 261 -61.89 9.36 -2.25
C LYS B 261 -63.17 10.17 -2.47
N ASP B 262 -64.06 10.23 -1.45
CA ASP B 262 -65.35 10.89 -1.59
C ASP B 262 -65.60 12.11 -0.67
N MET B 263 -65.31 12.00 0.63
CA MET B 263 -65.66 13.03 1.62
C MET B 263 -64.85 14.33 1.59
N THR B 264 -63.53 14.25 1.42
CA THR B 264 -62.67 15.42 1.46
C THR B 264 -61.95 15.71 0.14
N GLY B 265 -61.54 14.66 -0.57
CA GLY B 265 -60.77 14.82 -1.79
C GLY B 265 -59.36 15.32 -1.51
N ALA B 266 -58.83 15.05 -0.30
CA ALA B 266 -57.52 15.51 0.11
C ALA B 266 -56.46 14.46 -0.22
N CYS B 267 -56.16 14.29 -1.51
CA CYS B 267 -55.14 13.34 -1.96
C CYS B 267 -53.83 14.10 -2.18
N LEU B 268 -52.71 13.50 -1.77
CA LEU B 268 -51.40 14.15 -1.88
C LEU B 268 -50.82 14.03 -3.28
N SER B 269 -50.13 15.09 -3.74
CA SER B 269 -49.47 15.14 -5.03
C SER B 269 -48.22 14.25 -5.03
N PRO B 270 -47.88 13.48 -6.10
CA PRO B 270 -46.63 12.69 -6.07
C PRO B 270 -45.36 13.53 -5.92
N PHE B 271 -45.37 14.79 -6.41
CA PHE B 271 -44.24 15.68 -6.27
C PHE B 271 -44.04 16.05 -4.80
N ASP B 272 -45.11 16.46 -4.11
CA ASP B 272 -45.05 16.80 -2.69
C ASP B 272 -44.63 15.59 -1.87
N ALA B 273 -45.13 14.39 -2.23
CA ALA B 273 -44.77 13.14 -1.58
C ALA B 273 -43.28 12.84 -1.72
N TYR B 274 -42.69 13.16 -2.88
CA TYR B 274 -41.26 12.96 -3.09
C TYR B 274 -40.45 13.88 -2.17
N LEU B 275 -40.86 15.14 -2.06
CA LEU B 275 -40.16 16.09 -1.19
C LEU B 275 -40.22 15.66 0.29
N ILE B 276 -41.31 14.98 0.72
CA ILE B 276 -41.39 14.50 2.11
C ILE B 276 -40.41 13.31 2.24
N LEU B 277 -40.35 12.42 1.24
CA LEU B 277 -39.40 11.30 1.23
C LEU B 277 -37.95 11.82 1.33
N ARG B 278 -37.66 12.91 0.61
CA ARG B 278 -36.35 13.58 0.61
C ARG B 278 -36.05 14.15 2.01
N GLY B 279 -37.05 14.79 2.62
CA GLY B 279 -36.94 15.35 3.96
C GLY B 279 -36.76 14.30 5.04
N LEU B 280 -37.42 13.14 4.90
CA LEU B 280 -37.33 12.06 5.88
C LEU B 280 -35.94 11.45 5.95
N LYS B 281 -35.13 11.55 4.88
CA LYS B 281 -33.77 11.02 4.88
C LYS B 281 -32.91 11.60 6.02
N THR B 282 -33.20 12.84 6.48
CA THR B 282 -32.49 13.50 7.57
C THR B 282 -33.36 13.75 8.80
N LEU B 283 -34.46 12.97 9.01
CA LEU B 283 -35.35 13.22 10.16
C LEU B 283 -34.66 13.03 11.52
N GLU B 284 -33.87 11.96 11.70
CA GLU B 284 -33.18 11.74 12.97
C GLU B 284 -32.21 12.88 13.29
N ILE B 285 -31.36 13.25 12.32
CA ILE B 285 -30.37 14.31 12.54
C ILE B 285 -31.04 15.69 12.70
N ARG B 286 -32.17 15.94 12.02
CA ARG B 286 -32.87 17.21 12.18
C ARG B 286 -33.54 17.28 13.56
N MET B 287 -34.22 16.21 14.00
CA MET B 287 -34.88 16.21 15.31
C MET B 287 -33.88 16.33 16.44
N GLU B 288 -32.70 15.68 16.32
CA GLU B 288 -31.67 15.78 17.35
C GLU B 288 -31.15 17.23 17.46
N ARG B 289 -30.86 17.88 16.33
CA ARG B 289 -30.36 19.26 16.35
C ARG B 289 -31.45 20.22 16.83
N HIS B 290 -32.70 20.04 16.37
CA HIS B 290 -33.85 20.86 16.78
C HIS B 290 -34.01 20.86 18.31
N CYS B 291 -33.98 19.67 18.94
CA CYS B 291 -34.13 19.52 20.40
C CYS B 291 -32.87 19.97 21.14
N SER B 292 -31.68 19.77 20.55
CA SER B 292 -30.42 20.21 21.14
C SER B 292 -30.43 21.74 21.29
N ASN B 293 -30.85 22.45 20.22
CA ASN B 293 -30.93 23.91 20.25
C ASN B 293 -32.04 24.39 21.17
N ALA B 294 -33.20 23.73 21.14
CA ALA B 294 -34.33 24.13 21.98
C ALA B 294 -34.04 24.02 23.47
N MET B 295 -33.31 22.98 23.92
CA MET B 295 -32.94 22.85 25.33
C MET B 295 -32.04 24.03 25.74
N LYS B 296 -31.13 24.45 24.85
CA LYS B 296 -30.22 25.56 25.11
C LYS B 296 -30.95 26.91 25.11
N VAL B 297 -31.89 27.10 24.18
CA VAL B 297 -32.67 28.34 24.09
C VAL B 297 -33.60 28.45 25.31
N ALA B 298 -34.30 27.37 25.67
CA ALA B 298 -35.22 27.36 26.82
C ALA B 298 -34.53 27.69 28.13
N LYS B 299 -33.31 27.14 28.36
CA LYS B 299 -32.57 27.43 29.59
C LYS B 299 -32.15 28.90 29.62
N PHE B 300 -31.74 29.45 28.45
CA PHE B 300 -31.38 30.86 28.32
C PHE B 300 -32.61 31.74 28.65
N LEU B 301 -33.77 31.42 28.07
CA LEU B 301 -35.00 32.19 28.30
C LEU B 301 -35.43 32.15 29.76
N GLU B 302 -35.31 30.98 30.41
CA GLU B 302 -35.66 30.83 31.81
C GLU B 302 -34.80 31.73 32.70
N GLU B 303 -33.48 31.78 32.44
CA GLU B 303 -32.55 32.61 33.21
C GLU B 303 -32.64 34.12 32.86
N HIS B 304 -33.17 34.49 31.66
CA HIS B 304 -33.27 35.89 31.27
C HIS B 304 -34.26 36.66 32.16
N LYS B 305 -33.93 37.93 32.47
CA LYS B 305 -34.74 38.78 33.37
C LYS B 305 -36.11 39.18 32.80
N ALA B 306 -36.16 39.63 31.54
CA ALA B 306 -37.42 40.04 30.90
C ALA B 306 -38.45 38.92 30.67
N VAL B 307 -38.10 37.64 30.89
CA VAL B 307 -39.03 36.52 30.67
C VAL B 307 -39.70 36.12 32.00
N LYS B 308 -41.05 36.05 32.01
CA LYS B 308 -41.85 35.71 33.19
C LYS B 308 -41.91 34.19 33.47
N LYS B 309 -42.24 33.37 32.46
CA LYS B 309 -42.36 31.92 32.60
C LYS B 309 -42.09 31.23 31.27
N VAL B 310 -41.38 30.10 31.29
CA VAL B 310 -41.04 29.34 30.09
C VAL B 310 -41.60 27.91 30.17
N TYR B 311 -42.46 27.53 29.23
CA TYR B 311 -43.02 26.18 29.13
C TYR B 311 -42.16 25.41 28.11
N TYR B 312 -41.53 24.31 28.54
CA TYR B 312 -40.72 23.45 27.68
C TYR B 312 -40.53 22.07 28.36
N PRO B 313 -40.89 20.92 27.74
CA PRO B 313 -40.75 19.63 28.45
C PRO B 313 -39.36 19.23 28.98
N GLY B 314 -38.31 19.91 28.52
CA GLY B 314 -36.94 19.61 28.92
C GLY B 314 -36.45 20.30 30.19
N LEU B 315 -37.08 21.43 30.56
CA LEU B 315 -36.68 22.15 31.77
C LEU B 315 -37.23 21.45 33.01
N GLU B 316 -36.46 21.46 34.10
CA GLU B 316 -36.89 20.88 35.37
C GLU B 316 -38.15 21.63 35.91
N SER B 317 -38.32 22.92 35.55
CA SER B 317 -39.47 23.73 35.98
C SER B 317 -40.80 23.29 35.34
N PHE B 318 -40.76 22.47 34.28
CA PHE B 318 -41.97 22.01 33.60
C PHE B 318 -42.80 21.16 34.56
N GLU B 319 -44.11 21.39 34.59
CA GLU B 319 -45.01 20.68 35.50
C GLU B 319 -45.07 19.17 35.24
N GLN B 320 -45.20 18.78 33.96
CA GLN B 320 -45.27 17.37 33.57
C GLN B 320 -43.91 16.89 33.06
N TYR B 321 -42.84 17.16 33.82
CA TYR B 321 -41.48 16.77 33.46
C TYR B 321 -41.30 15.25 33.50
N GLU B 322 -41.92 14.57 34.48
CA GLU B 322 -41.82 13.12 34.60
C GLU B 322 -42.51 12.41 33.43
N LEU B 323 -43.67 12.93 32.99
CA LEU B 323 -44.41 12.36 31.86
C LEU B 323 -43.65 12.60 30.54
N ALA B 324 -42.95 13.74 30.41
CA ALA B 324 -42.15 14.04 29.22
C ALA B 324 -41.03 13.02 29.05
N LYS B 325 -40.38 12.62 30.15
CA LYS B 325 -39.32 11.60 30.08
C LYS B 325 -39.93 10.21 29.78
N GLU B 326 -41.12 9.93 30.35
CA GLU B 326 -41.84 8.66 30.20
C GLU B 326 -42.30 8.35 28.76
N GLN B 327 -42.94 9.31 28.06
CA GLN B 327 -43.48 9.06 26.71
C GLN B 327 -42.82 9.83 25.56
N MET B 328 -41.74 10.61 25.80
CA MET B 328 -41.06 11.35 24.74
C MET B 328 -39.55 11.10 24.82
N LYS B 329 -38.91 10.73 23.69
CA LYS B 329 -37.47 10.48 23.65
C LYS B 329 -36.72 11.79 23.90
N LEU B 330 -37.12 12.88 23.22
CA LEU B 330 -36.52 14.19 23.38
C LEU B 330 -37.64 15.22 23.69
N PRO B 331 -37.35 16.35 24.38
CA PRO B 331 -38.42 17.29 24.72
C PRO B 331 -39.04 18.11 23.57
N GLY B 332 -38.57 17.94 22.34
CA GLY B 332 -39.13 18.65 21.19
C GLY B 332 -38.42 19.95 20.86
N ALA B 333 -38.94 20.69 19.87
CA ALA B 333 -38.36 21.93 19.39
C ALA B 333 -39.20 23.18 19.64
N ILE B 334 -40.41 23.04 20.19
CA ILE B 334 -41.30 24.19 20.40
C ILE B 334 -41.18 24.68 21.83
N ILE B 335 -41.15 26.02 22.04
CA ILE B 335 -41.04 26.63 23.36
C ILE B 335 -42.06 27.77 23.46
N ALA B 336 -43.01 27.68 24.40
CA ALA B 336 -43.96 28.76 24.65
C ALA B 336 -43.50 29.51 25.88
N PHE B 337 -43.51 30.85 25.86
CA PHE B 337 -43.07 31.64 27.00
C PHE B 337 -43.80 32.97 27.11
N GLU B 338 -44.01 33.44 28.36
CA GLU B 338 -44.67 34.70 28.66
C GLU B 338 -43.61 35.71 29.10
N LEU B 339 -43.80 36.99 28.75
CA LEU B 339 -42.85 38.04 29.12
C LEU B 339 -43.38 38.92 30.26
N ASN B 340 -42.45 39.57 30.98
CA ASN B 340 -42.80 40.50 32.06
C ASN B 340 -43.21 41.84 31.42
N GLY B 341 -44.38 41.85 30.79
CA GLY B 341 -44.90 43.03 30.12
C GLY B 341 -46.31 42.81 29.62
N GLY B 342 -46.43 42.02 28.55
CA GLY B 342 -47.71 41.70 27.94
C GLY B 342 -47.66 41.65 26.43
N VAL B 343 -48.70 42.19 25.78
CA VAL B 343 -48.78 42.19 24.31
C VAL B 343 -47.86 43.26 23.66
N GLU B 344 -47.78 44.49 24.23
CA GLU B 344 -46.96 45.57 23.68
C GLU B 344 -45.46 45.23 23.69
N GLU B 345 -44.98 44.65 24.78
CA GLU B 345 -43.58 44.24 24.91
C GLU B 345 -43.28 43.08 23.96
N GLY B 346 -44.22 42.15 23.82
CA GLY B 346 -44.09 41.01 22.92
C GLY B 346 -43.99 41.42 21.46
N ILE B 347 -44.70 42.49 21.06
CA ILE B 347 -44.61 43.01 19.69
C ILE B 347 -43.19 43.52 19.46
N LYS B 348 -42.68 44.33 20.39
CA LYS B 348 -41.34 44.90 20.31
C LYS B 348 -40.26 43.83 20.14
N VAL B 349 -40.40 42.69 20.85
CA VAL B 349 -39.43 41.58 20.76
C VAL B 349 -39.51 40.92 19.39
N LEU B 350 -40.72 40.55 18.93
CA LEU B 350 -40.91 39.91 17.63
C LEU B 350 -40.40 40.77 16.47
N ASN B 351 -40.63 42.09 16.52
CA ASN B 351 -40.16 43.02 15.49
C ASN B 351 -38.63 43.24 15.52
N SER B 352 -38.01 43.18 16.71
CA SER B 352 -36.56 43.36 16.85
C SER B 352 -35.73 42.19 16.31
N CYS B 353 -36.32 41.01 16.10
CA CYS B 353 -35.58 39.84 15.62
C CYS B 353 -35.01 40.00 14.20
N LYS B 354 -33.72 39.64 14.02
CA LYS B 354 -33.01 39.70 12.74
C LYS B 354 -32.64 38.29 12.20
N VAL B 355 -32.66 37.25 13.06
CA VAL B 355 -32.38 35.85 12.70
C VAL B 355 -33.69 35.07 12.79
N CYS B 356 -34.39 35.15 13.95
CA CYS B 356 -35.66 34.45 14.15
C CYS B 356 -36.69 35.09 13.22
N THR B 357 -37.20 34.29 12.29
CA THR B 357 -38.14 34.76 11.28
C THR B 357 -39.55 34.89 11.85
N LEU B 358 -40.18 36.06 11.68
CA LEU B 358 -41.53 36.30 12.17
C LEU B 358 -42.53 35.69 11.18
N ALA B 359 -42.97 34.45 11.47
CA ALA B 359 -43.88 33.71 10.60
C ALA B 359 -44.58 32.59 11.38
N VAL B 360 -45.76 32.16 10.88
CA VAL B 360 -46.48 31.02 11.49
C VAL B 360 -45.87 29.69 10.95
N SER B 361 -46.29 28.53 11.48
CA SER B 361 -45.80 27.20 11.12
C SER B 361 -44.59 26.80 12.02
N LEU B 362 -44.16 25.53 11.94
CA LEU B 362 -43.07 24.98 12.74
C LEU B 362 -42.39 23.82 12.01
N GLY B 363 -41.28 23.32 12.55
CA GLY B 363 -40.56 22.20 11.94
C GLY B 363 -39.85 22.58 10.65
N ASP B 364 -39.04 23.64 10.70
CA ASP B 364 -38.29 24.13 9.55
C ASP B 364 -36.87 24.48 9.98
N ALA B 365 -35.95 24.54 9.02
CA ALA B 365 -34.56 24.93 9.28
C ALA B 365 -34.51 26.36 9.83
N GLU B 366 -35.38 27.26 9.33
CA GLU B 366 -35.46 28.63 9.84
C GLU B 366 -36.21 28.62 11.18
N THR B 367 -35.71 29.34 12.18
CA THR B 367 -36.37 29.44 13.48
C THR B 367 -37.53 30.40 13.30
N LEU B 368 -38.75 29.98 13.64
CA LEU B 368 -39.93 30.82 13.47
C LEU B 368 -40.48 31.28 14.83
N ILE B 369 -41.09 32.46 14.85
CA ILE B 369 -41.62 33.08 16.06
C ILE B 369 -42.98 33.75 15.76
N GLN B 370 -43.94 33.68 16.71
CA GLN B 370 -45.27 34.23 16.52
C GLN B 370 -46.04 34.44 17.85
N HIS B 371 -47.20 35.15 17.79
CA HIS B 371 -48.07 35.46 18.92
C HIS B 371 -49.35 34.62 18.76
N PRO B 372 -49.45 33.40 19.35
CA PRO B 372 -50.65 32.58 19.14
C PRO B 372 -52.02 33.23 19.35
N ALA B 373 -52.14 34.18 20.29
CA ALA B 373 -53.42 34.84 20.56
C ALA B 373 -54.01 35.51 19.32
N SER B 374 -53.20 36.23 18.54
CA SER B 374 -53.65 36.93 17.33
C SER B 374 -53.34 36.18 16.03
N MET B 375 -52.53 35.10 16.06
CA MET B 375 -52.13 34.41 14.85
C MET B 375 -52.66 32.95 14.76
N THR B 376 -51.98 31.92 15.34
CA THR B 376 -52.43 30.53 15.18
C THR B 376 -53.78 30.23 15.86
N HIS B 377 -53.92 30.62 17.13
CA HIS B 377 -55.15 30.39 17.87
C HIS B 377 -56.09 31.60 17.82
N SER B 378 -56.21 32.19 16.62
CA SER B 378 -57.13 33.30 16.34
C SER B 378 -58.60 32.82 16.16
N PRO B 379 -58.91 31.59 15.64
CA PRO B 379 -60.32 31.18 15.57
C PRO B 379 -60.96 31.05 16.96
N TYR B 380 -60.16 30.68 17.99
CA TYR B 380 -60.62 30.63 19.39
C TYR B 380 -60.98 32.06 19.84
N THR B 381 -62.08 32.24 20.60
CA THR B 381 -62.41 33.58 21.12
C THR B 381 -61.51 33.86 22.35
N ARG B 382 -61.42 35.13 22.80
CA ARG B 382 -60.59 35.50 23.95
C ARG B 382 -60.93 34.66 25.20
N GLU B 383 -62.22 34.37 25.41
CA GLU B 383 -62.70 33.60 26.55
C GLU B 383 -62.28 32.13 26.42
N GLU B 384 -62.40 31.56 25.21
CA GLU B 384 -62.02 30.17 24.95
C GLU B 384 -60.50 30.00 25.08
N ARG B 385 -59.73 31.00 24.63
CA ARG B 385 -58.26 30.99 24.69
C ARG B 385 -57.78 30.91 26.14
N LEU B 386 -58.33 31.75 27.03
CA LEU B 386 -57.92 31.79 28.43
C LEU B 386 -58.30 30.52 29.19
N LYS B 387 -59.43 29.87 28.81
CA LYS B 387 -59.83 28.60 29.44
C LYS B 387 -58.84 27.50 29.07
N ALA B 388 -58.37 27.47 27.81
CA ALA B 388 -57.41 26.49 27.33
C ALA B 388 -55.98 26.74 27.87
N GLY B 389 -55.57 28.00 27.96
CA GLY B 389 -54.25 28.39 28.43
C GLY B 389 -53.51 29.38 27.55
N ILE B 390 -54.09 29.78 26.40
CA ILE B 390 -53.46 30.74 25.49
C ILE B 390 -53.65 32.13 26.11
N SER B 391 -52.62 32.61 26.82
CA SER B 391 -52.65 33.91 27.47
C SER B 391 -52.25 35.03 26.50
N ASP B 392 -52.59 36.27 26.87
CA ASP B 392 -52.20 37.45 26.08
C ASP B 392 -50.73 37.72 26.39
N GLY B 393 -49.94 37.99 25.36
CA GLY B 393 -48.51 38.20 25.52
C GLY B 393 -47.69 36.92 25.46
N LEU B 394 -48.34 35.74 25.24
CA LEU B 394 -47.64 34.47 25.13
C LEU B 394 -46.98 34.42 23.76
N ILE B 395 -45.73 33.95 23.69
CA ILE B 395 -44.98 33.85 22.44
C ILE B 395 -44.52 32.40 22.24
N ARG B 396 -44.88 31.82 21.08
CA ARG B 396 -44.48 30.48 20.70
C ARG B 396 -43.26 30.59 19.81
N LEU B 397 -42.27 29.70 20.02
CA LEU B 397 -41.03 29.70 19.24
C LEU B 397 -40.73 28.31 18.72
N ALA B 398 -40.72 28.16 17.39
CA ALA B 398 -40.38 26.91 16.72
C ALA B 398 -38.88 26.98 16.44
N VAL B 399 -38.07 26.31 17.25
CA VAL B 399 -36.62 26.39 17.14
C VAL B 399 -36.12 25.61 15.91
N GLY B 400 -35.37 26.30 15.05
CA GLY B 400 -34.84 25.75 13.82
C GLY B 400 -33.52 25.02 13.98
N LEU B 401 -32.81 24.85 12.85
CA LEU B 401 -31.54 24.14 12.77
C LEU B 401 -30.32 25.07 12.73
N GLU B 402 -30.48 26.38 12.98
CA GLU B 402 -29.32 27.30 12.99
C GLU B 402 -28.48 27.02 14.26
N ASN B 403 -27.26 27.58 14.33
CA ASN B 403 -26.41 27.38 15.51
C ASN B 403 -27.06 28.08 16.70
N ALA B 404 -27.29 27.33 17.80
CA ALA B 404 -27.93 27.85 19.00
C ALA B 404 -27.32 29.16 19.51
N GLU B 405 -26.02 29.37 19.26
CA GLU B 405 -25.30 30.57 19.67
C GLU B 405 -25.93 31.80 18.99
N ASP B 406 -26.27 31.69 17.70
CA ASP B 406 -26.85 32.78 16.92
C ASP B 406 -28.33 33.00 17.23
N ILE B 407 -29.07 31.94 17.59
CA ILE B 407 -30.48 32.05 17.95
C ILE B 407 -30.56 32.79 19.29
N ILE B 408 -29.75 32.34 20.27
CA ILE B 408 -29.69 32.94 21.61
C ILE B 408 -29.22 34.40 21.51
N ALA B 409 -28.20 34.71 20.69
CA ALA B 409 -27.72 36.09 20.53
C ALA B 409 -28.80 37.00 19.96
N ASP B 410 -29.60 36.51 19.01
CA ASP B 410 -30.68 37.28 18.42
C ASP B 410 -31.78 37.54 19.44
N LEU B 411 -32.16 36.52 20.22
CA LEU B 411 -33.19 36.67 21.23
C LEU B 411 -32.73 37.59 22.35
N LYS B 412 -31.44 37.54 22.73
CA LYS B 412 -30.91 38.40 23.77
C LYS B 412 -31.00 39.88 23.40
N GLN B 413 -30.53 40.27 22.20
CA GLN B 413 -30.61 41.67 21.76
C GLN B 413 -32.05 42.18 21.66
N ALA B 414 -33.04 41.29 21.42
CA ALA B 414 -34.45 41.67 21.33
C ALA B 414 -35.07 41.80 22.73
N LEU B 415 -34.74 40.87 23.65
CA LEU B 415 -35.27 40.88 25.00
C LEU B 415 -34.63 41.95 25.88
N ASP B 416 -33.34 42.29 25.64
CA ASP B 416 -32.66 43.32 26.43
C ASP B 416 -33.26 44.72 26.20
N ALA B 417 -33.87 44.96 25.03
CA ALA B 417 -34.51 46.25 24.72
C ALA B 417 -35.73 46.53 25.59
N ILE B 418 -36.47 45.48 26.03
CA ILE B 418 -37.68 45.66 26.84
C ILE B 418 -37.41 45.60 28.38
N ILE B 419 -36.14 45.52 28.83
CA ILE B 419 -35.85 45.48 30.27
C ILE B 419 -36.05 46.88 30.84
N SER C 19 -31.43 40.33 -1.15
CA SER C 19 -30.63 39.71 -0.10
C SER C 19 -30.90 40.37 1.26
N HIS C 20 -31.60 39.66 2.17
CA HIS C 20 -31.91 40.21 3.49
C HIS C 20 -30.70 40.13 4.42
N MET C 21 -30.02 38.95 4.49
CA MET C 21 -28.87 38.84 5.38
C MET C 21 -27.63 39.22 4.60
N ASP C 22 -27.13 40.45 4.81
CA ASP C 22 -25.93 40.95 4.11
C ASP C 22 -24.66 40.21 4.55
N ARG C 23 -23.62 40.26 3.72
CA ARG C 23 -22.35 39.57 3.98
C ARG C 23 -21.67 40.01 5.28
N GLU C 24 -21.75 41.30 5.64
CA GLU C 24 -21.16 41.81 6.88
C GLU C 24 -21.84 41.20 8.12
N PHE C 25 -23.17 41.01 8.07
CA PHE C 25 -23.90 40.42 9.19
C PHE C 25 -23.60 38.91 9.29
N ALA C 26 -23.55 38.22 8.14
CA ALA C 26 -23.28 36.78 8.08
C ALA C 26 -21.86 36.41 8.56
N LYS C 27 -20.91 37.36 8.53
CA LYS C 27 -19.52 37.14 8.95
C LYS C 27 -19.41 36.47 10.33
N ASN C 28 -20.08 37.03 11.35
CA ASN C 28 -20.03 36.50 12.72
C ASN C 28 -20.95 35.29 12.96
N MET C 29 -21.85 34.97 12.02
CA MET C 29 -22.77 33.85 12.16
C MET C 29 -22.05 32.52 11.92
N GLY C 30 -22.61 31.44 12.47
CA GLY C 30 -22.07 30.10 12.30
C GLY C 30 -22.33 29.52 10.92
N PHE C 31 -21.83 28.30 10.67
CA PHE C 31 -21.99 27.68 9.35
C PHE C 31 -23.46 27.32 9.07
N SER C 32 -24.12 26.60 9.97
CA SER C 32 -25.52 26.19 9.80
C SER C 32 -26.44 27.41 9.58
N THR C 33 -26.23 28.49 10.34
CA THR C 33 -27.01 29.72 10.23
C THR C 33 -26.83 30.33 8.83
N LYS C 34 -25.58 30.36 8.31
CA LYS C 34 -25.28 30.90 6.99
C LYS C 34 -25.89 30.01 5.89
N ALA C 35 -25.76 28.69 6.01
CA ALA C 35 -26.33 27.77 5.03
C ALA C 35 -27.87 27.86 4.93
N ILE C 36 -28.54 28.45 5.94
CA ILE C 36 -29.99 28.61 5.97
C ILE C 36 -30.41 30.03 5.55
N HIS C 37 -29.78 31.07 6.14
CA HIS C 37 -30.17 32.47 5.90
C HIS C 37 -29.31 33.30 4.93
N ALA C 38 -27.99 33.01 4.78
CA ALA C 38 -27.14 33.82 3.90
C ALA C 38 -27.51 33.64 2.42
N GLY C 39 -27.48 34.74 1.68
CA GLY C 39 -27.81 34.74 0.25
C GLY C 39 -29.30 34.81 -0.06
N ASN C 40 -30.17 34.47 0.91
CA ASN C 40 -31.62 34.48 0.70
C ASN C 40 -32.13 35.90 0.47
N HIS C 41 -33.13 36.05 -0.43
CA HIS C 41 -33.70 37.34 -0.81
C HIS C 41 -35.14 37.50 -0.35
N LYS C 42 -35.45 38.63 0.32
CA LYS C 42 -36.82 38.95 0.75
C LYS C 42 -37.65 39.38 -0.47
N ASN C 43 -38.56 38.52 -0.92
CA ASN C 43 -39.39 38.82 -2.09
C ASN C 43 -40.69 39.57 -1.71
N GLU C 44 -41.40 40.13 -2.72
CA GLU C 44 -42.65 40.90 -2.52
C GLU C 44 -43.72 40.16 -1.71
N PHE C 45 -43.84 38.83 -1.85
CA PHE C 45 -44.81 38.03 -1.10
C PHE C 45 -44.26 37.54 0.26
N GLY C 46 -42.95 37.55 0.44
CA GLY C 46 -42.32 37.13 1.68
C GLY C 46 -42.34 35.64 1.87
N THR C 47 -42.11 34.87 0.81
CA THR C 47 -42.11 33.40 0.93
C THR C 47 -40.87 32.99 1.71
N LEU C 48 -41.03 32.10 2.69
CA LEU C 48 -39.90 31.64 3.49
C LEU C 48 -38.94 30.84 2.60
N ALA C 49 -39.50 29.90 1.81
CA ALA C 49 -38.70 29.13 0.86
C ALA C 49 -38.40 29.99 -0.36
N THR C 50 -37.22 29.81 -0.97
CA THR C 50 -36.85 30.58 -2.15
C THR C 50 -37.77 30.15 -3.31
N PRO C 51 -38.49 31.04 -4.03
CA PRO C 51 -39.36 30.56 -5.11
C PRO C 51 -38.58 29.88 -6.23
N ILE C 52 -39.23 28.93 -6.93
CA ILE C 52 -38.59 28.27 -8.05
C ILE C 52 -39.01 29.07 -9.27
N TYR C 53 -38.18 30.03 -9.68
CA TYR C 53 -38.40 30.86 -10.84
C TYR C 53 -38.11 30.03 -12.10
N GLN C 54 -38.97 29.03 -12.37
CA GLN C 54 -38.83 28.15 -13.51
C GLN C 54 -39.32 28.89 -14.75
N THR C 55 -38.43 29.70 -15.33
CA THR C 55 -38.68 30.52 -16.51
C THR C 55 -37.49 30.43 -17.47
N ALA C 56 -37.71 30.79 -18.73
CA ALA C 56 -36.65 30.78 -19.73
C ALA C 56 -36.20 32.21 -20.01
N THR C 57 -37.16 33.15 -20.13
CA THR C 57 -36.87 34.57 -20.42
C THR C 57 -37.55 35.49 -19.40
N PHE C 58 -37.07 36.76 -19.36
CA PHE C 58 -37.57 37.78 -18.44
C PHE C 58 -38.01 39.01 -19.26
N VAL C 59 -39.02 39.73 -18.75
CA VAL C 59 -39.66 40.87 -19.39
C VAL C 59 -39.00 42.17 -18.95
N PHE C 60 -38.69 43.06 -19.91
CA PHE C 60 -38.09 44.36 -19.63
C PHE C 60 -39.19 45.41 -19.55
N ASP C 61 -39.04 46.38 -18.65
CA ASP C 61 -40.01 47.47 -18.49
C ASP C 61 -40.00 48.42 -19.69
N SER C 62 -38.83 48.57 -20.35
CA SER C 62 -38.67 49.44 -21.52
C SER C 62 -37.56 48.90 -22.43
N ALA C 63 -37.54 49.35 -23.71
CA ALA C 63 -36.50 48.95 -24.65
C ALA C 63 -35.12 49.41 -24.17
N GLN C 64 -35.05 50.58 -23.50
CA GLN C 64 -33.81 51.10 -22.94
C GLN C 64 -33.30 50.17 -21.85
N GLN C 65 -34.19 49.69 -20.95
CA GLN C 65 -33.82 48.76 -19.88
C GLN C 65 -33.19 47.48 -20.45
N GLY C 66 -33.80 46.93 -21.50
CA GLY C 66 -33.28 45.73 -22.15
C GLY C 66 -31.89 45.94 -22.72
N GLY C 67 -31.69 47.07 -23.40
CA GLY C 67 -30.40 47.43 -23.97
C GLY C 67 -29.32 47.65 -22.93
N ASN C 68 -29.68 48.32 -21.80
CA ASN C 68 -28.74 48.57 -20.71
C ASN C 68 -28.31 47.28 -20.03
N ARG C 69 -29.24 46.33 -19.81
CA ARG C 69 -28.92 45.06 -19.16
C ARG C 69 -27.96 44.22 -20.00
N PHE C 70 -28.14 44.19 -21.34
CA PHE C 70 -27.23 43.45 -22.22
C PHE C 70 -25.83 44.07 -22.24
N ALA C 71 -25.75 45.41 -22.15
CA ALA C 71 -24.47 46.13 -22.11
C ALA C 71 -23.80 46.14 -20.72
N GLY C 72 -24.41 45.50 -19.71
CA GLY C 72 -23.87 45.47 -18.36
C GLY C 72 -23.97 46.79 -17.60
N LYS C 73 -24.78 47.73 -18.10
CA LYS C 73 -24.97 49.05 -17.50
C LYS C 73 -26.00 49.04 -16.36
N GLU C 74 -27.02 48.17 -16.45
CA GLU C 74 -28.09 48.07 -15.44
C GLU C 74 -28.24 46.63 -14.95
N GLU C 75 -28.43 46.45 -13.63
CA GLU C 75 -28.63 45.12 -13.06
C GLU C 75 -30.04 44.61 -13.41
N GLY C 76 -30.18 43.30 -13.47
CA GLY C 76 -31.44 42.65 -13.79
C GLY C 76 -31.25 41.37 -14.59
N TYR C 77 -32.36 40.68 -14.87
CA TYR C 77 -32.30 39.43 -15.60
C TYR C 77 -32.74 39.58 -17.06
N ILE C 78 -32.20 38.71 -17.92
CA ILE C 78 -32.47 38.70 -19.36
C ILE C 78 -32.93 37.29 -19.81
N TYR C 79 -32.14 36.26 -19.47
CA TYR C 79 -32.36 34.87 -19.90
C TYR C 79 -31.76 33.92 -18.84
N THR C 80 -32.40 32.77 -18.60
CA THR C 80 -31.96 31.82 -17.57
C THR C 80 -30.53 31.25 -17.83
N ARG C 81 -30.12 31.07 -19.09
CA ARG C 81 -28.73 30.62 -19.37
C ARG C 81 -27.71 31.65 -18.85
N LEU C 82 -28.06 32.95 -18.90
CA LEU C 82 -27.21 34.02 -18.40
C LEU C 82 -27.33 34.13 -16.86
N GLY C 83 -28.56 34.05 -16.35
CA GLY C 83 -28.81 34.11 -14.91
C GLY C 83 -30.27 33.93 -14.56
N ASN C 84 -30.55 33.49 -13.32
CA ASN C 84 -31.92 33.26 -12.82
C ASN C 84 -31.98 33.59 -11.30
N PRO C 85 -33.07 34.18 -10.73
CA PRO C 85 -33.03 34.50 -9.29
C PRO C 85 -32.89 33.33 -8.33
N THR C 86 -33.42 32.14 -8.65
CA THR C 86 -33.24 30.97 -7.78
C THR C 86 -31.75 30.59 -7.71
N VAL C 87 -31.07 30.65 -8.88
CA VAL C 87 -29.66 30.30 -9.00
C VAL C 87 -28.79 31.37 -8.29
N THR C 88 -29.15 32.65 -8.41
CA THR C 88 -28.43 33.76 -7.75
C THR C 88 -28.35 33.58 -6.23
N VAL C 89 -29.46 33.19 -5.60
CA VAL C 89 -29.52 32.98 -4.14
C VAL C 89 -28.54 31.84 -3.77
N LEU C 90 -28.54 30.77 -4.56
CA LEU C 90 -27.64 29.61 -4.36
C LEU C 90 -26.17 29.98 -4.59
N GLU C 91 -25.87 30.80 -5.62
CA GLU C 91 -24.52 31.25 -5.93
C GLU C 91 -23.97 32.13 -4.80
N GLU C 92 -24.77 33.09 -4.32
CA GLU C 92 -24.35 33.96 -3.22
C GLU C 92 -24.13 33.15 -1.94
N LYS C 93 -25.01 32.17 -1.68
CA LYS C 93 -24.90 31.31 -0.50
C LYS C 93 -23.59 30.50 -0.53
N ILE C 94 -23.25 29.89 -1.69
CA ILE C 94 -22.03 29.08 -1.82
C ILE C 94 -20.77 29.96 -1.68
N ALA C 95 -20.75 31.12 -2.35
CA ALA C 95 -19.60 32.04 -2.27
C ALA C 95 -19.35 32.53 -0.83
N ILE C 96 -20.43 32.77 -0.06
CA ILE C 96 -20.31 33.20 1.34
C ILE C 96 -19.67 32.08 2.19
N LEU C 97 -20.12 30.84 1.99
CA LEU C 97 -19.59 29.70 2.76
C LEU C 97 -18.12 29.42 2.41
N GLU C 98 -17.77 29.43 1.12
CA GLU C 98 -16.39 29.21 0.67
C GLU C 98 -15.44 30.39 0.94
N GLY C 99 -15.98 31.57 1.20
CA GLY C 99 -15.17 32.75 1.43
C GLY C 99 -14.64 33.37 0.14
N GLY C 100 -15.39 33.21 -0.95
CA GLY C 100 -15.05 33.73 -2.26
C GLY C 100 -15.89 34.95 -2.62
N GLU C 101 -15.43 35.74 -3.59
CA GLU C 101 -16.13 36.95 -4.01
C GLU C 101 -17.43 36.61 -4.74
N ALA C 102 -17.37 35.63 -5.67
CA ALA C 102 -18.51 35.27 -6.51
C ALA C 102 -18.53 33.77 -6.85
N CYS C 103 -19.71 33.27 -7.25
CA CYS C 103 -19.92 31.88 -7.66
C CYS C 103 -20.85 31.83 -8.87
N VAL C 104 -20.75 30.75 -9.66
CA VAL C 104 -21.62 30.54 -10.81
C VAL C 104 -21.94 29.04 -10.89
N ALA C 105 -23.23 28.70 -10.90
CA ALA C 105 -23.68 27.31 -10.92
C ALA C 105 -23.74 26.74 -12.32
N THR C 106 -23.53 25.42 -12.44
CA THR C 106 -23.56 24.67 -13.70
C THR C 106 -24.46 23.43 -13.57
N SER C 107 -24.85 22.85 -14.71
CA SER C 107 -25.70 21.66 -14.75
C SER C 107 -25.01 20.36 -14.32
N SER C 108 -23.70 20.39 -14.01
CA SER C 108 -22.96 19.21 -13.57
C SER C 108 -21.59 19.60 -12.99
N GLY C 109 -20.97 18.68 -12.26
CA GLY C 109 -19.63 18.89 -11.70
C GLY C 109 -18.61 19.06 -12.82
N MET C 110 -18.74 18.27 -13.89
CA MET C 110 -17.88 18.38 -15.07
C MET C 110 -18.10 19.68 -15.83
N GLY C 111 -19.33 20.22 -15.80
CA GLY C 111 -19.65 21.49 -16.42
C GLY C 111 -18.92 22.64 -15.73
N ALA C 112 -18.77 22.56 -14.40
CA ALA C 112 -18.03 23.55 -13.63
C ALA C 112 -16.53 23.46 -13.93
N ILE C 113 -16.00 22.23 -14.00
CA ILE C 113 -14.57 22.01 -14.29
C ILE C 113 -14.23 22.50 -15.69
N SER C 114 -15.00 22.06 -16.70
CA SER C 114 -14.76 22.43 -18.09
C SER C 114 -14.96 23.93 -18.35
N SER C 115 -16.03 24.55 -17.85
CA SER C 115 -16.27 25.98 -18.08
C SER C 115 -15.15 26.86 -17.52
N ALA C 116 -14.63 26.52 -16.32
CA ALA C 116 -13.54 27.28 -15.73
C ALA C 116 -12.24 27.10 -16.52
N LEU C 117 -11.91 25.87 -16.93
CA LEU C 117 -10.68 25.62 -17.68
C LEU C 117 -10.76 26.15 -19.12
N TRP C 118 -11.92 26.07 -19.79
CA TRP C 118 -12.09 26.62 -21.13
C TRP C 118 -11.89 28.15 -21.10
N THR C 119 -12.39 28.82 -20.04
CA THR C 119 -12.26 30.26 -19.87
C THR C 119 -10.81 30.69 -19.56
N ALA C 120 -10.17 30.04 -18.59
CA ALA C 120 -8.82 30.40 -18.16
C ALA C 120 -7.72 30.02 -19.16
N LEU C 121 -7.97 29.06 -20.07
CA LEU C 121 -6.94 28.59 -20.99
C LEU C 121 -7.22 28.93 -22.46
N LYS C 122 -6.16 28.82 -23.29
CA LYS C 122 -6.18 29.02 -24.74
C LYS C 122 -5.10 28.11 -25.38
N ALA C 123 -5.09 27.97 -26.73
CA ALA C 123 -4.07 27.15 -27.39
C ALA C 123 -2.68 27.74 -27.13
N GLY C 124 -1.74 26.89 -26.75
CA GLY C 124 -0.38 27.30 -26.42
C GLY C 124 -0.10 27.30 -24.93
N ASP C 125 -1.15 27.26 -24.07
CA ASP C 125 -0.97 27.24 -22.63
C ASP C 125 -0.62 25.83 -22.12
N HIS C 126 -0.03 25.77 -20.91
CA HIS C 126 0.34 24.52 -20.25
C HIS C 126 -0.36 24.42 -18.89
N VAL C 127 -0.70 23.18 -18.47
CA VAL C 127 -1.37 22.93 -17.20
C VAL C 127 -0.60 21.85 -16.44
N VAL C 128 -0.45 22.02 -15.12
CA VAL C 128 0.19 21.03 -14.25
C VAL C 128 -0.94 20.45 -13.41
N ALA C 129 -1.37 19.23 -13.74
CA ALA C 129 -2.48 18.58 -13.05
C ALA C 129 -2.00 17.46 -12.13
N ALA C 130 -2.80 17.10 -11.12
CA ALA C 130 -2.47 16.03 -10.20
C ALA C 130 -2.61 14.67 -10.90
N ASP C 131 -1.78 13.70 -10.50
CA ASP C 131 -1.82 12.37 -11.11
C ASP C 131 -3.08 11.59 -10.73
N THR C 132 -3.55 11.75 -9.48
CA THR C 132 -4.76 11.09 -9.00
C THR C 132 -5.93 12.07 -9.05
N LEU C 133 -6.81 11.92 -10.04
CA LEU C 133 -7.97 12.78 -10.22
C LEU C 133 -9.20 11.94 -10.58
N TYR C 134 -10.39 12.57 -10.56
CA TYR C 134 -11.65 11.95 -10.95
C TYR C 134 -11.55 11.48 -12.42
N GLY C 135 -12.03 10.26 -12.70
CA GLY C 135 -11.96 9.65 -14.02
C GLY C 135 -12.23 10.54 -15.22
N CYS C 136 -13.38 11.24 -15.21
CA CYS C 136 -13.76 12.12 -16.32
C CYS C 136 -12.92 13.39 -16.35
N THR C 137 -12.42 13.87 -15.21
CA THR C 137 -11.53 15.04 -15.17
C THR C 137 -10.23 14.70 -15.87
N PHE C 138 -9.68 13.50 -15.59
CA PHE C 138 -8.47 13.01 -16.25
C PHE C 138 -8.69 12.89 -17.75
N ALA C 139 -9.87 12.41 -18.18
CA ALA C 139 -10.21 12.28 -19.60
C ALA C 139 -10.31 13.65 -20.29
N TYR C 140 -10.92 14.64 -19.62
CA TYR C 140 -11.05 16.01 -20.16
C TYR C 140 -9.67 16.66 -20.33
N LEU C 141 -8.71 16.35 -19.44
CA LEU C 141 -7.38 16.95 -19.52
C LEU C 141 -6.48 16.18 -20.51
N SER C 142 -6.43 14.83 -20.42
CA SER C 142 -5.58 14.00 -21.27
C SER C 142 -6.06 13.87 -22.70
N HIS C 143 -7.37 13.71 -22.93
CA HIS C 143 -7.93 13.52 -24.27
C HIS C 143 -8.65 14.75 -24.83
N GLY C 144 -9.07 15.67 -23.96
CA GLY C 144 -9.77 16.88 -24.39
C GLY C 144 -8.89 18.06 -24.67
N LEU C 145 -8.29 18.64 -23.61
CA LEU C 145 -7.44 19.83 -23.74
C LEU C 145 -6.20 19.57 -24.60
N THR C 146 -5.64 18.34 -24.58
CA THR C 146 -4.48 18.02 -25.43
C THR C 146 -4.88 18.06 -26.91
N ARG C 147 -6.09 17.60 -27.23
CA ARG C 147 -6.65 17.62 -28.58
C ARG C 147 -6.75 19.08 -29.13
N TYR C 148 -6.81 20.10 -28.24
CA TYR C 148 -6.96 21.50 -28.61
C TYR C 148 -5.71 22.35 -28.31
N GLY C 149 -4.54 21.80 -28.63
CA GLY C 149 -3.27 22.49 -28.46
C GLY C 149 -2.94 23.00 -27.07
N VAL C 150 -3.17 22.19 -26.03
CA VAL C 150 -2.86 22.56 -24.65
C VAL C 150 -2.07 21.41 -24.04
N GLU C 151 -0.83 21.68 -23.61
CA GLU C 151 0.03 20.66 -23.01
C GLU C 151 -0.37 20.48 -21.55
N VAL C 152 -0.49 19.23 -21.07
CA VAL C 152 -0.82 18.96 -19.67
C VAL C 152 0.19 17.95 -19.11
N THR C 153 0.81 18.27 -17.95
CA THR C 153 1.78 17.41 -17.29
C THR C 153 1.19 16.91 -15.97
N PHE C 154 1.04 15.59 -15.81
CA PHE C 154 0.48 14.97 -14.61
C PHE C 154 1.61 14.57 -13.66
N VAL C 155 1.52 14.97 -12.38
CA VAL C 155 2.57 14.72 -11.37
C VAL C 155 2.00 14.24 -10.03
N ASP C 156 2.83 13.56 -9.21
CA ASP C 156 2.41 13.12 -7.88
C ASP C 156 2.37 14.38 -7.01
N ALA C 157 1.19 14.96 -6.85
CA ALA C 157 0.99 16.21 -6.13
C ALA C 157 1.17 16.13 -4.60
N SER C 158 1.33 14.93 -4.00
CA SER C 158 1.54 14.81 -2.55
C SER C 158 2.84 15.52 -2.16
N ASN C 159 3.90 15.38 -2.98
CA ASN C 159 5.16 16.07 -2.78
C ASN C 159 5.08 17.35 -3.64
N PRO C 160 4.91 18.58 -3.08
CA PRO C 160 4.78 19.76 -3.96
C PRO C 160 5.98 20.08 -4.85
N GLU C 161 7.16 19.51 -4.57
CA GLU C 161 8.35 19.76 -5.40
C GLU C 161 8.16 19.27 -6.84
N ASN C 162 7.34 18.22 -7.05
CA ASN C 162 7.09 17.72 -8.41
C ASN C 162 6.34 18.76 -9.25
N ILE C 163 5.42 19.51 -8.62
CA ILE C 163 4.65 20.56 -9.31
C ILE C 163 5.60 21.67 -9.76
N LYS C 164 6.51 22.12 -8.87
CA LYS C 164 7.47 23.17 -9.21
C LYS C 164 8.41 22.74 -10.34
N GLU C 165 8.79 21.45 -10.37
CA GLU C 165 9.67 20.93 -11.43
C GLU C 165 8.93 20.94 -12.77
N ALA C 166 7.64 20.54 -12.78
CA ALA C 166 6.83 20.53 -14.00
C ALA C 166 6.36 21.93 -14.46
N MET C 167 6.66 22.99 -13.70
CA MET C 167 6.27 24.36 -14.08
C MET C 167 7.03 24.78 -15.34
N ARG C 168 6.37 25.56 -16.21
CA ARG C 168 6.94 26.06 -17.46
C ARG C 168 6.59 27.56 -17.64
N PRO C 169 7.27 28.34 -18.51
CA PRO C 169 6.87 29.76 -18.68
C PRO C 169 5.45 29.98 -19.17
N ASN C 170 4.82 28.95 -19.79
CA ASN C 170 3.45 29.03 -20.30
C ASN C 170 2.42 28.30 -19.40
N THR C 171 2.79 27.90 -18.16
CA THR C 171 1.86 27.22 -17.27
C THR C 171 0.91 28.25 -16.68
N LYS C 172 -0.31 28.34 -17.24
CA LYS C 172 -1.31 29.31 -16.81
C LYS C 172 -2.23 28.80 -15.70
N ALA C 173 -2.21 27.49 -15.37
CA ALA C 173 -3.06 26.93 -14.32
C ALA C 173 -2.50 25.64 -13.73
N ILE C 174 -2.88 25.36 -12.47
CA ILE C 174 -2.51 24.14 -11.73
C ILE C 174 -3.83 23.60 -11.19
N TYR C 175 -4.19 22.36 -11.54
CA TYR C 175 -5.43 21.74 -11.09
C TYR C 175 -5.14 20.65 -10.07
N ILE C 176 -5.75 20.74 -8.87
CA ILE C 176 -5.57 19.75 -7.79
C ILE C 176 -6.93 19.31 -7.21
N GLU C 177 -6.94 18.16 -6.54
CA GLU C 177 -8.13 17.56 -5.92
C GLU C 177 -7.66 16.92 -4.61
N THR C 178 -8.14 17.36 -3.45
CA THR C 178 -7.69 16.84 -2.16
C THR C 178 -8.85 16.68 -1.13
N PRO C 179 -9.16 15.46 -0.62
CA PRO C 179 -8.57 14.13 -0.94
C PRO C 179 -8.87 13.69 -2.38
N ALA C 180 -8.21 12.62 -2.83
CA ALA C 180 -8.40 12.13 -4.19
C ALA C 180 -8.28 10.62 -4.27
N ASN C 181 -9.13 9.98 -5.07
CA ASN C 181 -9.11 8.53 -5.25
C ASN C 181 -7.79 8.10 -5.96
N PRO C 182 -7.26 6.87 -5.77
CA PRO C 182 -7.79 5.71 -5.03
C PRO C 182 -7.61 5.74 -3.50
N ASN C 183 -6.39 6.02 -3.01
CA ASN C 183 -6.07 5.96 -1.59
C ASN C 183 -6.36 7.24 -0.78
N LEU C 184 -7.25 8.12 -1.27
CA LEU C 184 -7.58 9.40 -0.60
C LEU C 184 -6.32 10.22 -0.30
N LYS C 185 -5.50 10.45 -1.33
CA LYS C 185 -4.25 11.17 -1.20
C LYS C 185 -4.53 12.67 -1.01
N LEU C 186 -3.78 13.31 -0.10
CA LEU C 186 -3.94 14.74 0.22
C LEU C 186 -2.86 15.59 -0.45
N ILE C 187 -3.15 16.91 -0.61
CA ILE C 187 -2.23 17.87 -1.21
C ILE C 187 -2.29 19.15 -0.36
N ASP C 188 -1.12 19.66 0.09
CA ASP C 188 -1.09 20.88 0.89
C ASP C 188 -1.43 22.06 -0.04
N ILE C 189 -2.63 22.64 0.14
CA ILE C 189 -3.12 23.74 -0.71
C ILE C 189 -2.26 24.99 -0.56
N LYS C 190 -1.95 25.39 0.69
CA LYS C 190 -1.17 26.60 0.96
C LYS C 190 0.22 26.55 0.30
N LYS C 191 0.86 25.37 0.23
CA LYS C 191 2.18 25.23 -0.41
C LYS C 191 2.06 25.30 -1.94
N VAL C 192 1.02 24.68 -2.52
CA VAL C 192 0.82 24.69 -3.97
C VAL C 192 0.43 26.11 -4.45
N ALA C 193 -0.32 26.87 -3.63
CA ALA C 193 -0.68 28.25 -3.96
C ALA C 193 0.57 29.13 -4.03
N GLU C 194 1.56 28.90 -3.15
CA GLU C 194 2.82 29.64 -3.18
C GLU C 194 3.59 29.38 -4.50
N ILE C 195 3.50 28.14 -5.02
CA ILE C 195 4.14 27.74 -6.27
C ILE C 195 3.40 28.40 -7.44
N ALA C 196 2.07 28.34 -7.44
CA ALA C 196 1.24 28.94 -8.49
C ALA C 196 1.45 30.46 -8.58
N HIS C 197 1.54 31.15 -7.42
CA HIS C 197 1.70 32.60 -7.40
C HIS C 197 3.15 33.08 -7.57
N SER C 198 4.12 32.16 -7.77
CA SER C 198 5.50 32.55 -8.07
C SER C 198 5.56 33.15 -9.50
N LYS C 199 4.74 32.60 -10.44
CA LYS C 199 4.58 33.07 -11.81
C LYS C 199 3.48 34.15 -11.83
N GLU C 200 3.61 35.17 -12.70
CA GLU C 200 2.61 36.25 -12.81
C GLU C 200 1.23 35.74 -13.27
N ASP C 201 1.17 35.01 -14.41
CA ASP C 201 -0.11 34.54 -14.96
C ASP C 201 -0.32 33.04 -14.72
N CYS C 202 -0.67 32.67 -13.49
CA CYS C 202 -0.95 31.28 -13.14
C CYS C 202 -1.92 31.23 -11.98
N ILE C 203 -2.93 30.35 -12.05
CA ILE C 203 -3.96 30.20 -11.02
C ILE C 203 -4.02 28.77 -10.49
N LEU C 204 -4.60 28.59 -9.30
CA LEU C 204 -4.75 27.27 -8.68
C LEU C 204 -6.23 26.94 -8.57
N ILE C 205 -6.66 25.85 -9.24
CA ILE C 205 -8.04 25.38 -9.20
C ILE C 205 -8.07 24.15 -8.30
N VAL C 206 -8.93 24.16 -7.27
CA VAL C 206 -9.04 23.05 -6.32
C VAL C 206 -10.45 22.47 -6.39
N ASP C 207 -10.57 21.15 -6.56
CA ASP C 207 -11.86 20.47 -6.59
C ASP C 207 -12.21 20.09 -5.14
N ASN C 208 -13.04 20.92 -4.48
CA ASN C 208 -13.44 20.74 -3.09
C ASN C 208 -14.76 19.96 -2.95
N THR C 209 -14.98 18.97 -3.83
CA THR C 209 -16.21 18.16 -3.82
C THR C 209 -16.33 17.33 -2.52
N PHE C 210 -15.29 16.56 -2.19
CA PHE C 210 -15.25 15.67 -1.03
C PHE C 210 -15.41 16.40 0.32
N CYS C 211 -14.74 17.54 0.48
CA CYS C 211 -14.74 18.27 1.75
C CYS C 211 -15.95 19.18 1.98
N THR C 212 -16.35 20.01 0.98
CA THR C 212 -17.42 21.03 1.10
C THR C 212 -16.87 22.24 1.94
N PRO C 213 -17.40 23.48 1.84
CA PRO C 213 -16.81 24.58 2.64
C PRO C 213 -16.92 24.41 4.17
N TYR C 214 -17.61 23.36 4.65
CA TYR C 214 -17.70 23.10 6.07
C TYR C 214 -16.41 22.48 6.60
N ILE C 215 -15.76 21.61 5.79
CA ILE C 215 -14.52 20.94 6.16
C ILE C 215 -13.29 21.72 5.69
N GLN C 216 -13.25 22.07 4.39
CA GLN C 216 -12.11 22.75 3.77
C GLN C 216 -12.58 23.97 2.97
N ARG C 217 -11.79 25.06 3.01
CA ARG C 217 -12.06 26.29 2.27
C ARG C 217 -10.75 26.67 1.55
N PRO C 218 -10.48 26.11 0.36
CA PRO C 218 -9.20 26.39 -0.31
C PRO C 218 -8.90 27.86 -0.64
N ILE C 219 -9.92 28.71 -0.83
CA ILE C 219 -9.69 30.13 -1.12
C ILE C 219 -8.93 30.81 0.03
N GLU C 220 -9.30 30.50 1.28
CA GLU C 220 -8.62 31.05 2.47
C GLU C 220 -7.17 30.55 2.56
N LEU C 221 -6.92 29.30 2.14
CA LEU C 221 -5.57 28.72 2.16
C LEU C 221 -4.67 29.25 1.02
N GLY C 222 -5.26 29.83 -0.03
CA GLY C 222 -4.49 30.38 -1.14
C GLY C 222 -5.03 30.18 -2.54
N ALA C 223 -5.95 29.21 -2.75
CA ALA C 223 -6.49 28.94 -4.08
C ALA C 223 -7.24 30.13 -4.67
N ASP C 224 -7.17 30.26 -6.00
CA ASP C 224 -7.82 31.34 -6.73
C ASP C 224 -9.24 30.90 -7.11
N VAL C 225 -9.37 29.65 -7.61
CA VAL C 225 -10.65 29.09 -8.06
C VAL C 225 -10.92 27.77 -7.30
N VAL C 226 -12.19 27.53 -6.95
CA VAL C 226 -12.65 26.32 -6.27
C VAL C 226 -13.83 25.78 -7.05
N VAL C 227 -13.76 24.51 -7.48
CA VAL C 227 -14.83 23.86 -8.22
C VAL C 227 -15.46 22.77 -7.36
N HIS C 228 -16.75 22.51 -7.58
CA HIS C 228 -17.51 21.52 -6.82
C HIS C 228 -18.40 20.70 -7.75
N SER C 229 -18.79 19.51 -7.28
CA SER C 229 -19.77 18.66 -7.93
C SER C 229 -20.89 18.61 -6.93
N ALA C 230 -21.76 19.63 -6.96
CA ALA C 230 -22.92 19.76 -6.07
C ALA C 230 -23.74 18.49 -5.94
N THR C 231 -23.69 17.60 -6.95
CA THR C 231 -24.33 16.29 -6.94
C THR C 231 -24.06 15.51 -5.65
N1 LLP C 232 -15.00 15.73 -9.02
C2 LLP C 232 -15.17 14.79 -8.08
C2' LLP C 232 -14.14 14.72 -7.00
C3 LLP C 232 -16.30 13.95 -8.10
O3 LLP C 232 -16.42 12.92 -7.19
C4 LLP C 232 -17.26 14.10 -9.11
C4' LLP C 232 -18.47 13.27 -9.10
C5 LLP C 232 -17.06 15.10 -10.10
C6 LLP C 232 -15.92 15.86 -9.99
C5' LLP C 232 -17.98 15.28 -11.26
OP4 LLP C 232 -19.28 15.84 -10.91
P LLP C 232 -20.56 15.48 -11.83
OP1 LLP C 232 -20.14 15.76 -13.25
OP2 LLP C 232 -21.67 16.41 -11.35
OP3 LLP C 232 -20.89 14.02 -11.57
N LLP C 232 -22.84 15.61 -5.12
CA LLP C 232 -22.39 14.81 -4.01
CB LLP C 232 -20.86 14.57 -4.10
CG LLP C 232 -20.29 14.20 -5.50
CD LLP C 232 -21.03 13.12 -6.33
CE LLP C 232 -20.53 13.07 -7.75
NZ LLP C 232 -19.07 12.80 -7.84
C LLP C 232 -22.89 15.37 -2.64
O LLP C 232 -24.07 15.22 -2.36
H2'1 LLP C 232 -14.62 14.65 -6.02
H2'2 LLP C 232 -13.49 15.59 -7.03
H2'3 LLP C 232 -13.52 13.83 -7.12
HO3 LLP C 232 -15.66 12.85 -6.59
H4'1 LLP C 232 -18.78 12.72 -10.01
H6 LLP C 232 -15.71 16.66 -10.70
H5'1 LLP C 232 -18.11 14.31 -11.75
H5'2 LLP C 232 -17.50 15.97 -11.96
H LLP C 232 -22.15 16.28 -5.44
HA LLP C 232 -22.85 13.83 -4.10
HB2 LLP C 232 -20.36 15.50 -3.84
HB3 LLP C 232 -20.59 13.80 -3.39
HG2 LLP C 232 -20.28 15.09 -6.11
HG3 LLP C 232 -19.27 13.85 -5.35
HD2 LLP C 232 -20.85 12.13 -5.91
HD3 LLP C 232 -22.10 13.31 -6.37
HE2 LLP C 232 -21.05 12.27 -8.28
HE3 LLP C 232 -20.73 14.03 -8.23
N PHE C 233 -22.04 16.01 -1.79
CA PHE C 233 -22.45 16.42 -0.46
C PHE C 233 -23.26 17.70 -0.37
N LEU C 234 -23.06 18.69 -1.27
CA LEU C 234 -23.80 19.95 -1.16
C LEU C 234 -25.30 19.71 -1.36
N ASN C 235 -25.69 18.89 -2.35
CA ASN C 235 -27.09 18.53 -2.54
C ASN C 235 -27.45 17.53 -1.43
N GLY C 236 -26.63 16.49 -1.28
CA GLY C 236 -26.78 15.50 -0.22
C GLY C 236 -27.86 14.45 -0.36
N HIS C 237 -28.81 14.62 -1.30
CA HIS C 237 -29.92 13.68 -1.46
C HIS C 237 -29.90 12.88 -2.77
N GLY C 238 -28.81 12.96 -3.54
CA GLY C 238 -28.64 12.20 -4.76
C GLY C 238 -29.77 12.26 -5.75
N ASP C 239 -30.18 13.48 -6.11
CA ASP C 239 -31.24 13.68 -7.09
C ASP C 239 -31.03 14.89 -8.01
N VAL C 240 -29.83 15.50 -8.00
CA VAL C 240 -29.51 16.67 -8.80
C VAL C 240 -28.09 16.52 -9.30
N ILE C 241 -27.87 16.64 -10.61
CA ILE C 241 -26.53 16.66 -11.17
C ILE C 241 -26.24 18.16 -11.32
N ALA C 242 -25.22 18.70 -10.60
CA ALA C 242 -24.93 20.13 -10.61
C ALA C 242 -23.47 20.44 -10.19
N GLY C 243 -23.00 21.67 -10.44
CA GLY C 243 -21.64 22.10 -10.11
C GLY C 243 -21.55 23.57 -9.78
N PHE C 244 -20.39 24.01 -9.24
CA PHE C 244 -20.14 25.42 -8.92
C PHE C 244 -18.71 25.81 -9.23
N VAL C 245 -18.50 27.08 -9.60
CA VAL C 245 -17.18 27.65 -9.82
C VAL C 245 -17.14 28.87 -8.90
N VAL C 246 -16.26 28.85 -7.90
CA VAL C 246 -16.14 29.95 -6.93
C VAL C 246 -14.77 30.61 -7.11
N GLY C 247 -14.72 31.92 -6.98
CA GLY C 247 -13.48 32.67 -7.13
C GLY C 247 -13.70 34.17 -7.18
N ARG C 248 -12.73 34.89 -7.75
CA ARG C 248 -12.83 36.35 -7.88
C ARG C 248 -13.94 36.72 -8.87
N LYS C 249 -14.67 37.82 -8.60
CA LYS C 249 -15.75 38.29 -9.46
C LYS C 249 -15.30 38.47 -10.92
N SER C 250 -14.08 39.02 -11.14
CA SER C 250 -13.54 39.21 -12.48
C SER C 250 -13.51 37.90 -13.29
N PHE C 251 -13.04 36.80 -12.70
CA PHE C 251 -12.98 35.50 -13.37
C PHE C 251 -14.35 34.81 -13.45
N ILE C 252 -15.19 34.96 -12.41
CA ILE C 252 -16.51 34.33 -12.40
C ILE C 252 -17.44 34.96 -13.45
N ASP C 253 -17.33 36.28 -13.69
CA ASP C 253 -18.11 36.93 -14.75
C ASP C 253 -17.68 36.41 -16.12
N GLN C 254 -16.37 36.14 -16.30
CA GLN C 254 -15.85 35.59 -17.56
C GLN C 254 -16.35 34.15 -17.77
N VAL C 255 -16.45 33.35 -16.71
CA VAL C 255 -16.94 31.97 -16.82
C VAL C 255 -18.45 31.99 -17.10
N ARG C 256 -19.20 32.91 -16.49
CA ARG C 256 -20.63 33.03 -16.73
C ARG C 256 -20.96 33.47 -18.15
N LEU C 257 -20.31 34.55 -18.64
CA LEU C 257 -20.60 35.12 -19.95
C LEU C 257 -19.71 34.59 -21.09
N TYR C 258 -19.03 33.45 -20.90
CA TYR C 258 -18.18 32.88 -21.95
C TYR C 258 -18.09 31.35 -21.82
N GLY C 259 -17.64 30.86 -20.67
CA GLY C 259 -17.51 29.44 -20.43
C GLY C 259 -18.83 28.71 -20.48
N ILE C 260 -19.84 29.23 -19.80
CA ILE C 260 -21.18 28.64 -19.76
C ILE C 260 -22.01 29.17 -20.92
N LYS C 261 -22.04 30.51 -21.09
CA LYS C 261 -22.83 31.17 -22.13
C LYS C 261 -22.52 30.63 -23.53
N ASP C 262 -21.24 30.44 -23.87
CA ASP C 262 -20.82 30.03 -25.21
C ASP C 262 -20.09 28.69 -25.33
N MET C 263 -19.08 28.41 -24.47
CA MET C 263 -18.22 27.22 -24.62
C MET C 263 -18.84 25.87 -24.26
N THR C 264 -19.60 25.80 -23.16
CA THR C 264 -20.14 24.54 -22.67
C THR C 264 -21.66 24.48 -22.70
N GLY C 265 -22.32 25.59 -22.40
CA GLY C 265 -23.77 25.62 -22.30
C GLY C 265 -24.27 24.86 -21.08
N ALA C 266 -23.44 24.76 -20.03
CA ALA C 266 -23.77 24.03 -18.82
C ALA C 266 -24.41 24.96 -17.79
N CYS C 267 -25.65 25.38 -18.06
CA CYS C 267 -26.39 26.26 -17.14
C CYS C 267 -27.31 25.39 -16.28
N LEU C 268 -27.40 25.70 -14.98
CA LEU C 268 -28.21 24.93 -14.06
C LEU C 268 -29.69 25.28 -14.14
N SER C 269 -30.56 24.27 -13.99
CA SER C 269 -32.02 24.44 -14.01
C SER C 269 -32.48 25.12 -12.70
N PRO C 270 -33.45 26.07 -12.70
CA PRO C 270 -33.91 26.63 -11.41
C PRO C 270 -34.51 25.60 -10.44
N PHE C 271 -35.11 24.52 -10.98
CA PHE C 271 -35.66 23.46 -10.14
C PHE C 271 -34.53 22.72 -9.41
N ASP C 272 -33.48 22.32 -10.14
CA ASP C 272 -32.33 21.65 -9.55
C ASP C 272 -31.64 22.56 -8.54
N ALA C 273 -31.54 23.87 -8.84
CA ALA C 273 -30.97 24.85 -7.94
C ALA C 273 -31.76 24.96 -6.64
N TYR C 274 -33.10 24.85 -6.71
CA TYR C 274 -33.94 24.88 -5.51
C TYR C 274 -33.65 23.67 -4.64
N LEU C 275 -33.54 22.48 -5.24
CA LEU C 275 -33.26 21.27 -4.48
C LEU C 275 -31.89 21.33 -3.78
N ILE C 276 -30.89 22.03 -4.37
CA ILE C 276 -29.59 22.19 -3.73
C ILE C 276 -29.76 23.14 -2.53
N LEU C 277 -30.53 24.24 -2.70
CA LEU C 277 -30.84 25.17 -1.61
C LEU C 277 -31.51 24.43 -0.44
N ARG C 278 -32.44 23.52 -0.76
CA ARG C 278 -33.16 22.68 0.21
C ARG C 278 -32.16 21.77 0.94
N GLY C 279 -31.25 21.15 0.19
CA GLY C 279 -30.23 20.27 0.74
C GLY C 279 -29.22 21.00 1.62
N LEU C 280 -28.86 22.24 1.25
CA LEU C 280 -27.91 23.04 2.04
C LEU C 280 -28.42 23.40 3.42
N LYS C 281 -29.75 23.45 3.63
CA LYS C 281 -30.32 23.76 4.93
C LYS C 281 -29.82 22.81 6.03
N THR C 282 -29.46 21.56 5.68
CA THR C 282 -28.96 20.55 6.62
C THR C 282 -27.50 20.15 6.34
N LEU C 283 -26.68 21.00 5.68
CA LEU C 283 -25.30 20.63 5.34
C LEU C 283 -24.42 20.38 6.58
N GLU C 284 -24.49 21.25 7.60
CA GLU C 284 -23.69 21.08 8.81
C GLU C 284 -24.04 19.77 9.52
N ILE C 285 -25.33 19.52 9.74
CA ILE C 285 -25.77 18.30 10.45
C ILE C 285 -25.51 17.05 9.61
N ARG C 286 -25.59 17.12 8.28
CA ARG C 286 -25.30 15.96 7.43
C ARG C 286 -23.81 15.66 7.44
N MET C 287 -22.95 16.69 7.30
CA MET C 287 -21.49 16.46 7.29
C MET C 287 -21.01 15.93 8.64
N GLU C 288 -21.58 16.42 9.75
CA GLU C 288 -21.20 15.94 11.06
C GLU C 288 -21.55 14.46 11.23
N ARG C 289 -22.78 14.06 10.83
CA ARG C 289 -23.20 12.65 10.95
C ARG C 289 -22.40 11.77 9.99
N HIS C 290 -22.18 12.23 8.75
CA HIS C 290 -21.39 11.51 7.75
C HIS C 290 -19.99 11.15 8.28
N CYS C 291 -19.28 12.14 8.86
CA CYS C 291 -17.92 11.96 9.40
C CYS C 291 -17.94 11.18 10.71
N SER C 292 -18.99 11.36 11.53
CA SER C 292 -19.15 10.62 12.78
C SER C 292 -19.24 9.12 12.49
N ASN C 293 -20.07 8.74 11.50
CA ASN C 293 -20.24 7.34 11.10
C ASN C 293 -18.97 6.82 10.43
N ALA C 294 -18.34 7.62 9.56
CA ALA C 294 -17.13 7.18 8.86
C ALA C 294 -15.97 6.89 9.79
N MET C 295 -15.77 7.70 10.85
CA MET C 295 -14.71 7.43 11.82
C MET C 295 -14.95 6.08 12.53
N LYS C 296 -16.21 5.76 12.82
CA LYS C 296 -16.60 4.51 13.47
C LYS C 296 -16.44 3.31 12.54
N VAL C 297 -16.83 3.47 11.26
CA VAL C 297 -16.72 2.41 10.25
C VAL C 297 -15.24 2.13 9.96
N ALA C 298 -14.44 3.18 9.76
CA ALA C 298 -13.00 3.04 9.47
C ALA C 298 -12.24 2.33 10.57
N LYS C 299 -12.54 2.64 11.84
CA LYS C 299 -11.87 1.98 12.97
C LYS C 299 -12.26 0.50 13.01
N PHE C 300 -13.55 0.19 12.74
CA PHE C 300 -14.04 -1.18 12.67
C PHE C 300 -13.31 -1.95 11.56
N LEU C 301 -13.20 -1.36 10.36
CA LEU C 301 -12.54 -1.99 9.22
C LEU C 301 -11.06 -2.23 9.51
N GLU C 302 -10.38 -1.28 10.14
CA GLU C 302 -8.97 -1.42 10.49
C GLU C 302 -8.75 -2.60 11.44
N GLU C 303 -9.61 -2.76 12.46
CA GLU C 303 -9.51 -3.86 13.41
C GLU C 303 -10.00 -5.21 12.84
N HIS C 304 -10.82 -5.21 11.77
CA HIS C 304 -11.35 -6.45 11.18
C HIS C 304 -10.24 -7.28 10.53
N LYS C 305 -10.29 -8.63 10.71
CA LYS C 305 -9.26 -9.54 10.21
C LYS C 305 -9.19 -9.60 8.68
N ALA C 306 -10.35 -9.72 8.02
CA ALA C 306 -10.44 -9.79 6.55
C ALA C 306 -9.98 -8.52 5.82
N VAL C 307 -9.82 -7.37 6.51
CA VAL C 307 -9.39 -6.13 5.87
C VAL C 307 -7.87 -5.95 6.02
N LYS C 308 -7.15 -5.86 4.88
CA LYS C 308 -5.70 -5.73 4.85
C LYS C 308 -5.20 -4.33 5.23
N LYS C 309 -5.83 -3.27 4.69
CA LYS C 309 -5.43 -1.89 4.97
C LYS C 309 -6.61 -0.93 4.77
N VAL C 310 -6.66 0.17 5.55
CA VAL C 310 -7.72 1.18 5.45
C VAL C 310 -7.08 2.55 5.26
N TYR C 311 -7.59 3.33 4.29
CA TYR C 311 -7.15 4.69 4.02
C TYR C 311 -8.29 5.62 4.46
N TYR C 312 -8.09 6.42 5.51
CA TYR C 312 -9.09 7.36 5.99
C TYR C 312 -8.38 8.50 6.75
N PRO C 313 -8.55 9.80 6.41
CA PRO C 313 -7.80 10.85 7.14
C PRO C 313 -7.95 10.92 8.67
N GLY C 314 -8.94 10.23 9.23
CA GLY C 314 -9.20 10.23 10.66
C GLY C 314 -8.44 9.21 11.47
N LEU C 315 -7.98 8.12 10.82
CA LEU C 315 -7.24 7.08 11.53
C LEU C 315 -5.80 7.53 11.74
N GLU C 316 -5.19 7.16 12.88
CA GLU C 316 -3.80 7.51 13.14
C GLU C 316 -2.84 6.77 12.17
N SER C 317 -3.28 5.66 11.55
CA SER C 317 -2.49 4.93 10.56
C SER C 317 -2.36 5.69 9.21
N PHE C 318 -3.19 6.74 8.98
CA PHE C 318 -3.14 7.52 7.75
C PHE C 318 -1.79 8.21 7.62
N GLU C 319 -1.19 8.18 6.43
CA GLU C 319 0.15 8.74 6.19
C GLU C 319 0.18 10.26 6.39
N GLN C 320 -0.79 10.98 5.82
CA GLN C 320 -0.89 12.43 5.93
C GLN C 320 -1.90 12.83 7.01
N TYR C 321 -1.78 12.23 8.20
CA TYR C 321 -2.68 12.50 9.32
C TYR C 321 -2.51 13.92 9.86
N GLU C 322 -1.26 14.43 9.91
CA GLU C 322 -0.99 15.78 10.40
C GLU C 322 -1.57 16.83 9.45
N LEU C 323 -1.48 16.62 8.12
CA LEU C 323 -2.03 17.54 7.14
C LEU C 323 -3.58 17.52 7.17
N ALA C 324 -4.18 16.35 7.46
CA ALA C 324 -5.63 16.23 7.56
C ALA C 324 -6.16 17.10 8.70
N LYS C 325 -5.46 17.12 9.84
CA LYS C 325 -5.87 17.97 10.97
C LYS C 325 -5.64 19.45 10.65
N GLU C 326 -4.55 19.76 9.93
CA GLU C 326 -4.15 21.12 9.55
C GLU C 326 -5.13 21.83 8.59
N GLN C 327 -5.58 21.17 7.50
CA GLN C 327 -6.45 21.81 6.51
C GLN C 327 -7.89 21.24 6.39
N MET C 328 -8.30 20.29 7.25
CA MET C 328 -9.66 19.74 7.20
C MET C 328 -10.27 19.74 8.61
N LYS C 329 -11.50 20.28 8.75
CA LYS C 329 -12.19 20.34 10.04
C LYS C 329 -12.52 18.91 10.49
N LEU C 330 -13.08 18.09 9.59
CA LEU C 330 -13.42 16.69 9.87
C LEU C 330 -12.76 15.79 8.80
N PRO C 331 -12.47 14.50 9.09
CA PRO C 331 -11.80 13.67 8.07
C PRO C 331 -12.62 13.24 6.85
N GLY C 332 -13.89 13.63 6.75
CA GLY C 332 -14.73 13.30 5.61
C GLY C 332 -15.55 12.03 5.78
N ALA C 333 -16.26 11.64 4.72
CA ALA C 333 -17.14 10.46 4.72
C ALA C 333 -16.70 9.31 3.83
N ILE C 334 -15.61 9.46 3.06
CA ILE C 334 -15.16 8.42 2.13
C ILE C 334 -14.10 7.57 2.81
N ILE C 335 -14.18 6.23 2.63
CA ILE C 335 -13.23 5.27 3.18
C ILE C 335 -12.85 4.31 2.06
N ALA C 336 -11.58 4.29 1.67
CA ALA C 336 -11.08 3.33 0.70
C ALA C 336 -10.34 2.27 1.50
N PHE C 337 -10.59 0.98 1.23
CA PHE C 337 -9.92 -0.09 1.98
C PHE C 337 -9.68 -1.31 1.11
N GLU C 338 -8.58 -2.01 1.37
CA GLU C 338 -8.18 -3.20 0.63
C GLU C 338 -8.43 -4.45 1.47
N LEU C 339 -8.83 -5.54 0.83
CA LEU C 339 -9.11 -6.81 1.51
C LEU C 339 -7.91 -7.74 1.45
N ASN C 340 -7.89 -8.77 2.32
CA ASN C 340 -6.89 -9.83 2.27
C ASN C 340 -7.44 -10.85 1.26
N GLY C 341 -7.62 -10.40 0.02
CA GLY C 341 -8.18 -11.21 -1.04
C GLY C 341 -8.27 -10.47 -2.35
N GLY C 342 -8.52 -11.21 -3.42
CA GLY C 342 -8.59 -10.68 -4.77
C GLY C 342 -9.92 -10.08 -5.18
N VAL C 343 -10.13 -10.02 -6.51
CA VAL C 343 -11.35 -9.47 -7.11
C VAL C 343 -12.59 -10.32 -6.73
N GLU C 344 -12.44 -11.65 -6.65
CA GLU C 344 -13.54 -12.55 -6.30
C GLU C 344 -14.06 -12.29 -4.89
N GLU C 345 -13.15 -12.02 -3.94
CA GLU C 345 -13.53 -11.72 -2.56
C GLU C 345 -14.26 -10.38 -2.49
N GLY C 346 -13.80 -9.39 -3.25
CA GLY C 346 -14.44 -8.08 -3.31
C GLY C 346 -15.84 -8.14 -3.89
N ILE C 347 -16.05 -9.01 -4.89
CA ILE C 347 -17.37 -9.20 -5.49
C ILE C 347 -18.29 -9.83 -4.44
N LYS C 348 -17.80 -10.89 -3.78
CA LYS C 348 -18.53 -11.65 -2.75
C LYS C 348 -19.00 -10.74 -1.61
N VAL C 349 -18.14 -9.82 -1.13
CA VAL C 349 -18.48 -8.89 -0.03
C VAL C 349 -19.59 -7.92 -0.48
N LEU C 350 -19.40 -7.26 -1.63
CA LEU C 350 -20.40 -6.30 -2.12
C LEU C 350 -21.77 -6.97 -2.37
N ASN C 351 -21.79 -8.13 -3.04
CA ASN C 351 -23.06 -8.83 -3.28
C ASN C 351 -23.74 -9.26 -1.98
N SER C 352 -22.97 -9.54 -0.92
CA SER C 352 -23.51 -9.92 0.38
C SER C 352 -24.18 -8.75 1.14
N CYS C 353 -23.89 -7.49 0.78
CA CYS C 353 -24.46 -6.33 1.47
C CYS C 353 -25.98 -6.20 1.32
N LYS C 354 -26.68 -5.99 2.45
CA LYS C 354 -28.13 -5.82 2.54
C LYS C 354 -28.54 -4.37 2.88
N VAL C 355 -27.64 -3.55 3.44
CA VAL C 355 -27.85 -2.15 3.81
C VAL C 355 -27.01 -1.25 2.87
N CYS C 356 -25.70 -1.53 2.73
CA CYS C 356 -24.84 -0.76 1.83
C CYS C 356 -25.30 -1.01 0.40
N THR C 357 -25.57 0.07 -0.35
CA THR C 357 -26.10 0.02 -1.71
C THR C 357 -25.00 -0.03 -2.77
N LEU C 358 -25.13 -0.95 -3.75
CA LEU C 358 -24.14 -1.07 -4.83
C LEU C 358 -24.41 -0.02 -5.89
N ALA C 359 -23.72 1.12 -5.82
CA ALA C 359 -23.91 2.21 -6.78
C ALA C 359 -22.70 3.15 -6.77
N VAL C 360 -22.49 3.85 -7.89
CA VAL C 360 -21.42 4.86 -7.97
C VAL C 360 -21.96 6.17 -7.31
N SER C 361 -21.10 7.21 -7.18
CA SER C 361 -21.43 8.49 -6.57
C SER C 361 -21.16 8.47 -5.06
N LEU C 362 -21.30 9.63 -4.41
CA LEU C 362 -21.03 9.81 -2.99
C LEU C 362 -21.86 11.00 -2.44
N GLY C 363 -21.87 11.19 -1.13
CA GLY C 363 -22.58 12.28 -0.51
C GLY C 363 -24.08 12.12 -0.56
N ASP C 364 -24.58 10.99 -0.08
CA ASP C 364 -26.01 10.69 -0.05
C ASP C 364 -26.36 10.05 1.29
N ALA C 365 -27.64 10.10 1.66
CA ALA C 365 -28.14 9.48 2.88
C ALA C 365 -27.90 7.96 2.84
N GLU C 366 -28.05 7.32 1.66
CA GLU C 366 -27.76 5.90 1.50
C GLU C 366 -26.25 5.69 1.44
N THR C 367 -25.74 4.68 2.15
CA THR C 367 -24.31 4.37 2.14
C THR C 367 -24.06 3.65 0.83
N LEU C 368 -23.18 4.18 -0.01
CA LEU C 368 -22.89 3.58 -1.30
C LEU C 368 -21.54 2.87 -1.24
N ILE C 369 -21.44 1.73 -1.93
CA ILE C 369 -20.25 0.90 -1.93
C ILE C 369 -19.95 0.49 -3.38
N GLN C 370 -18.67 0.54 -3.77
CA GLN C 370 -18.24 0.21 -5.13
C GLN C 370 -16.88 -0.48 -5.10
N HIS C 371 -16.70 -1.50 -5.96
CA HIS C 371 -15.46 -2.26 -6.09
C HIS C 371 -14.86 -1.95 -7.47
N PRO C 372 -13.98 -0.94 -7.60
CA PRO C 372 -13.44 -0.60 -8.94
C PRO C 372 -12.88 -1.75 -9.77
N ALA C 373 -12.24 -2.73 -9.14
CA ALA C 373 -11.66 -3.88 -9.84
C ALA C 373 -12.66 -4.68 -10.70
N SER C 374 -13.96 -4.68 -10.32
CA SER C 374 -15.00 -5.39 -11.07
C SER C 374 -16.19 -4.50 -11.47
N MET C 375 -16.10 -3.17 -11.27
CA MET C 375 -17.20 -2.27 -11.63
C MET C 375 -16.72 -1.13 -12.57
N THR C 376 -16.04 -0.09 -12.05
CA THR C 376 -15.62 1.03 -12.88
C THR C 376 -14.50 0.62 -13.82
N HIS C 377 -13.48 -0.07 -13.29
CA HIS C 377 -12.33 -0.51 -14.06
C HIS C 377 -12.39 -1.99 -14.48
N SER C 378 -13.60 -2.51 -14.77
CA SER C 378 -13.75 -3.90 -15.22
C SER C 378 -13.32 -4.08 -16.70
N PRO C 379 -13.50 -3.11 -17.65
CA PRO C 379 -13.01 -3.33 -19.02
C PRO C 379 -11.48 -3.46 -19.06
N TYR C 380 -10.79 -2.74 -18.15
CA TYR C 380 -9.34 -2.75 -18.00
C TYR C 380 -8.88 -4.15 -17.58
N THR C 381 -7.77 -4.62 -18.14
CA THR C 381 -7.22 -5.92 -17.78
C THR C 381 -6.47 -5.79 -16.43
N ARG C 382 -6.12 -6.91 -15.79
CA ARG C 382 -5.40 -6.90 -14.50
C ARG C 382 -4.12 -6.03 -14.55
N GLU C 383 -3.35 -6.11 -15.64
CA GLU C 383 -2.12 -5.33 -15.78
C GLU C 383 -2.40 -3.84 -16.02
N GLU C 384 -3.47 -3.50 -16.77
CA GLU C 384 -3.85 -2.10 -16.99
C GLU C 384 -4.37 -1.48 -15.67
N ARG C 385 -5.08 -2.27 -14.85
CA ARG C 385 -5.62 -1.81 -13.56
C ARG C 385 -4.48 -1.43 -12.60
N LEU C 386 -3.45 -2.28 -12.49
CA LEU C 386 -2.34 -2.00 -11.58
C LEU C 386 -1.51 -0.80 -12.03
N LYS C 387 -1.41 -0.55 -13.35
CA LYS C 387 -0.69 0.64 -13.85
C LYS C 387 -1.44 1.92 -13.45
N ALA C 388 -2.78 1.89 -13.42
CA ALA C 388 -3.59 3.05 -13.00
C ALA C 388 -3.82 3.12 -11.47
N GLY C 389 -3.15 2.27 -10.68
CA GLY C 389 -3.30 2.25 -9.23
C GLY C 389 -4.64 1.74 -8.72
N ILE C 390 -5.19 0.69 -9.37
CA ILE C 390 -6.47 0.09 -8.98
C ILE C 390 -6.18 -1.37 -8.63
N SER C 391 -6.27 -1.72 -7.34
CA SER C 391 -5.96 -3.06 -6.87
C SER C 391 -7.17 -4.00 -6.85
N ASP C 392 -6.92 -5.30 -7.10
CA ASP C 392 -7.96 -6.32 -7.02
C ASP C 392 -8.15 -6.59 -5.54
N GLY C 393 -9.03 -5.82 -4.92
CA GLY C 393 -9.28 -5.85 -3.48
C GLY C 393 -9.67 -4.51 -2.91
N LEU C 394 -9.29 -3.40 -3.58
CA LEU C 394 -9.66 -2.05 -3.12
C LEU C 394 -11.17 -1.86 -3.31
N ILE C 395 -11.83 -1.30 -2.28
CA ILE C 395 -13.26 -1.02 -2.26
C ILE C 395 -13.44 0.40 -1.73
N ARG C 396 -14.19 1.25 -2.44
CA ARG C 396 -14.47 2.60 -1.97
C ARG C 396 -15.83 2.58 -1.28
N LEU C 397 -15.96 3.32 -0.18
CA LEU C 397 -17.19 3.37 0.60
C LEU C 397 -17.60 4.80 0.95
N ALA C 398 -18.68 5.28 0.35
CA ALA C 398 -19.24 6.60 0.65
C ALA C 398 -20.19 6.37 1.81
N VAL C 399 -19.77 6.72 3.03
CA VAL C 399 -20.57 6.47 4.22
C VAL C 399 -21.76 7.44 4.29
N GLY C 400 -22.96 6.87 4.41
CA GLY C 400 -24.20 7.63 4.45
C GLY C 400 -24.59 8.12 5.84
N LEU C 401 -25.88 8.46 6.00
CA LEU C 401 -26.45 8.99 7.23
C LEU C 401 -27.20 7.94 8.06
N GLU C 402 -27.11 6.64 7.73
CA GLU C 402 -27.79 5.60 8.53
C GLU C 402 -27.05 5.45 9.88
N ASN C 403 -27.65 4.74 10.85
CA ASN C 403 -27.01 4.54 12.14
C ASN C 403 -25.76 3.67 11.95
N ALA C 404 -24.59 4.16 12.41
CA ALA C 404 -23.32 3.46 12.25
C ALA C 404 -23.36 2.01 12.72
N GLU C 405 -24.20 1.70 13.71
CA GLU C 405 -24.39 0.34 14.22
C GLU C 405 -24.86 -0.59 13.10
N ASP C 406 -25.81 -0.14 12.27
CA ASP C 406 -26.38 -0.91 11.17
C ASP C 406 -25.43 -1.01 9.98
N ILE C 407 -24.61 0.01 9.73
CA ILE C 407 -23.65 0.00 8.63
C ILE C 407 -22.55 -1.01 8.99
N ILE C 408 -22.02 -0.91 10.22
CA ILE C 408 -20.98 -1.81 10.72
C ILE C 408 -21.50 -3.27 10.76
N ALA C 409 -22.75 -3.50 11.23
CA ALA C 409 -23.32 -4.84 11.27
C ALA C 409 -23.43 -5.46 9.88
N ASP C 410 -23.82 -4.65 8.88
CA ASP C 410 -23.94 -5.12 7.50
C ASP C 410 -22.56 -5.47 6.93
N LEU C 411 -21.55 -4.62 7.18
CA LEU C 411 -20.20 -4.86 6.67
C LEU C 411 -19.59 -6.08 7.36
N LYS C 412 -19.87 -6.29 8.66
CA LYS C 412 -19.34 -7.44 9.40
C LYS C 412 -19.84 -8.75 8.82
N GLN C 413 -21.17 -8.90 8.62
CA GLN C 413 -21.71 -10.15 8.05
C GLN C 413 -21.20 -10.44 6.64
N ALA C 414 -20.81 -9.40 5.87
CA ALA C 414 -20.28 -9.57 4.52
C ALA C 414 -18.79 -9.94 4.57
N LEU C 415 -18.02 -9.28 5.44
CA LEU C 415 -16.58 -9.52 5.56
C LEU C 415 -16.27 -10.85 6.29
N ASP C 416 -17.13 -11.29 7.22
CA ASP C 416 -16.93 -12.55 7.93
C ASP C 416 -17.04 -13.77 6.99
N ALA C 417 -17.80 -13.65 5.88
CA ALA C 417 -17.95 -14.72 4.92
C ALA C 417 -16.63 -15.00 4.15
N ILE C 418 -15.76 -13.98 3.98
CA ILE C 418 -14.49 -14.14 3.25
C ILE C 418 -13.28 -14.46 4.16
N ILE C 419 -13.49 -14.73 5.47
CA ILE C 419 -12.37 -15.08 6.36
C ILE C 419 -11.96 -16.53 6.10
N SER D 19 20.94 -36.17 3.49
CA SER D 19 20.60 -35.32 2.35
C SER D 19 19.18 -34.78 2.46
N HIS D 20 18.94 -33.57 1.92
CA HIS D 20 17.64 -32.91 1.92
C HIS D 20 17.06 -32.94 0.50
N MET D 21 17.85 -32.49 -0.49
CA MET D 21 17.45 -32.51 -1.90
C MET D 21 17.91 -33.83 -2.50
N ASP D 22 16.98 -34.75 -2.77
CA ASP D 22 17.29 -36.05 -3.35
C ASP D 22 17.77 -35.88 -4.81
N ARG D 23 18.63 -36.81 -5.32
CA ARG D 23 19.12 -36.69 -6.69
C ARG D 23 18.01 -36.88 -7.74
N GLU D 24 16.84 -37.46 -7.37
CA GLU D 24 15.69 -37.57 -8.26
C GLU D 24 15.09 -36.18 -8.48
N PHE D 25 14.94 -35.39 -7.38
CA PHE D 25 14.43 -34.02 -7.44
C PHE D 25 15.46 -33.12 -8.16
N ALA D 26 16.75 -33.34 -7.92
CA ALA D 26 17.85 -32.58 -8.52
C ALA D 26 18.00 -32.80 -10.03
N LYS D 27 17.45 -33.89 -10.61
CA LYS D 27 17.60 -34.14 -12.05
C LYS D 27 17.05 -32.99 -12.90
N ASN D 28 15.84 -32.51 -12.61
CA ASN D 28 15.23 -31.43 -13.39
C ASN D 28 15.78 -30.03 -13.05
N MET D 29 16.53 -29.89 -11.95
CA MET D 29 17.08 -28.60 -11.54
C MET D 29 18.29 -28.23 -12.40
N GLY D 30 18.59 -26.94 -12.48
CA GLY D 30 19.72 -26.42 -13.23
C GLY D 30 21.05 -26.67 -12.54
N PHE D 31 22.15 -26.26 -13.18
CA PHE D 31 23.48 -26.50 -12.62
C PHE D 31 23.72 -25.68 -11.34
N SER D 32 23.50 -24.35 -11.40
CA SER D 32 23.69 -23.47 -10.25
C SER D 32 22.87 -23.92 -9.05
N THR D 33 21.61 -24.31 -9.26
CA THR D 33 20.72 -24.80 -8.21
C THR D 33 21.29 -26.07 -7.56
N LYS D 34 21.81 -27.00 -8.37
CA LYS D 34 22.40 -28.25 -7.87
C LYS D 34 23.70 -27.96 -7.10
N ALA D 35 24.56 -27.09 -7.64
CA ALA D 35 25.81 -26.73 -6.97
C ALA D 35 25.59 -26.06 -5.59
N ILE D 36 24.38 -25.55 -5.32
CA ILE D 36 24.03 -24.89 -4.06
C ILE D 36 23.28 -25.85 -3.12
N HIS D 37 22.23 -26.53 -3.63
CA HIS D 37 21.36 -27.37 -2.81
C HIS D 37 21.59 -28.90 -2.87
N ALA D 38 22.08 -29.47 -3.99
CA ALA D 38 22.27 -30.92 -4.08
C ALA D 38 23.36 -31.43 -3.15
N GLY D 39 23.11 -32.59 -2.53
CA GLY D 39 24.06 -33.19 -1.60
C GLY D 39 24.01 -32.66 -0.19
N ASN D 40 23.46 -31.45 0.01
CA ASN D 40 23.38 -30.83 1.35
C ASN D 40 22.48 -31.63 2.28
N HIS D 41 22.85 -31.72 3.56
CA HIS D 41 22.13 -32.49 4.57
C HIS D 41 21.48 -31.56 5.62
N LYS D 42 20.18 -31.78 5.90
CA LYS D 42 19.48 -31.00 6.91
C LYS D 42 19.86 -31.55 8.30
N ASN D 43 20.77 -30.85 9.00
CA ASN D 43 21.24 -31.29 10.33
C ASN D 43 20.23 -30.92 11.46
N GLU D 44 20.44 -31.48 12.68
CA GLU D 44 19.58 -31.24 13.85
C GLU D 44 19.35 -29.76 14.19
N PHE D 45 20.36 -28.89 14.00
CA PHE D 45 20.23 -27.46 14.27
C PHE D 45 19.69 -26.66 13.05
N GLY D 46 19.77 -27.25 11.86
CA GLY D 46 19.29 -26.60 10.66
C GLY D 46 20.19 -25.49 10.17
N THR D 47 21.50 -25.68 10.25
CA THR D 47 22.45 -24.66 9.80
C THR D 47 22.37 -24.58 8.28
N LEU D 48 22.28 -23.37 7.73
CA LEU D 48 22.22 -23.20 6.28
C LEU D 48 23.54 -23.65 5.66
N ALA D 49 24.66 -23.19 6.22
CA ALA D 49 25.98 -23.60 5.77
C ALA D 49 26.27 -25.01 6.31
N THR D 50 27.00 -25.83 5.54
CA THR D 50 27.35 -27.17 5.97
C THR D 50 28.33 -27.06 7.16
N PRO D 51 28.09 -27.67 8.35
CA PRO D 51 29.07 -27.51 9.44
C PRO D 51 30.44 -28.08 9.10
N ILE D 52 31.49 -27.50 9.70
CA ILE D 52 32.84 -28.01 9.49
C ILE D 52 33.07 -29.00 10.63
N TYR D 53 32.80 -30.28 10.36
CA TYR D 53 33.02 -31.35 11.32
C TYR D 53 34.52 -31.64 11.41
N GLN D 54 35.28 -30.69 11.99
CA GLN D 54 36.73 -30.81 12.14
C GLN D 54 37.00 -31.74 13.32
N THR D 55 36.97 -33.05 13.05
CA THR D 55 37.19 -34.10 14.03
C THR D 55 38.10 -35.18 13.42
N ALA D 56 38.72 -36.00 14.27
CA ALA D 56 39.57 -37.09 13.83
C ALA D 56 38.84 -38.42 13.98
N THR D 57 38.12 -38.62 15.10
CA THR D 57 37.38 -39.84 15.38
C THR D 57 35.92 -39.56 15.76
N PHE D 58 35.08 -40.60 15.69
CA PHE D 58 33.65 -40.52 15.99
C PHE D 58 33.30 -41.55 17.07
N VAL D 59 32.30 -41.22 17.90
CA VAL D 59 31.88 -42.00 19.06
C VAL D 59 30.77 -42.97 18.67
N PHE D 60 30.89 -44.24 19.09
CA PHE D 60 29.86 -45.24 18.84
C PHE D 60 28.92 -45.33 20.03
N ASP D 61 27.64 -45.58 19.77
CA ASP D 61 26.62 -45.72 20.82
C ASP D 61 26.80 -47.02 21.61
N SER D 62 27.36 -48.07 20.98
CA SER D 62 27.62 -49.36 21.62
C SER D 62 28.83 -50.05 20.94
N ALA D 63 29.41 -51.05 21.62
CA ALA D 63 30.54 -51.80 21.08
C ALA D 63 30.12 -52.57 19.82
N GLN D 64 28.90 -53.13 19.81
CA GLN D 64 28.37 -53.88 18.67
C GLN D 64 28.24 -52.95 17.45
N GLN D 65 27.82 -51.69 17.65
CA GLN D 65 27.71 -50.70 16.57
C GLN D 65 29.07 -50.50 15.88
N GLY D 66 30.13 -50.35 16.67
CA GLY D 66 31.49 -50.19 16.16
C GLY D 66 31.92 -51.32 15.25
N GLY D 67 31.72 -52.56 15.71
CA GLY D 67 32.04 -53.74 14.93
C GLY D 67 31.23 -53.84 13.64
N ASN D 68 29.92 -53.52 13.69
CA ASN D 68 29.06 -53.54 12.50
C ASN D 68 29.54 -52.49 11.50
N ARG D 69 29.94 -51.31 11.99
CA ARG D 69 30.44 -50.22 11.14
C ARG D 69 31.71 -50.66 10.38
N PHE D 70 32.64 -51.35 11.08
CA PHE D 70 33.88 -51.84 10.47
C PHE D 70 33.63 -52.95 9.46
N ALA D 71 32.62 -53.81 9.69
CA ALA D 71 32.27 -54.89 8.77
C ALA D 71 31.35 -54.44 7.61
N GLY D 72 30.98 -53.16 7.54
CA GLY D 72 30.11 -52.64 6.49
C GLY D 72 28.66 -53.05 6.64
N LYS D 73 28.25 -53.49 7.84
CA LYS D 73 26.88 -53.95 8.14
C LYS D 73 25.95 -52.82 8.60
N GLU D 74 26.49 -51.65 8.98
CA GLU D 74 25.69 -50.52 9.47
C GLU D 74 26.32 -49.20 9.00
N GLU D 75 25.50 -48.26 8.52
CA GLU D 75 26.01 -46.96 8.06
C GLU D 75 26.40 -46.08 9.25
N GLY D 76 27.35 -45.19 9.04
CA GLY D 76 27.85 -44.29 10.06
C GLY D 76 29.32 -44.00 9.91
N TYR D 77 29.86 -43.12 10.77
CA TYR D 77 31.26 -42.75 10.71
C TYR D 77 32.11 -43.41 11.77
N ILE D 78 33.42 -43.58 11.46
CA ILE D 78 34.39 -44.25 12.34
C ILE D 78 35.63 -43.34 12.54
N TYR D 79 36.22 -42.86 11.43
CA TYR D 79 37.45 -42.08 11.42
C TYR D 79 37.46 -41.17 10.17
N THR D 80 38.01 -39.96 10.28
CA THR D 80 38.01 -38.99 9.17
C THR D 80 38.79 -39.49 7.92
N ARG D 81 39.87 -40.27 8.09
CA ARG D 81 40.58 -40.83 6.92
C ARG D 81 39.64 -41.75 6.10
N LEU D 82 38.71 -42.45 6.79
CA LEU D 82 37.73 -43.32 6.15
C LEU D 82 36.57 -42.48 5.58
N GLY D 83 36.08 -41.52 6.36
CA GLY D 83 34.99 -40.64 5.94
C GLY D 83 34.67 -39.58 6.97
N ASN D 84 34.06 -38.47 6.52
CA ASN D 84 33.67 -37.34 7.39
C ASN D 84 32.37 -36.69 6.84
N PRO D 85 31.39 -36.22 7.68
CA PRO D 85 30.17 -35.65 7.08
C PRO D 85 30.34 -34.41 6.20
N THR D 86 31.32 -33.54 6.46
CA THR D 86 31.55 -32.38 5.59
C THR D 86 31.97 -32.86 4.19
N VAL D 87 32.85 -33.88 4.16
CA VAL D 87 33.38 -34.43 2.92
C VAL D 87 32.28 -35.20 2.17
N THR D 88 31.40 -35.92 2.89
CA THR D 88 30.28 -36.66 2.28
C THR D 88 29.35 -35.74 1.47
N VAL D 89 29.01 -34.57 2.02
CA VAL D 89 28.13 -33.60 1.35
C VAL D 89 28.80 -33.14 0.03
N LEU D 90 30.12 -32.87 0.08
CA LEU D 90 30.91 -32.48 -1.09
C LEU D 90 31.02 -33.60 -2.12
N GLU D 91 31.21 -34.84 -1.68
CA GLU D 91 31.33 -36.00 -2.56
C GLU D 91 30.00 -36.24 -3.28
N GLU D 92 28.88 -36.19 -2.55
CA GLU D 92 27.55 -36.37 -3.11
C GLU D 92 27.25 -35.27 -4.13
N LYS D 93 27.62 -34.02 -3.80
CA LYS D 93 27.41 -32.87 -4.68
C LYS D 93 28.20 -33.01 -6.00
N ILE D 94 29.47 -33.42 -5.93
CA ILE D 94 30.31 -33.58 -7.12
C ILE D 94 29.78 -34.73 -8.00
N ALA D 95 29.44 -35.88 -7.41
CA ALA D 95 28.91 -37.02 -8.15
C ALA D 95 27.60 -36.68 -8.87
N ILE D 96 26.72 -35.86 -8.25
CA ILE D 96 25.46 -35.43 -8.87
C ILE D 96 25.74 -34.56 -10.10
N LEU D 97 26.69 -33.62 -9.99
CA LEU D 97 27.01 -32.72 -11.10
C LEU D 97 27.68 -33.48 -12.26
N GLU D 98 28.62 -34.39 -11.96
CA GLU D 98 29.29 -35.19 -12.99
C GLU D 98 28.42 -36.30 -13.58
N GLY D 99 27.32 -36.67 -12.91
CA GLY D 99 26.46 -37.74 -13.37
C GLY D 99 27.01 -39.12 -13.07
N GLY D 100 27.77 -39.23 -11.98
CA GLY D 100 28.38 -40.48 -11.52
C GLY D 100 27.67 -41.04 -10.31
N GLU D 101 27.86 -42.33 -10.05
CA GLU D 101 27.19 -43.00 -8.92
C GLU D 101 27.77 -42.52 -7.58
N ALA D 102 29.11 -42.42 -7.49
CA ALA D 102 29.78 -42.05 -6.24
C ALA D 102 31.06 -41.24 -6.49
N CYS D 103 31.54 -40.53 -5.45
CA CYS D 103 32.75 -39.72 -5.48
C CYS D 103 33.51 -39.89 -4.16
N VAL D 104 34.82 -39.66 -4.19
CA VAL D 104 35.66 -39.71 -2.99
C VAL D 104 36.71 -38.61 -3.10
N ALA D 105 36.77 -37.72 -2.10
CA ALA D 105 37.68 -36.59 -2.10
C ALA D 105 39.07 -36.96 -1.57
N THR D 106 40.10 -36.26 -2.07
CA THR D 106 41.49 -36.44 -1.69
C THR D 106 42.15 -35.10 -1.34
N SER D 107 43.30 -35.14 -0.64
CA SER D 107 44.02 -33.94 -0.23
C SER D 107 44.74 -33.19 -1.38
N SER D 108 44.69 -33.72 -2.62
CA SER D 108 45.32 -33.07 -3.77
C SER D 108 44.83 -33.71 -5.09
N GLY D 109 45.05 -33.02 -6.21
CA GLY D 109 44.71 -33.53 -7.52
C GLY D 109 45.51 -34.78 -7.84
N MET D 110 46.79 -34.78 -7.47
CA MET D 110 47.68 -35.94 -7.64
C MET D 110 47.26 -37.11 -6.74
N GLY D 111 46.70 -36.82 -5.57
CA GLY D 111 46.19 -37.83 -4.66
C GLY D 111 45.02 -38.58 -5.27
N ALA D 112 44.16 -37.88 -6.02
CA ALA D 112 43.03 -38.49 -6.71
C ALA D 112 43.53 -39.36 -7.87
N ILE D 113 44.51 -38.87 -8.63
CA ILE D 113 45.07 -39.60 -9.77
C ILE D 113 45.78 -40.87 -9.29
N SER D 114 46.67 -40.74 -8.31
CA SER D 114 47.42 -41.87 -7.79
C SER D 114 46.54 -42.91 -7.07
N SER D 115 45.61 -42.47 -6.22
CA SER D 115 44.73 -43.42 -5.51
C SER D 115 43.91 -44.27 -6.46
N ALA D 116 43.36 -43.66 -7.53
CA ALA D 116 42.57 -44.40 -8.52
C ALA D 116 43.43 -45.38 -9.31
N LEU D 117 44.63 -44.96 -9.75
CA LEU D 117 45.52 -45.84 -10.53
C LEU D 117 46.15 -46.94 -9.66
N TRP D 118 46.50 -46.65 -8.39
CA TRP D 118 47.04 -47.68 -7.49
C TRP D 118 45.97 -48.76 -7.25
N THR D 119 44.70 -48.36 -7.13
CA THR D 119 43.60 -49.31 -6.89
C THR D 119 43.28 -50.14 -8.13
N ALA D 120 43.14 -49.51 -9.31
CA ALA D 120 42.80 -50.20 -10.54
C ALA D 120 43.92 -51.07 -11.13
N LEU D 121 45.18 -50.80 -10.78
CA LEU D 121 46.32 -51.53 -11.36
C LEU D 121 47.06 -52.42 -10.37
N LYS D 122 47.87 -53.34 -10.91
CA LYS D 122 48.74 -54.27 -10.19
C LYS D 122 49.99 -54.57 -11.07
N ALA D 123 51.03 -55.23 -10.51
CA ALA D 123 52.22 -55.56 -11.30
C ALA D 123 51.83 -56.53 -12.42
N GLY D 124 52.30 -56.24 -13.63
CA GLY D 124 51.98 -57.03 -14.82
C GLY D 124 50.98 -56.35 -15.73
N ASP D 125 50.25 -55.32 -15.25
CA ASP D 125 49.27 -54.59 -16.06
C ASP D 125 49.94 -53.56 -16.98
N HIS D 126 49.22 -53.16 -18.04
CA HIS D 126 49.69 -52.17 -19.01
C HIS D 126 48.69 -50.99 -19.05
N VAL D 127 49.20 -49.78 -19.31
CA VAL D 127 48.39 -48.56 -19.38
C VAL D 127 48.72 -47.83 -20.68
N VAL D 128 47.70 -47.30 -21.36
CA VAL D 128 47.86 -46.50 -22.57
C VAL D 128 47.52 -45.08 -22.15
N ALA D 129 48.53 -44.22 -21.98
CA ALA D 129 48.34 -42.85 -21.55
C ALA D 129 48.55 -41.85 -22.68
N ALA D 130 47.96 -40.65 -22.56
CA ALA D 130 48.11 -39.60 -23.56
C ALA D 130 49.52 -39.02 -23.50
N ASP D 131 50.05 -38.59 -24.65
CA ASP D 131 51.39 -38.02 -24.72
C ASP D 131 51.49 -36.64 -24.05
N THR D 132 50.45 -35.81 -24.18
CA THR D 132 50.44 -34.49 -23.54
C THR D 132 49.58 -34.58 -22.27
N LEU D 133 50.24 -34.58 -21.11
CA LEU D 133 49.59 -34.65 -19.79
C LEU D 133 50.26 -33.65 -18.83
N TYR D 134 49.62 -33.42 -17.68
CA TYR D 134 50.16 -32.55 -16.64
C TYR D 134 51.52 -33.13 -16.14
N GLY D 135 52.51 -32.27 -15.97
CA GLY D 135 53.87 -32.62 -15.58
C GLY D 135 54.04 -33.72 -14.55
N CYS D 136 53.38 -33.60 -13.40
CA CYS D 136 53.49 -34.58 -12.33
C CYS D 136 52.77 -35.89 -12.67
N THR D 137 51.69 -35.83 -13.47
CA THR D 137 50.98 -37.03 -13.91
C THR D 137 51.91 -37.86 -14.80
N PHE D 138 52.63 -37.20 -15.72
CA PHE D 138 53.60 -37.85 -16.59
C PHE D 138 54.71 -38.49 -15.75
N ALA D 139 55.17 -37.80 -14.70
CA ALA D 139 56.21 -38.31 -13.80
C ALA D 139 55.73 -39.54 -13.02
N TYR D 140 54.47 -39.53 -12.53
CA TYR D 140 53.89 -40.65 -11.80
C TYR D 140 53.76 -41.89 -12.71
N LEU D 141 53.48 -41.69 -13.99
CA LEU D 141 53.33 -42.80 -14.93
C LEU D 141 54.68 -43.30 -15.45
N SER D 142 55.56 -42.38 -15.92
CA SER D 142 56.86 -42.73 -16.49
C SER D 142 57.90 -43.19 -15.46
N HIS D 143 58.01 -42.48 -14.33
CA HIS D 143 59.02 -42.77 -13.30
C HIS D 143 58.44 -43.36 -12.00
N GLY D 144 57.15 -43.69 -11.97
CA GLY D 144 56.50 -44.23 -10.78
C GLY D 144 55.96 -45.61 -11.03
N LEU D 145 54.90 -45.70 -11.83
CA LEU D 145 54.28 -46.99 -12.16
C LEU D 145 55.24 -47.93 -12.90
N THR D 146 56.16 -47.40 -13.72
CA THR D 146 57.15 -48.24 -14.41
C THR D 146 58.11 -48.88 -13.39
N ARG D 147 58.51 -48.13 -12.34
CA ARG D 147 59.37 -48.68 -11.28
C ARG D 147 58.69 -49.84 -10.51
N TYR D 148 57.35 -49.97 -10.59
CA TYR D 148 56.60 -51.02 -9.90
C TYR D 148 55.98 -52.06 -10.85
N GLY D 149 56.75 -52.47 -11.85
CA GLY D 149 56.34 -53.48 -12.81
C GLY D 149 55.05 -53.22 -13.57
N VAL D 150 54.83 -51.98 -14.02
CA VAL D 150 53.64 -51.61 -14.78
C VAL D 150 54.12 -50.89 -16.05
N GLU D 151 53.88 -51.50 -17.22
CA GLU D 151 54.31 -50.92 -18.49
C GLU D 151 53.32 -49.84 -18.92
N VAL D 152 53.82 -48.68 -19.41
CA VAL D 152 52.97 -47.57 -19.84
C VAL D 152 53.42 -47.12 -21.24
N THR D 153 52.47 -47.02 -22.19
CA THR D 153 52.75 -46.59 -23.56
C THR D 153 52.09 -45.23 -23.79
N PHE D 154 52.88 -44.20 -24.11
CA PHE D 154 52.37 -42.84 -24.36
C PHE D 154 52.15 -42.64 -25.85
N VAL D 155 50.96 -42.14 -26.25
CA VAL D 155 50.59 -41.97 -27.66
C VAL D 155 49.90 -40.61 -27.91
N ASP D 156 49.91 -40.15 -29.18
CA ASP D 156 49.22 -38.92 -29.56
C ASP D 156 47.72 -39.25 -29.57
N ALA D 157 47.04 -38.95 -28.46
CA ALA D 157 45.62 -39.28 -28.28
C ALA D 157 44.63 -38.47 -29.15
N SER D 158 45.08 -37.44 -29.89
CA SER D 158 44.17 -36.68 -30.76
C SER D 158 43.58 -37.60 -31.84
N ASN D 159 44.40 -38.49 -32.40
CA ASN D 159 43.98 -39.49 -33.37
C ASN D 159 43.68 -40.77 -32.55
N PRO D 160 42.41 -41.19 -32.37
CA PRO D 160 42.15 -42.40 -31.56
C PRO D 160 42.78 -43.71 -32.04
N GLU D 161 43.11 -43.83 -33.34
CA GLU D 161 43.73 -45.04 -33.87
C GLU D 161 45.07 -45.38 -33.19
N ASN D 162 45.81 -44.38 -32.68
CA ASN D 162 47.07 -44.65 -31.99
C ASN D 162 46.82 -45.41 -30.68
N ILE D 163 45.70 -45.14 -29.98
CA ILE D 163 45.34 -45.85 -28.74
C ILE D 163 45.06 -47.31 -29.09
N LYS D 164 44.26 -47.55 -30.14
CA LYS D 164 43.90 -48.89 -30.61
C LYS D 164 45.15 -49.71 -30.93
N GLU D 165 46.16 -49.08 -31.54
CA GLU D 165 47.42 -49.74 -31.90
C GLU D 165 48.23 -50.10 -30.65
N ALA D 166 48.30 -49.19 -29.66
CA ALA D 166 49.03 -49.43 -28.41
C ALA D 166 48.32 -50.38 -27.43
N MET D 167 47.05 -50.77 -27.71
CA MET D 167 46.32 -51.68 -26.84
C MET D 167 46.98 -53.06 -26.82
N ARG D 168 46.97 -53.72 -25.65
CA ARG D 168 47.60 -55.03 -25.42
C ARG D 168 46.63 -55.94 -24.62
N PRO D 169 46.79 -57.29 -24.59
CA PRO D 169 45.87 -58.11 -23.78
C PRO D 169 45.86 -57.81 -22.28
N ASN D 170 46.92 -57.13 -21.77
CA ASN D 170 47.02 -56.77 -20.35
C ASN D 170 46.75 -55.27 -20.09
N THR D 171 46.21 -54.51 -21.08
CA THR D 171 45.92 -53.10 -20.88
C THR D 171 44.66 -52.96 -20.04
N LYS D 172 44.81 -52.71 -18.74
CA LYS D 172 43.68 -52.60 -17.83
C LYS D 172 43.13 -51.18 -17.68
N ALA D 173 43.81 -50.15 -18.22
CA ALA D 173 43.34 -48.77 -18.12
C ALA D 173 43.90 -47.87 -19.23
N ILE D 174 43.16 -46.80 -19.56
CA ILE D 174 43.53 -45.79 -20.54
C ILE D 174 43.33 -44.45 -19.83
N TYR D 175 44.40 -43.65 -19.71
CA TYR D 175 44.34 -42.35 -19.03
C TYR D 175 44.42 -41.22 -20.06
N ILE D 176 43.43 -40.31 -20.06
CA ILE D 176 43.38 -39.16 -20.97
C ILE D 176 43.08 -37.85 -20.21
N GLU D 177 43.42 -36.71 -20.83
CA GLU D 177 43.22 -35.37 -20.27
C GLU D 177 42.83 -34.48 -21.45
N THR D 178 41.61 -33.88 -21.43
CA THR D 178 41.15 -33.05 -22.55
C THR D 178 40.37 -31.80 -22.07
N PRO D 179 40.81 -30.55 -22.38
CA PRO D 179 42.03 -30.15 -23.12
C PRO D 179 43.30 -30.52 -22.38
N ALA D 180 44.34 -30.92 -23.12
CA ALA D 180 45.62 -31.32 -22.55
C ALA D 180 46.40 -30.11 -22.06
N ASN D 181 46.91 -30.16 -20.83
CA ASN D 181 47.69 -29.06 -20.26
C ASN D 181 49.12 -29.08 -20.86
N PRO D 182 49.70 -28.00 -21.47
CA PRO D 182 49.19 -26.63 -21.70
C PRO D 182 48.54 -26.30 -23.07
N ASN D 183 49.10 -26.84 -24.19
CA ASN D 183 48.68 -26.60 -25.59
C ASN D 183 47.17 -26.72 -25.91
N LEU D 184 46.38 -27.39 -25.04
CA LEU D 184 44.93 -27.57 -25.17
C LEU D 184 44.54 -28.48 -26.33
N LYS D 185 45.19 -29.65 -26.44
CA LYS D 185 44.87 -30.61 -27.49
C LYS D 185 43.69 -31.45 -26.98
N LEU D 186 42.64 -31.57 -27.79
CA LEU D 186 41.41 -32.30 -27.42
C LEU D 186 41.46 -33.77 -27.79
N ILE D 187 40.65 -34.59 -27.09
CA ILE D 187 40.55 -36.03 -27.31
C ILE D 187 39.05 -36.38 -27.29
N ASP D 188 38.54 -37.05 -28.34
CA ASP D 188 37.14 -37.44 -28.38
C ASP D 188 36.92 -38.55 -27.34
N ILE D 189 36.22 -38.22 -26.24
CA ILE D 189 35.98 -39.16 -25.14
C ILE D 189 35.12 -40.35 -25.57
N LYS D 190 34.02 -40.08 -26.29
CA LYS D 190 33.11 -41.13 -26.74
C LYS D 190 33.79 -42.18 -27.61
N LYS D 191 34.75 -41.78 -28.48
CA LYS D 191 35.47 -42.74 -29.32
C LYS D 191 36.51 -43.54 -28.52
N VAL D 192 37.19 -42.91 -27.55
CA VAL D 192 38.17 -43.60 -26.72
C VAL D 192 37.47 -44.60 -25.78
N ALA D 193 36.26 -44.27 -25.30
CA ALA D 193 35.48 -45.17 -24.45
C ALA D 193 35.09 -46.44 -25.23
N GLU D 194 34.75 -46.31 -26.52
CA GLU D 194 34.43 -47.46 -27.37
C GLU D 194 35.65 -48.39 -27.51
N ILE D 195 36.87 -47.81 -27.54
CA ILE D 195 38.11 -48.58 -27.64
C ILE D 195 38.38 -49.29 -26.30
N ALA D 196 38.25 -48.56 -25.18
CA ALA D 196 38.46 -49.11 -23.85
C ALA D 196 37.48 -50.26 -23.55
N HIS D 197 36.21 -50.13 -23.95
CA HIS D 197 35.20 -51.15 -23.68
C HIS D 197 35.21 -52.31 -24.70
N SER D 198 36.12 -52.31 -25.69
CA SER D 198 36.25 -53.44 -26.62
C SER D 198 36.86 -54.65 -25.87
N LYS D 199 37.79 -54.40 -24.91
CA LYS D 199 38.42 -55.42 -24.08
C LYS D 199 37.61 -55.52 -22.76
N GLU D 200 37.47 -56.74 -22.21
CA GLU D 200 36.64 -57.00 -21.01
C GLU D 200 37.11 -56.23 -19.77
N ASP D 201 38.39 -56.33 -19.40
CA ASP D 201 38.92 -55.67 -18.20
C ASP D 201 39.76 -54.43 -18.55
N CYS D 202 39.10 -53.33 -18.91
CA CYS D 202 39.79 -52.07 -19.23
C CYS D 202 38.86 -50.90 -18.94
N ILE D 203 39.37 -49.85 -18.30
CA ILE D 203 38.61 -48.66 -17.93
C ILE D 203 39.22 -47.39 -18.53
N LEU D 204 38.43 -46.31 -18.62
CA LEU D 204 38.88 -45.04 -19.15
C LEU D 204 38.84 -43.99 -18.04
N ILE D 205 39.99 -43.42 -17.68
CA ILE D 205 40.10 -42.38 -16.65
C ILE D 205 40.31 -41.07 -17.39
N VAL D 206 39.45 -40.06 -17.13
CA VAL D 206 39.54 -38.75 -17.77
C VAL D 206 39.79 -37.68 -16.71
N ASP D 207 40.82 -36.84 -16.91
CA ASP D 207 41.13 -35.75 -15.99
C ASP D 207 40.33 -34.53 -16.45
N ASN D 208 39.17 -34.29 -15.81
CA ASN D 208 38.25 -33.20 -16.15
C ASN D 208 38.52 -31.93 -15.33
N THR D 209 39.79 -31.65 -15.01
CA THR D 209 40.18 -30.48 -14.21
C THR D 209 39.83 -29.16 -14.91
N PHE D 210 40.28 -29.01 -16.17
CA PHE D 210 40.09 -27.80 -16.98
C PHE D 210 38.62 -27.45 -17.25
N CYS D 211 37.80 -28.46 -17.57
CA CYS D 211 36.40 -28.24 -17.94
C CYS D 211 35.43 -28.09 -16.77
N THR D 212 35.50 -28.97 -15.75
CA THR D 212 34.54 -29.04 -14.60
C THR D 212 33.20 -29.66 -15.12
N PRO D 213 32.32 -30.27 -14.27
CA PRO D 213 31.07 -30.83 -14.82
C PRO D 213 30.11 -29.83 -15.47
N TYR D 214 30.38 -28.53 -15.35
CA TYR D 214 29.56 -27.50 -16.00
C TYR D 214 29.81 -27.50 -17.50
N ILE D 215 31.07 -27.65 -17.92
CA ILE D 215 31.47 -27.66 -19.33
C ILE D 215 31.42 -29.07 -19.93
N GLN D 216 32.10 -30.04 -19.29
CA GLN D 216 32.19 -31.41 -19.80
C GLN D 216 31.85 -32.44 -18.72
N ARG D 217 31.18 -33.53 -19.11
CA ARG D 217 30.79 -34.62 -18.23
C ARG D 217 31.25 -35.92 -18.90
N PRO D 218 32.52 -36.36 -18.72
CA PRO D 218 32.97 -37.57 -19.42
C PRO D 218 32.23 -38.87 -19.12
N ILE D 219 31.61 -39.02 -17.93
CA ILE D 219 30.86 -40.24 -17.59
C ILE D 219 29.69 -40.44 -18.58
N GLU D 220 28.97 -39.36 -18.91
CA GLU D 220 27.87 -39.42 -19.86
C GLU D 220 28.35 -39.78 -21.27
N LEU D 221 29.56 -39.32 -21.64
CA LEU D 221 30.15 -39.61 -22.96
C LEU D 221 30.70 -41.06 -23.06
N GLY D 222 30.96 -41.72 -21.92
CA GLY D 222 31.46 -43.09 -21.92
C GLY D 222 32.50 -43.44 -20.86
N ALA D 223 33.19 -42.44 -20.28
CA ALA D 223 34.23 -42.71 -19.30
C ALA D 223 33.72 -43.44 -18.06
N ASP D 224 34.56 -44.29 -17.48
CA ASP D 224 34.24 -45.08 -16.29
C ASP D 224 34.60 -44.26 -15.04
N VAL D 225 35.80 -43.64 -15.05
CA VAL D 225 36.33 -42.86 -13.93
C VAL D 225 36.67 -41.44 -14.41
N VAL D 226 36.41 -40.43 -13.56
CA VAL D 226 36.71 -39.02 -13.83
C VAL D 226 37.47 -38.50 -12.63
N VAL D 227 38.66 -37.94 -12.85
CA VAL D 227 39.47 -37.36 -11.78
C VAL D 227 39.55 -35.84 -11.94
N HIS D 228 39.69 -35.14 -10.82
CA HIS D 228 39.74 -33.67 -10.80
C HIS D 228 40.84 -33.18 -9.86
N SER D 229 41.27 -31.94 -10.07
CA SER D 229 42.19 -31.24 -9.20
C SER D 229 41.36 -30.07 -8.69
N ALA D 230 40.51 -30.34 -7.68
CA ALA D 230 39.63 -29.37 -7.03
C ALA D 230 40.27 -28.02 -6.75
N THR D 231 41.59 -28.02 -6.52
CA THR D 231 42.41 -26.82 -6.36
C THR D 231 42.13 -25.74 -7.41
N1 LLP D 232 45.71 -32.38 -13.49
C2 LLP D 232 45.72 -31.14 -14.00
C2' LLP D 232 45.20 -30.97 -15.40
C3 LLP D 232 46.17 -30.05 -13.25
O3 LLP D 232 46.31 -28.80 -13.81
C4 LLP D 232 46.60 -30.25 -11.92
C4' LLP D 232 46.96 -29.10 -11.08
C5 LLP D 232 46.58 -31.57 -11.40
C6 LLP D 232 46.12 -32.56 -12.24
C5' LLP D 232 47.11 -31.91 -10.04
OP4 LLP D 232 46.32 -31.36 -8.95
P LLP D 232 47.07 -30.87 -7.59
OP1 LLP D 232 45.97 -30.35 -6.69
OP2 LLP D 232 47.77 -32.09 -7.04
OP3 LLP D 232 48.04 -29.78 -8.03
N LLP D 232 41.87 -26.17 -8.65
CA LLP D 232 41.73 -25.28 -9.78
CB LLP D 232 42.20 -25.99 -11.08
CG LLP D 232 43.50 -26.82 -10.99
CD LLP D 232 44.73 -26.14 -10.35
CE LLP D 232 45.79 -27.15 -10.05
NZ LLP D 232 46.37 -27.76 -11.28
C LLP D 232 40.30 -24.64 -9.83
O LLP D 232 40.02 -23.81 -8.97
H2'1 LLP D 232 44.48 -30.15 -15.44
H2'2 LLP D 232 46.02 -30.79 -16.09
H2'3 LLP D 232 44.68 -31.88 -15.73
HO3 LLP D 232 46.07 -28.79 -14.75
H4'1 LLP D 232 47.63 -29.21 -10.21
H6 LLP D 232 46.08 -33.59 -11.90
H5'1 LLP D 232 48.15 -31.56 -9.99
H5'2 LLP D 232 47.11 -33.01 -9.94
H LLP D 232 41.72 -27.15 -8.89
HA LLP D 232 42.41 -24.43 -9.63
HB2 LLP D 232 41.43 -26.69 -11.39
HB3 LLP D 232 42.32 -25.23 -11.86
HG2 LLP D 232 43.29 -27.72 -10.43
HG3 LLP D 232 43.79 -27.08 -12.01
HD2 LLP D 232 45.16 -25.42 -11.04
HD3 LLP D 232 44.47 -25.66 -9.42
HE2 LLP D 232 46.59 -26.66 -9.48
HE3 LLP D 232 45.37 -27.96 -9.45
N PHE D 233 39.42 -24.97 -10.80
CA PHE D 233 38.13 -24.30 -10.94
C PHE D 233 37.04 -24.69 -9.94
N LEU D 234 37.01 -25.92 -9.41
CA LEU D 234 35.92 -26.30 -8.47
C LEU D 234 36.00 -25.50 -7.17
N ASN D 235 37.21 -25.30 -6.62
CA ASN D 235 37.41 -24.46 -5.44
C ASN D 235 37.31 -22.99 -5.92
N GLY D 236 38.05 -22.65 -6.97
CA GLY D 236 37.99 -21.34 -7.61
C GLY D 236 38.66 -20.18 -6.92
N HIS D 237 39.07 -20.32 -5.65
CA HIS D 237 39.67 -19.22 -4.90
C HIS D 237 41.16 -19.42 -4.54
N GLY D 238 41.80 -20.47 -5.08
CA GLY D 238 43.22 -20.72 -4.89
C GLY D 238 43.70 -20.72 -3.46
N ASP D 239 43.05 -21.51 -2.62
CA ASP D 239 43.43 -21.63 -1.21
C ASP D 239 43.27 -23.04 -0.63
N VAL D 240 43.01 -24.05 -1.49
CA VAL D 240 42.79 -25.43 -1.07
C VAL D 240 43.46 -26.33 -2.10
N ILE D 241 44.32 -27.25 -1.66
CA ILE D 241 44.89 -28.25 -2.54
C ILE D 241 43.99 -29.46 -2.30
N ALA D 242 43.26 -29.93 -3.33
CA ALA D 242 42.31 -31.04 -3.18
C ALA D 242 42.00 -31.76 -4.53
N GLY D 243 41.39 -32.95 -4.47
CA GLY D 243 41.06 -33.75 -5.65
C GLY D 243 39.82 -34.59 -5.46
N PHE D 244 39.29 -35.17 -6.57
CA PHE D 244 38.12 -36.05 -6.53
C PHE D 244 38.26 -37.20 -7.49
N VAL D 245 37.67 -38.36 -7.15
CA VAL D 245 37.63 -39.54 -8.01
C VAL D 245 36.14 -39.85 -8.11
N VAL D 246 35.56 -39.76 -9.31
CA VAL D 246 34.14 -39.99 -9.55
C VAL D 246 33.99 -41.22 -10.45
N GLY D 247 33.00 -42.05 -10.18
CA GLY D 247 32.76 -43.25 -10.95
C GLY D 247 31.73 -44.16 -10.31
N ARG D 248 31.76 -45.45 -10.68
CA ARG D 248 30.82 -46.42 -10.13
C ARG D 248 31.09 -46.65 -8.64
N LYS D 249 30.04 -46.86 -7.84
CA LYS D 249 30.16 -47.09 -6.39
C LYS D 249 31.12 -48.24 -6.08
N SER D 250 31.07 -49.34 -6.85
CA SER D 250 31.96 -50.49 -6.66
C SER D 250 33.44 -50.08 -6.68
N PHE D 251 33.85 -49.27 -7.66
CA PHE D 251 35.24 -48.81 -7.77
C PHE D 251 35.58 -47.70 -6.77
N ILE D 252 34.63 -46.80 -6.48
CA ILE D 252 34.87 -45.70 -5.53
C ILE D 252 35.04 -46.23 -4.10
N ASP D 253 34.30 -47.29 -3.72
CA ASP D 253 34.47 -47.91 -2.41
C ASP D 253 35.87 -48.54 -2.30
N GLN D 254 36.38 -49.13 -3.39
CA GLN D 254 37.73 -49.72 -3.43
C GLN D 254 38.80 -48.62 -3.31
N VAL D 255 38.60 -47.45 -3.94
CA VAL D 255 39.56 -46.35 -3.84
C VAL D 255 39.53 -45.75 -2.42
N ARG D 256 38.34 -45.66 -1.81
CA ARG D 256 38.19 -45.12 -0.46
C ARG D 256 38.83 -46.03 0.60
N LEU D 257 38.58 -47.35 0.53
CA LEU D 257 39.07 -48.30 1.53
C LEU D 257 40.37 -49.03 1.16
N TYR D 258 41.10 -48.56 0.13
CA TYR D 258 42.35 -49.20 -0.26
C TYR D 258 43.36 -48.17 -0.82
N GLY D 259 42.95 -47.40 -1.83
CA GLY D 259 43.79 -46.38 -2.44
C GLY D 259 44.14 -45.25 -1.50
N ILE D 260 43.14 -44.71 -0.80
CA ILE D 260 43.35 -43.61 0.15
C ILE D 260 43.67 -44.18 1.53
N LYS D 261 42.85 -45.12 2.00
CA LYS D 261 43.03 -45.72 3.33
C LYS D 261 44.44 -46.29 3.54
N ASP D 262 44.98 -47.04 2.55
CA ASP D 262 46.26 -47.71 2.70
C ASP D 262 47.39 -47.25 1.74
N MET D 263 47.12 -47.12 0.43
CA MET D 263 48.18 -46.85 -0.57
C MET D 263 48.77 -45.44 -0.57
N THR D 264 47.94 -44.41 -0.46
CA THR D 264 48.40 -43.03 -0.55
C THR D 264 48.23 -42.23 0.72
N GLY D 265 47.15 -42.47 1.46
CA GLY D 265 46.85 -41.69 2.65
C GLY D 265 46.45 -40.26 2.31
N ALA D 266 45.90 -40.04 1.09
CA ALA D 266 45.52 -38.73 0.63
C ALA D 266 44.05 -38.45 0.97
N CYS D 267 43.76 -38.24 2.26
CA CYS D 267 42.41 -37.93 2.71
C CYS D 267 42.27 -36.42 2.86
N LEU D 268 41.13 -35.87 2.44
CA LEU D 268 40.90 -34.43 2.48
C LEU D 268 40.48 -33.95 3.89
N SER D 269 40.97 -32.76 4.28
CA SER D 269 40.65 -32.13 5.55
C SER D 269 39.19 -31.62 5.54
N PRO D 270 38.38 -31.75 6.63
CA PRO D 270 37.02 -31.18 6.59
C PRO D 270 36.98 -29.66 6.38
N PHE D 271 38.01 -28.93 6.83
CA PHE D 271 38.08 -27.49 6.61
C PHE D 271 38.26 -27.18 5.13
N ASP D 272 39.21 -27.86 4.46
CA ASP D 272 39.42 -27.67 3.03
C ASP D 272 38.18 -28.07 2.24
N ALA D 273 37.50 -29.14 2.66
CA ALA D 273 36.26 -29.60 2.04
C ALA D 273 35.16 -28.54 2.14
N TYR D 274 35.09 -27.82 3.28
CA TYR D 274 34.11 -26.76 3.45
C TYR D 274 34.38 -25.62 2.49
N LEU D 275 35.65 -25.23 2.33
CA LEU D 275 36.00 -24.15 1.41
C LEU D 275 35.67 -24.51 -0.05
N ILE D 276 35.75 -25.80 -0.43
CA ILE D 276 35.38 -26.21 -1.79
C ILE D 276 33.85 -26.10 -1.91
N LEU D 277 33.09 -26.52 -0.87
CA LEU D 277 31.63 -26.38 -0.86
C LEU D 277 31.21 -24.91 -1.02
N ARG D 278 31.96 -24.01 -0.35
CA ARG D 278 31.75 -22.56 -0.41
C ARG D 278 32.03 -22.05 -1.83
N GLY D 279 33.11 -22.53 -2.44
CA GLY D 279 33.49 -22.17 -3.80
C GLY D 279 32.51 -22.68 -4.85
N LEU D 280 31.95 -23.88 -4.65
CA LEU D 280 30.99 -24.46 -5.59
C LEU D 280 29.69 -23.68 -5.68
N LYS D 281 29.32 -22.91 -4.63
CA LYS D 281 28.10 -22.10 -4.65
C LYS D 281 28.08 -21.12 -5.85
N THR D 282 29.25 -20.67 -6.34
CA THR D 282 29.37 -19.75 -7.47
C THR D 282 30.05 -20.39 -8.69
N LEU D 283 30.04 -21.74 -8.84
CA LEU D 283 30.73 -22.38 -9.96
C LEU D 283 30.17 -21.99 -11.34
N GLU D 284 28.84 -21.96 -11.50
CA GLU D 284 28.24 -21.59 -12.77
C GLU D 284 28.60 -20.15 -13.17
N ILE D 285 28.44 -19.19 -12.24
CA ILE D 285 28.73 -17.79 -12.52
C ILE D 285 30.24 -17.55 -12.72
N ARG D 286 31.11 -18.31 -12.03
CA ARG D 286 32.55 -18.15 -12.21
C ARG D 286 32.96 -18.72 -13.57
N MET D 287 32.48 -19.91 -13.94
CA MET D 287 32.84 -20.52 -15.23
C MET D 287 32.34 -19.67 -16.40
N GLU D 288 31.14 -19.09 -16.29
CA GLU D 288 30.62 -18.23 -17.34
C GLU D 288 31.49 -16.99 -17.53
N ARG D 289 31.88 -16.31 -16.42
CA ARG D 289 32.73 -15.12 -16.52
C ARG D 289 34.13 -15.48 -17.00
N HIS D 290 34.70 -16.58 -16.50
CA HIS D 290 36.02 -17.08 -16.91
C HIS D 290 36.09 -17.27 -18.45
N CYS D 291 35.10 -17.97 -19.03
CA CYS D 291 35.04 -18.24 -20.46
C CYS D 291 34.67 -16.99 -21.27
N SER D 292 33.82 -16.09 -20.69
CA SER D 292 33.46 -14.84 -21.34
C SER D 292 34.71 -13.98 -21.54
N ASN D 293 35.55 -13.86 -20.50
CA ASN D 293 36.78 -13.08 -20.58
C ASN D 293 37.79 -13.77 -21.49
N ALA D 294 37.93 -15.11 -21.40
CA ALA D 294 38.89 -15.83 -22.23
C ALA D 294 38.60 -15.73 -23.72
N MET D 295 37.33 -15.75 -24.13
CA MET D 295 37.00 -15.59 -25.56
C MET D 295 37.43 -14.19 -26.04
N LYS D 296 37.27 -13.16 -25.19
CA LYS D 296 37.66 -11.79 -25.52
C LYS D 296 39.17 -11.61 -25.55
N VAL D 297 39.88 -12.23 -24.61
CA VAL D 297 41.35 -12.16 -24.54
C VAL D 297 41.96 -12.91 -25.73
N ALA D 298 41.47 -14.12 -26.04
CA ALA D 298 41.97 -14.93 -27.16
C ALA D 298 41.81 -14.24 -28.51
N LYS D 299 40.66 -13.57 -28.73
CA LYS D 299 40.43 -12.84 -29.98
C LYS D 299 41.43 -11.68 -30.09
N PHE D 300 41.64 -10.97 -28.97
CA PHE D 300 42.60 -9.86 -28.91
C PHE D 300 44.02 -10.36 -29.24
N LEU D 301 44.44 -11.48 -28.62
CA LEU D 301 45.77 -12.06 -28.84
C LEU D 301 45.95 -12.49 -30.30
N GLU D 302 44.92 -13.09 -30.89
CA GLU D 302 44.96 -13.52 -32.29
C GLU D 302 45.18 -12.34 -33.23
N GLU D 303 44.47 -11.23 -33.00
CA GLU D 303 44.60 -10.03 -33.83
C GLU D 303 45.87 -9.22 -33.54
N HIS D 304 46.50 -9.39 -32.35
CA HIS D 304 47.72 -8.64 -32.01
C HIS D 304 48.90 -9.08 -32.89
N LYS D 305 49.75 -8.12 -33.29
CA LYS D 305 50.88 -8.38 -34.19
C LYS D 305 51.99 -9.25 -33.57
N ALA D 306 52.40 -8.91 -32.34
CA ALA D 306 53.44 -9.65 -31.62
C ALA D 306 53.13 -11.12 -31.32
N VAL D 307 51.86 -11.57 -31.45
CA VAL D 307 51.48 -12.96 -31.16
C VAL D 307 51.45 -13.78 -32.46
N LYS D 308 52.28 -14.85 -32.53
CA LYS D 308 52.40 -15.71 -33.71
C LYS D 308 51.21 -16.68 -33.90
N LYS D 309 50.82 -17.42 -32.83
CA LYS D 309 49.76 -18.42 -32.90
C LYS D 309 49.04 -18.52 -31.56
N VAL D 310 47.69 -18.61 -31.58
CA VAL D 310 46.87 -18.71 -30.36
C VAL D 310 46.06 -20.01 -30.40
N TYR D 311 46.14 -20.80 -29.34
CA TYR D 311 45.41 -22.06 -29.18
C TYR D 311 44.29 -21.81 -28.15
N TYR D 312 43.02 -21.86 -28.58
CA TYR D 312 41.87 -21.69 -27.68
C TYR D 312 40.64 -22.37 -28.31
N PRO D 313 39.94 -23.32 -27.66
CA PRO D 313 38.79 -23.97 -28.32
C PRO D 313 37.67 -23.10 -28.87
N GLY D 314 37.62 -21.83 -28.48
CA GLY D 314 36.59 -20.89 -28.90
C GLY D 314 36.85 -20.17 -30.20
N LEU D 315 38.14 -20.05 -30.60
CA LEU D 315 38.48 -19.37 -31.85
C LEU D 315 38.21 -20.27 -33.03
N GLU D 316 37.76 -19.70 -34.16
CA GLU D 316 37.53 -20.51 -35.37
C GLU D 316 38.85 -21.06 -35.95
N SER D 317 40.01 -20.45 -35.60
CA SER D 317 41.32 -20.93 -36.03
C SER D 317 41.75 -22.24 -35.32
N PHE D 318 41.06 -22.63 -34.23
CA PHE D 318 41.37 -23.85 -33.49
C PHE D 318 41.15 -25.06 -34.39
N GLU D 319 42.10 -26.02 -34.38
CA GLU D 319 42.05 -27.19 -35.24
C GLU D 319 40.85 -28.09 -34.93
N GLN D 320 40.62 -28.38 -33.64
CA GLN D 320 39.50 -29.23 -33.21
C GLN D 320 38.33 -28.37 -32.72
N TYR D 321 37.93 -27.37 -33.52
CA TYR D 321 36.83 -26.47 -33.19
C TYR D 321 35.49 -27.19 -33.19
N GLU D 322 35.28 -28.14 -34.12
CA GLU D 322 34.03 -28.90 -34.20
C GLU D 322 33.87 -29.81 -32.98
N LEU D 323 34.96 -30.44 -32.53
CA LEU D 323 34.93 -31.32 -31.35
C LEU D 323 34.70 -30.50 -30.07
N ALA D 324 35.23 -29.27 -30.00
CA ALA D 324 35.03 -28.39 -28.86
C ALA D 324 33.55 -28.06 -28.69
N LYS D 325 32.82 -27.85 -29.79
CA LYS D 325 31.39 -27.59 -29.75
C LYS D 325 30.59 -28.84 -29.33
N GLU D 326 31.03 -30.03 -29.79
CA GLU D 326 30.34 -31.29 -29.52
C GLU D 326 30.45 -31.79 -28.07
N GLN D 327 31.66 -31.78 -27.46
CA GLN D 327 31.84 -32.30 -26.10
C GLN D 327 32.03 -31.23 -25.00
N MET D 328 32.17 -29.94 -25.34
CA MET D 328 32.32 -28.88 -24.33
C MET D 328 31.21 -27.83 -24.46
N LYS D 329 30.59 -27.47 -23.32
CA LYS D 329 29.50 -26.49 -23.27
C LYS D 329 30.03 -25.10 -23.60
N LEU D 330 31.20 -24.75 -23.02
CA LEU D 330 31.91 -23.48 -23.23
C LEU D 330 33.39 -23.79 -23.60
N PRO D 331 34.16 -22.85 -24.19
CA PRO D 331 35.56 -23.18 -24.56
C PRO D 331 36.61 -23.24 -23.44
N GLY D 332 36.25 -22.86 -22.21
CA GLY D 332 37.17 -22.86 -21.09
C GLY D 332 37.83 -21.53 -20.82
N ALA D 333 38.76 -21.48 -19.84
CA ALA D 333 39.45 -20.26 -19.43
C ALA D 333 40.95 -20.24 -19.72
N ILE D 334 41.52 -21.34 -20.24
CA ILE D 334 42.96 -21.42 -20.47
C ILE D 334 43.26 -21.07 -21.92
N ILE D 335 44.33 -20.27 -22.16
CA ILE D 335 44.76 -19.86 -23.50
C ILE D 335 46.26 -20.06 -23.63
N ALA D 336 46.69 -20.99 -24.48
CA ALA D 336 48.11 -21.21 -24.74
C ALA D 336 48.45 -20.44 -26.02
N PHE D 337 49.57 -19.70 -26.04
CA PHE D 337 49.93 -18.91 -27.22
C PHE D 337 51.44 -18.78 -27.38
N GLU D 338 51.89 -18.67 -28.64
CA GLU D 338 53.30 -18.52 -29.01
C GLU D 338 53.51 -17.13 -29.57
N LEU D 339 54.66 -16.51 -29.25
CA LEU D 339 54.98 -15.16 -29.71
C LEU D 339 55.89 -15.17 -30.94
N ASN D 340 56.01 -14.01 -31.63
CA ASN D 340 56.93 -13.86 -32.76
C ASN D 340 58.30 -13.52 -32.15
N GLY D 341 58.80 -14.44 -31.33
CA GLY D 341 60.07 -14.26 -30.63
C GLY D 341 60.40 -15.46 -29.75
N GLY D 342 61.65 -15.58 -29.36
CA GLY D 342 62.11 -16.70 -28.54
C GLY D 342 61.62 -16.67 -27.10
N VAL D 343 62.39 -17.28 -26.20
CA VAL D 343 62.05 -17.33 -24.77
C VAL D 343 62.29 -15.93 -24.13
N GLU D 344 63.29 -15.17 -24.64
CA GLU D 344 63.60 -13.82 -24.13
C GLU D 344 62.38 -12.89 -24.29
N GLU D 345 61.66 -12.97 -25.42
CA GLU D 345 60.46 -12.16 -25.65
C GLU D 345 59.36 -12.53 -24.64
N GLY D 346 59.18 -13.83 -24.40
CA GLY D 346 58.21 -14.32 -23.43
C GLY D 346 58.48 -13.86 -22.00
N ILE D 347 59.77 -13.82 -21.63
CA ILE D 347 60.18 -13.35 -20.30
C ILE D 347 59.81 -11.87 -20.16
N LYS D 348 60.15 -11.05 -21.18
CA LYS D 348 59.83 -9.63 -21.18
C LYS D 348 58.32 -9.38 -21.02
N VAL D 349 57.46 -10.22 -21.63
CA VAL D 349 56.00 -10.08 -21.51
C VAL D 349 55.57 -10.41 -20.07
N LEU D 350 56.03 -11.54 -19.54
CA LEU D 350 55.68 -11.97 -18.17
C LEU D 350 56.07 -10.93 -17.12
N ASN D 351 57.28 -10.37 -17.23
CA ASN D 351 57.80 -9.38 -16.29
C ASN D 351 57.11 -8.01 -16.40
N SER D 352 56.67 -7.62 -17.60
CA SER D 352 55.98 -6.35 -17.81
C SER D 352 54.55 -6.31 -17.24
N CYS D 353 53.95 -7.48 -16.96
CA CYS D 353 52.59 -7.58 -16.43
C CYS D 353 52.43 -6.95 -15.04
N LYS D 354 51.37 -6.14 -14.87
CA LYS D 354 51.03 -5.47 -13.60
C LYS D 354 49.71 -6.02 -13.01
N VAL D 355 48.80 -6.52 -13.86
CA VAL D 355 47.50 -7.08 -13.47
C VAL D 355 47.62 -8.62 -13.49
N CYS D 356 48.09 -9.18 -14.63
CA CYS D 356 48.25 -10.63 -14.76
C CYS D 356 49.36 -11.06 -13.80
N THR D 357 49.01 -11.89 -12.83
CA THR D 357 49.94 -12.34 -11.80
C THR D 357 50.88 -13.42 -12.33
N LEU D 358 52.20 -13.23 -12.15
CA LEU D 358 53.22 -14.19 -12.60
C LEU D 358 53.29 -15.31 -11.55
N ALA D 359 52.46 -16.34 -11.73
CA ALA D 359 52.37 -17.46 -10.79
C ALA D 359 51.91 -18.76 -11.49
N VAL D 360 52.12 -19.91 -10.83
CA VAL D 360 51.73 -21.23 -11.36
C VAL D 360 50.25 -21.48 -10.92
N SER D 361 49.60 -22.55 -11.42
CA SER D 361 48.21 -22.93 -11.10
C SER D 361 47.18 -22.24 -12.03
N LEU D 362 45.91 -22.65 -11.95
CA LEU D 362 44.83 -22.12 -12.79
C LEU D 362 43.48 -22.20 -12.03
N GLY D 363 42.45 -21.55 -12.56
CA GLY D 363 41.12 -21.57 -11.96
C GLY D 363 41.01 -20.73 -10.69
N ASP D 364 41.38 -19.46 -10.80
CA ASP D 364 41.36 -18.50 -9.69
C ASP D 364 40.82 -17.16 -10.18
N ALA D 365 40.35 -16.33 -9.24
CA ALA D 365 39.88 -14.99 -9.56
C ALA D 365 41.01 -14.14 -10.16
N GLU D 366 42.25 -14.32 -9.67
CA GLU D 366 43.41 -13.62 -10.24
C GLU D 366 43.81 -14.30 -11.54
N THR D 367 44.10 -13.51 -12.59
CA THR D 367 44.54 -14.06 -13.87
C THR D 367 45.99 -14.46 -13.69
N LEU D 368 46.31 -15.75 -13.85
CA LEU D 368 47.66 -16.25 -13.65
C LEU D 368 48.32 -16.52 -15.00
N ILE D 369 49.63 -16.31 -15.07
CA ILE D 369 50.38 -16.47 -16.32
C ILE D 369 51.74 -17.13 -16.02
N GLN D 370 52.21 -18.03 -16.93
CA GLN D 370 53.46 -18.76 -16.72
C GLN D 370 54.07 -19.31 -18.04
N HIS D 371 55.35 -19.74 -17.98
CA HIS D 371 56.10 -20.31 -19.10
C HIS D 371 56.19 -21.85 -18.89
N PRO D 372 55.27 -22.66 -19.47
CA PRO D 372 55.29 -24.12 -19.22
C PRO D 372 56.62 -24.87 -19.39
N ALA D 373 57.48 -24.42 -20.32
CA ALA D 373 58.76 -25.11 -20.54
C ALA D 373 59.63 -25.17 -19.29
N SER D 374 59.73 -24.07 -18.55
CA SER D 374 60.54 -24.00 -17.34
C SER D 374 59.74 -24.17 -16.04
N MET D 375 58.39 -24.13 -16.10
CA MET D 375 57.59 -24.19 -14.90
C MET D 375 56.70 -25.47 -14.79
N THR D 376 55.48 -25.52 -15.37
CA THR D 376 54.59 -26.69 -15.20
C THR D 376 55.14 -27.98 -15.80
N HIS D 377 55.57 -27.93 -17.06
CA HIS D 377 56.08 -29.12 -17.74
C HIS D 377 57.61 -29.17 -17.72
N SER D 378 58.18 -28.86 -16.54
CA SER D 378 59.61 -28.95 -16.26
C SER D 378 60.06 -30.42 -16.03
N PRO D 379 59.24 -31.36 -15.45
CA PRO D 379 59.72 -32.76 -15.31
C PRO D 379 59.98 -33.42 -16.66
N TYR D 380 59.22 -33.05 -17.70
CA TYR D 380 59.42 -33.55 -19.06
C TYR D 380 60.80 -33.12 -19.55
N THR D 381 61.57 -34.03 -20.16
CA THR D 381 62.87 -33.66 -20.74
C THR D 381 62.58 -32.92 -22.06
N ARG D 382 63.52 -32.09 -22.55
CA ARG D 382 63.29 -31.32 -23.78
C ARG D 382 62.90 -32.21 -24.99
N GLU D 383 63.37 -33.46 -25.05
CA GLU D 383 63.01 -34.39 -26.13
C GLU D 383 61.51 -34.76 -26.01
N GLU D 384 61.07 -35.20 -24.81
CA GLU D 384 59.67 -35.58 -24.55
C GLU D 384 58.71 -34.38 -24.65
N ARG D 385 59.20 -33.19 -24.26
CA ARG D 385 58.44 -31.94 -24.26
C ARG D 385 58.06 -31.52 -25.68
N LEU D 386 59.04 -31.50 -26.60
CA LEU D 386 58.81 -31.10 -27.99
C LEU D 386 57.98 -32.14 -28.75
N LYS D 387 58.08 -33.44 -28.38
CA LYS D 387 57.28 -34.50 -29.00
C LYS D 387 55.79 -34.30 -28.67
N ALA D 388 55.47 -33.92 -27.42
CA ALA D 388 54.10 -33.68 -26.99
C ALA D 388 53.52 -32.41 -27.63
N GLY D 389 54.36 -31.39 -27.80
CA GLY D 389 53.97 -30.11 -28.41
C GLY D 389 54.13 -28.91 -27.52
N ILE D 390 55.26 -28.82 -26.79
CA ILE D 390 55.54 -27.70 -25.88
C ILE D 390 56.67 -26.87 -26.51
N SER D 391 56.36 -25.66 -26.98
CA SER D 391 57.35 -24.80 -27.63
C SER D 391 58.18 -24.01 -26.62
N ASP D 392 59.46 -23.78 -26.95
CA ASP D 392 60.35 -22.94 -26.14
C ASP D 392 59.93 -21.51 -26.47
N GLY D 393 59.01 -20.98 -25.68
CA GLY D 393 58.40 -19.67 -25.90
C GLY D 393 56.88 -19.68 -25.78
N LEU D 394 56.26 -20.86 -25.47
CA LEU D 394 54.82 -21.00 -25.28
C LEU D 394 54.46 -20.37 -23.94
N ILE D 395 53.32 -19.67 -23.88
CA ILE D 395 52.85 -19.04 -22.65
C ILE D 395 51.44 -19.54 -22.37
N ARG D 396 51.20 -20.10 -21.18
CA ARG D 396 49.87 -20.58 -20.81
C ARG D 396 49.24 -19.50 -19.92
N LEU D 397 48.03 -19.06 -20.27
CA LEU D 397 47.33 -18.00 -19.55
C LEU D 397 46.03 -18.53 -18.96
N ALA D 398 45.93 -18.53 -17.62
CA ALA D 398 44.73 -18.94 -16.91
C ALA D 398 43.94 -17.66 -16.66
N VAL D 399 42.90 -17.42 -17.47
CA VAL D 399 42.14 -16.19 -17.40
C VAL D 399 41.23 -16.17 -16.16
N GLY D 400 41.38 -15.11 -15.35
CA GLY D 400 40.64 -14.95 -14.12
C GLY D 400 39.28 -14.28 -14.29
N LEU D 401 38.75 -13.76 -13.17
CA LEU D 401 37.44 -13.12 -13.11
C LEU D 401 37.50 -11.58 -13.13
N GLU D 402 38.67 -10.97 -13.42
CA GLU D 402 38.74 -9.51 -13.51
C GLU D 402 38.01 -9.03 -14.78
N ASN D 403 37.77 -7.72 -14.92
CA ASN D 403 37.10 -7.19 -16.10
C ASN D 403 38.03 -7.38 -17.31
N ALA D 404 37.53 -8.04 -18.37
CA ALA D 404 38.31 -8.33 -19.57
C ALA D 404 39.01 -7.10 -20.16
N GLU D 405 38.44 -5.90 -19.94
CA GLU D 405 39.01 -4.65 -20.41
C GLU D 405 40.39 -4.43 -19.78
N ASP D 406 40.50 -4.70 -18.47
CA ASP D 406 41.74 -4.52 -17.71
C ASP D 406 42.77 -5.62 -17.99
N ILE D 407 42.32 -6.84 -18.30
CA ILE D 407 43.23 -7.94 -18.61
C ILE D 407 43.84 -7.65 -19.99
N ILE D 408 42.99 -7.30 -20.97
CA ILE D 408 43.43 -6.97 -22.34
C ILE D 408 44.37 -5.73 -22.31
N ALA D 409 44.03 -4.69 -21.53
CA ALA D 409 44.89 -3.49 -21.43
C ALA D 409 46.27 -3.83 -20.88
N ASP D 410 46.33 -4.71 -19.89
CA ASP D 410 47.59 -5.12 -19.28
C ASP D 410 48.43 -5.93 -20.29
N LEU D 411 47.79 -6.86 -21.02
CA LEU D 411 48.51 -7.67 -22.00
C LEU D 411 48.98 -6.81 -23.17
N LYS D 412 48.18 -5.80 -23.57
CA LYS D 412 48.56 -4.93 -24.68
C LYS D 412 49.83 -4.13 -24.36
N GLN D 413 49.89 -3.47 -23.19
CA GLN D 413 51.09 -2.70 -22.82
C GLN D 413 52.35 -3.59 -22.70
N ALA D 414 52.19 -4.89 -22.38
CA ALA D 414 53.31 -5.81 -22.28
C ALA D 414 53.75 -6.31 -23.67
N LEU D 415 52.79 -6.64 -24.54
CA LEU D 415 53.07 -7.14 -25.88
C LEU D 415 53.55 -6.03 -26.84
N ASP D 416 53.10 -4.78 -26.65
CA ASP D 416 53.54 -3.66 -27.48
C ASP D 416 55.03 -3.34 -27.30
N ALA D 417 55.60 -3.65 -26.12
CA ALA D 417 57.02 -3.41 -25.86
C ALA D 417 57.93 -4.32 -26.70
N ILE D 418 57.46 -5.52 -27.08
CA ILE D 418 58.22 -6.46 -27.91
C ILE D 418 57.76 -6.35 -29.37
N NLE E . 19.10 -10.07 9.90
CA NLE E . 17.81 -10.74 9.67
C NLE E . 17.14 -10.07 8.48
O NLE E . 15.92 -10.20 8.32
OXT NLE E . 17.87 -9.44 7.69
CB NLE E . 16.90 -10.60 10.95
CG NLE E . 17.59 -11.17 12.21
CD NLE E . 16.94 -10.68 13.50
CE NLE E . 17.90 -10.77 14.68
H2 NLE E . 19.01 -9.18 10.38
H NLE E . 19.66 -9.98 9.07
HA NLE E . 18.00 -11.78 9.47
HB2 NLE E . 15.94 -11.09 10.78
HB3 NLE E . 16.65 -9.55 11.10
HG2 NLE E . 18.64 -10.93 12.21
HG3 NLE E . 17.56 -12.27 12.19
HD2 NLE E . 16.03 -11.24 13.71
HD3 NLE E . 16.59 -9.65 13.37
HE1 NLE E . 17.38 -10.87 15.63
HE2 NLE E . 18.52 -9.88 14.76
HE3 NLE E . 18.58 -11.61 14.59
C1 EDO F . 24.51 4.63 -10.10
O1 EDO F . 24.37 5.27 -11.36
C2 EDO F . 25.90 4.08 -9.93
O2 EDO F . 26.19 3.88 -8.55
H11 EDO F . 24.27 5.36 -9.31
H12 EDO F . 23.78 3.82 -10.07
HO1 EDO F . 23.45 5.60 -11.41
H21 EDO F . 25.99 3.12 -10.43
H22 EDO F . 26.64 4.78 -10.34
HO2 EDO F . 27.14 3.72 -8.49
N NLE G . -50.19 25.55 11.10
CA NLE G . -49.65 26.82 11.56
C NLE G . -49.13 26.61 12.99
O NLE G . -48.11 27.22 13.35
OXT NLE G . -49.73 25.82 13.75
CB NLE G . -50.73 27.96 11.53
CG NLE G . -51.68 27.89 10.32
CD NLE G . -52.59 29.12 10.20
CE NLE G . -53.79 29.08 11.18
H2 NLE G . -49.49 24.95 10.70
H NLE G . -50.73 25.06 11.82
HA NLE G . -48.82 27.09 10.90
HB2 NLE G . -50.25 28.93 11.57
HB3 NLE G . -51.31 27.92 12.46
HG2 NLE G . -52.30 26.99 10.37
HG3 NLE G . -51.11 27.77 9.39
HD2 NLE G . -52.96 29.21 9.18
HD3 NLE G . -52.01 30.02 10.36
HE1 NLE G . -53.73 29.87 11.92
HE2 NLE G . -53.83 28.14 11.72
HE3 NLE G . -54.74 29.20 10.67
N NLE H . -19.19 10.16 -9.62
CA NLE H . -18.99 8.71 -9.57
C NLE H . -17.97 8.41 -8.49
O NLE H . -17.32 9.36 -8.01
OXT NLE H . -17.86 7.23 -8.10
CB NLE H . -18.46 8.16 -10.94
CG NLE H . -19.55 8.22 -12.02
CD NLE H . -19.07 7.65 -13.39
CE NLE H . -18.88 8.70 -14.47
H2 NLE H . -18.33 10.68 -9.56
H NLE H . -19.88 10.50 -8.97
HA NLE H . -19.95 8.25 -9.34
HB2 NLE H . -18.10 7.14 -10.82
HB3 NLE H . -17.59 8.74 -11.25
HG2 NLE H . -19.89 9.25 -12.16
HG3 NLE H . -20.44 7.68 -11.70
HD2 NLE H . -19.78 6.89 -13.72
HD3 NLE H . -18.14 7.10 -13.25
HE1 NLE H . -18.78 8.27 -15.46
HE2 NLE H . -17.99 9.30 -14.30
HE3 NLE H . -19.72 9.41 -14.51
N NLE I . 49.25 -27.39 -10.73
CA NLE I . 50.13 -26.39 -11.31
C NLE I . 49.63 -26.13 -12.73
O NLE I . 49.66 -24.95 -13.16
OXT NLE I . 49.17 -27.07 -13.40
CB NLE I . 51.58 -27.02 -11.21
CG NLE I . 52.37 -26.62 -9.92
CD NLE I . 53.05 -27.80 -9.23
CE NLE I . 54.20 -28.37 -10.05
H2 NLE I . 48.87 -27.13 -9.82
H NLE I . 49.29 -28.28 -11.19
HA NLE I . 50.07 -25.49 -10.70
HB2 NLE I . 52.16 -26.77 -12.09
HB3 NLE I . 51.50 -28.10 -11.25
HG2 NLE I . 51.69 -26.13 -9.21
HG3 NLE I . 53.12 -25.86 -10.16
HD2 NLE I . 52.33 -28.58 -9.02
HD3 NLE I . 53.42 -27.50 -8.25
HE1 NLE I . 54.93 -28.90 -9.43
HE2 NLE I . 54.75 -27.59 -10.58
HE3 NLE I . 53.87 -29.08 -10.80
#